data_6U3S
#
_entry.id   6U3S
#
_entity_poly.entity_id   1
_entity_poly.type   'polypeptide(L)'
_entity_poly.pdbx_seq_one_letter_code
;GMVDYYEVLGVQRHASPEDIKKAYRKLALKWHPDKNPENKEEAERKFKQVAEAYEVLSDAKKRDIYDKYGKEGLNGGGGG
GSHFDSPFEFGFTFRNPDDVFREFFGGRDPFSFDFFEDPFEDFFGNRRGPRGGMGNFKSISTSTKMVNGRKITTKRIVEN
GQERVEVEEDGQLKSLTINGKEQLLRLDNK
;
_entity_poly.pdbx_strand_id   A
#
# COMPACT_ATOMS: atom_id res chain seq x y z
N GLY A 1 -8.66 -42.10 -20.28
CA GLY A 1 -9.15 -42.16 -18.92
C GLY A 1 -9.72 -40.82 -18.47
N MET A 2 -8.83 -39.87 -18.18
CA MET A 2 -9.23 -38.51 -17.83
C MET A 2 -8.11 -37.52 -18.10
N VAL A 3 -8.47 -36.25 -18.18
CA VAL A 3 -7.49 -35.19 -18.45
C VAL A 3 -6.97 -34.59 -17.16
N ASP A 4 -5.65 -34.45 -17.05
CA ASP A 4 -5.01 -34.07 -15.81
C ASP A 4 -5.51 -32.72 -15.31
N TYR A 5 -6.00 -31.91 -16.23
CA TYR A 5 -6.50 -30.57 -15.89
C TYR A 5 -7.69 -30.66 -14.96
N TYR A 6 -8.41 -31.78 -15.02
CA TYR A 6 -9.51 -32.03 -14.09
C TYR A 6 -9.01 -32.15 -12.66
N GLU A 7 -7.87 -32.79 -12.48
CA GLU A 7 -7.26 -32.93 -11.16
C GLU A 7 -6.75 -31.59 -10.65
N VAL A 8 -6.23 -30.77 -11.55
CA VAL A 8 -5.85 -29.41 -11.23
C VAL A 8 -7.03 -28.61 -10.72
N LEU A 9 -8.18 -28.76 -11.38
CA LEU A 9 -9.41 -28.10 -10.97
C LEU A 9 -9.99 -28.74 -9.71
N GLY A 10 -9.68 -30.02 -9.51
CA GLY A 10 -10.16 -30.74 -8.34
C GLY A 10 -11.56 -31.30 -8.57
N VAL A 11 -11.88 -31.60 -9.82
CA VAL A 11 -13.20 -32.09 -10.18
C VAL A 11 -13.12 -33.41 -10.93
N GLN A 12 -14.27 -33.94 -11.33
CA GLN A 12 -14.32 -35.21 -12.03
C GLN A 12 -14.23 -35.03 -13.54
N ARG A 13 -13.94 -36.10 -14.24
CA ARG A 13 -13.76 -36.05 -15.70
C ARG A 13 -15.07 -35.75 -16.40
N HIS A 14 -16.18 -35.93 -15.68
CA HIS A 14 -17.50 -35.71 -16.24
C HIS A 14 -18.05 -34.33 -15.87
N ALA A 15 -17.18 -33.50 -15.30
CA ALA A 15 -17.55 -32.13 -14.95
C ALA A 15 -17.89 -31.32 -16.19
N SER A 16 -18.99 -30.57 -16.12
CA SER A 16 -19.41 -29.73 -17.23
C SER A 16 -18.54 -28.49 -17.36
N PRO A 17 -18.58 -27.86 -18.53
CA PRO A 17 -17.86 -26.62 -18.76
C PRO A 17 -18.18 -25.59 -17.69
N GLU A 18 -19.44 -25.59 -17.23
CA GLU A 18 -19.86 -24.67 -16.18
C GLU A 18 -19.26 -25.03 -14.84
N ASP A 19 -19.08 -26.33 -14.61
CA ASP A 19 -18.42 -26.80 -13.40
C ASP A 19 -16.92 -26.51 -13.44
N ILE A 20 -16.35 -26.54 -14.64
CA ILE A 20 -14.98 -26.08 -14.84
C ILE A 20 -14.84 -24.61 -14.51
N LYS A 21 -15.81 -23.81 -14.92
CA LYS A 21 -15.84 -22.39 -14.59
C LYS A 21 -15.90 -22.18 -13.08
N LYS A 22 -16.70 -23.01 -12.40
CA LYS A 22 -16.80 -22.94 -10.95
C LYS A 22 -15.45 -23.14 -10.29
N ALA A 23 -14.85 -24.31 -10.52
CA ALA A 23 -13.55 -24.63 -9.96
C ALA A 23 -12.53 -23.55 -10.29
N TYR A 24 -12.53 -23.09 -11.53
CA TYR A 24 -11.62 -22.03 -11.97
C TYR A 24 -11.76 -20.81 -11.07
N ARG A 25 -12.97 -20.30 -10.93
CA ARG A 25 -13.23 -19.11 -10.14
C ARG A 25 -12.86 -19.31 -8.68
N LYS A 26 -13.20 -20.49 -8.15
CA LYS A 26 -12.97 -20.78 -6.75
C LYS A 26 -11.49 -20.86 -6.43
N LEU A 27 -10.74 -21.51 -7.31
CA LEU A 27 -9.30 -21.69 -7.10
C LEU A 27 -8.55 -20.40 -7.38
N ALA A 28 -9.09 -19.58 -8.28
CA ALA A 28 -8.56 -18.25 -8.52
C ALA A 28 -8.47 -17.44 -7.23
N LEU A 29 -9.51 -17.53 -6.42
CA LEU A 29 -9.50 -16.95 -5.08
C LEU A 29 -8.57 -17.74 -4.15
N LYS A 30 -8.74 -19.05 -4.13
CA LYS A 30 -8.12 -19.88 -3.11
C LYS A 30 -6.61 -19.71 -3.10
N TRP A 31 -6.00 -19.75 -4.28
CA TRP A 31 -4.55 -19.73 -4.40
C TRP A 31 -4.06 -18.39 -4.92
N HIS A 32 -4.86 -17.35 -4.72
CA HIS A 32 -4.48 -16.00 -5.12
C HIS A 32 -3.27 -15.52 -4.35
N PRO A 33 -2.32 -14.90 -5.05
CA PRO A 33 -1.07 -14.46 -4.45
C PRO A 33 -1.32 -13.63 -3.21
N ASP A 34 -2.39 -12.83 -3.23
CA ASP A 34 -2.68 -11.91 -2.14
C ASP A 34 -3.57 -12.56 -1.09
N LYS A 35 -4.13 -13.71 -1.43
CA LYS A 35 -4.96 -14.46 -0.50
C LYS A 35 -4.11 -15.27 0.48
N ASN A 36 -3.14 -16.00 -0.07
CA ASN A 36 -2.23 -16.80 0.75
C ASN A 36 -0.79 -16.57 0.35
N PRO A 37 -0.25 -15.41 0.74
CA PRO A 37 1.14 -15.08 0.44
C PRO A 37 2.10 -15.83 1.35
N GLU A 38 1.57 -16.37 2.44
CA GLU A 38 2.37 -17.11 3.40
C GLU A 38 2.87 -18.43 2.81
N ASN A 39 1.97 -19.13 2.13
CA ASN A 39 2.36 -20.32 1.36
C ASN A 39 2.44 -20.00 -0.13
N LYS A 40 3.28 -19.03 -0.47
CA LYS A 40 3.38 -18.56 -1.85
C LYS A 40 3.93 -19.64 -2.76
N GLU A 41 4.58 -20.64 -2.17
CA GLU A 41 5.15 -21.74 -2.94
C GLU A 41 4.06 -22.60 -3.56
N GLU A 42 3.19 -23.15 -2.71
CA GLU A 42 2.06 -23.94 -3.18
C GLU A 42 1.06 -23.09 -3.93
N ALA A 43 0.85 -21.86 -3.45
CA ALA A 43 -0.14 -20.96 -4.03
C ALA A 43 0.22 -20.61 -5.47
N GLU A 44 1.44 -20.12 -5.66
CA GLU A 44 1.91 -19.73 -6.99
C GLU A 44 1.78 -20.88 -7.97
N ARG A 45 2.30 -22.04 -7.60
CA ARG A 45 2.35 -23.19 -8.51
C ARG A 45 0.95 -23.58 -8.97
N LYS A 46 0.06 -23.79 -8.01
CA LYS A 46 -1.30 -24.23 -8.32
C LYS A 46 -2.10 -23.12 -9.00
N PHE A 47 -1.94 -21.91 -8.51
CA PHE A 47 -2.60 -20.75 -9.10
C PHE A 47 -2.32 -20.66 -10.60
N LYS A 48 -1.06 -20.81 -10.96
CA LYS A 48 -0.65 -20.73 -12.36
C LYS A 48 -1.18 -21.92 -13.15
N GLN A 49 -1.17 -23.09 -12.52
CA GLN A 49 -1.68 -24.31 -13.16
C GLN A 49 -3.16 -24.18 -13.50
N VAL A 50 -3.92 -23.53 -12.61
CA VAL A 50 -5.34 -23.33 -12.81
C VAL A 50 -5.60 -22.51 -14.07
N ALA A 51 -4.79 -21.47 -14.28
CA ALA A 51 -4.88 -20.67 -15.49
C ALA A 51 -4.81 -21.54 -16.74
N GLU A 52 -3.77 -22.36 -16.82
CA GLU A 52 -3.58 -23.26 -17.95
C GLU A 52 -4.75 -24.24 -18.07
N ALA A 53 -5.05 -24.92 -16.97
CA ALA A 53 -6.11 -25.92 -16.96
C ALA A 53 -7.40 -25.38 -17.56
N TYR A 54 -7.84 -24.23 -17.05
CA TYR A 54 -9.09 -23.63 -17.51
C TYR A 54 -9.04 -23.30 -18.99
N GLU A 55 -8.02 -22.54 -19.39
CA GLU A 55 -7.93 -22.03 -20.74
C GLU A 55 -7.95 -23.16 -21.76
N VAL A 56 -7.15 -24.20 -21.50
CA VAL A 56 -7.02 -25.31 -22.44
C VAL A 56 -8.21 -26.24 -22.35
N LEU A 57 -8.53 -26.69 -21.15
CA LEU A 57 -9.57 -27.69 -20.95
C LEU A 57 -10.92 -27.18 -21.44
N SER A 58 -11.16 -25.89 -21.27
CA SER A 58 -12.45 -25.30 -21.61
C SER A 58 -12.56 -25.03 -23.11
N ASP A 59 -11.45 -25.18 -23.81
CA ASP A 59 -11.42 -24.94 -25.25
C ASP A 59 -12.08 -26.07 -26.01
N ALA A 60 -13.11 -25.74 -26.78
CA ALA A 60 -13.88 -26.74 -27.52
C ALA A 60 -12.99 -27.50 -28.49
N LYS A 61 -11.98 -26.82 -29.02
CA LYS A 61 -11.03 -27.45 -29.94
C LYS A 61 -10.25 -28.56 -29.24
N LYS A 62 -9.91 -28.33 -27.98
CA LYS A 62 -9.19 -29.32 -27.19
C LYS A 62 -10.12 -30.44 -26.74
N ARG A 63 -11.37 -30.09 -26.48
CA ARG A 63 -12.39 -31.09 -26.14
C ARG A 63 -12.62 -32.04 -27.31
N ASP A 64 -12.65 -31.51 -28.51
CA ASP A 64 -12.73 -32.32 -29.72
C ASP A 64 -11.59 -33.35 -29.78
N ILE A 65 -10.38 -32.88 -29.46
CA ILE A 65 -9.23 -33.76 -29.40
C ILE A 65 -9.40 -34.81 -28.30
N TYR A 66 -9.84 -34.37 -27.12
CA TYR A 66 -9.99 -35.25 -25.98
C TYR A 66 -11.03 -36.33 -26.25
N ASP A 67 -12.10 -35.95 -26.93
CA ASP A 67 -13.17 -36.88 -27.27
C ASP A 67 -12.68 -37.94 -28.25
N LYS A 68 -11.89 -37.51 -29.23
CA LYS A 68 -11.27 -38.43 -30.17
C LYS A 68 -10.32 -39.40 -29.45
N TYR A 69 -9.53 -38.86 -28.53
CA TYR A 69 -8.52 -39.65 -27.85
C TYR A 69 -9.14 -40.53 -26.78
N GLY A 70 -10.25 -40.08 -26.19
CA GLY A 70 -10.84 -40.74 -25.05
C GLY A 70 -10.21 -40.27 -23.75
N LYS A 71 -9.77 -39.01 -23.72
CA LYS A 71 -9.03 -38.48 -22.59
C LYS A 71 -7.83 -39.36 -22.26
N GLU A 72 -7.12 -39.80 -23.30
CA GLU A 72 -5.92 -40.61 -23.11
C GLU A 72 -4.66 -39.77 -23.23
N GLY A 73 -4.73 -38.71 -24.05
CA GLY A 73 -3.61 -37.80 -24.22
C GLY A 73 -2.62 -38.34 -25.24
N LEU A 74 -1.47 -38.81 -24.75
CA LEU A 74 -0.39 -39.24 -25.61
C LEU A 74 -0.88 -40.27 -26.64
N ASN A 75 -0.99 -39.85 -27.89
CA ASN A 75 -1.35 -40.75 -28.97
C ASN A 75 -2.64 -41.50 -28.65
N GLY A 76 -3.56 -40.81 -27.99
CA GLY A 76 -4.81 -41.43 -27.54
C GLY A 76 -5.61 -41.97 -28.72
N GLY A 77 -5.66 -41.20 -29.81
CA GLY A 77 -6.43 -41.59 -30.98
C GLY A 77 -5.87 -42.86 -31.60
N GLY A 78 -4.56 -42.98 -31.63
CA GLY A 78 -3.89 -44.14 -32.21
C GLY A 78 -4.08 -45.37 -31.33
N GLY A 79 -3.94 -45.18 -30.02
CA GLY A 79 -4.08 -46.28 -29.07
C GLY A 79 -5.52 -46.78 -29.03
N GLY A 80 -6.47 -45.86 -29.02
CA GLY A 80 -7.88 -46.21 -29.00
C GLY A 80 -8.35 -46.74 -30.35
N GLY A 81 -7.76 -46.21 -31.42
CA GLY A 81 -8.12 -46.60 -32.76
C GLY A 81 -9.38 -45.87 -33.23
N SER A 82 -9.44 -44.58 -32.94
CA SER A 82 -10.63 -43.79 -33.25
C SER A 82 -10.46 -43.04 -34.56
N HIS A 83 -11.58 -42.60 -35.13
CA HIS A 83 -11.57 -41.94 -36.43
C HIS A 83 -12.49 -40.72 -36.44
N PHE A 84 -12.06 -39.66 -35.74
CA PHE A 84 -12.83 -38.42 -35.69
C PHE A 84 -12.01 -37.24 -36.16
N ASP A 85 -12.67 -36.29 -36.82
CA ASP A 85 -12.04 -35.04 -37.19
C ASP A 85 -11.67 -34.21 -35.96
N SER A 86 -10.50 -33.59 -35.99
CA SER A 86 -10.00 -32.82 -34.87
C SER A 86 -8.94 -31.82 -35.32
N PRO A 87 -8.77 -30.75 -34.54
CA PRO A 87 -7.75 -29.75 -34.82
C PRO A 87 -6.36 -30.28 -34.50
N PHE A 88 -5.34 -29.62 -35.04
CA PHE A 88 -3.96 -30.09 -34.91
C PHE A 88 -3.12 -29.11 -34.13
N GLU A 89 -2.03 -29.60 -33.54
CA GLU A 89 -1.08 -28.75 -32.82
C GLU A 89 -0.19 -28.00 -33.79
N PHE A 90 -0.26 -26.66 -33.74
CA PHE A 90 0.54 -25.82 -34.62
C PHE A 90 1.57 -25.02 -33.83
N GLY A 91 2.32 -25.70 -32.98
CA GLY A 91 3.44 -25.08 -32.29
C GLY A 91 2.98 -23.93 -31.40
N PHE A 92 1.95 -24.19 -30.60
CA PHE A 92 1.39 -23.18 -29.72
C PHE A 92 2.17 -23.06 -28.42
N THR A 93 2.48 -21.83 -28.02
CA THR A 93 3.25 -21.59 -26.81
C THR A 93 2.35 -21.46 -25.60
N PHE A 94 2.96 -21.45 -24.41
CA PHE A 94 2.20 -21.29 -23.18
C PHE A 94 1.91 -19.82 -22.88
N ARG A 95 0.72 -19.55 -22.33
CA ARG A 95 0.30 -18.19 -22.05
C ARG A 95 0.55 -17.83 -20.59
N ASN A 96 0.94 -16.59 -20.35
CA ASN A 96 1.16 -16.09 -19.00
C ASN A 96 -0.09 -16.29 -18.14
N PRO A 97 0.03 -17.11 -17.10
CA PRO A 97 -1.09 -17.39 -16.21
C PRO A 97 -1.70 -16.11 -15.68
N ASP A 98 -0.87 -15.11 -15.42
CA ASP A 98 -1.33 -13.84 -14.89
C ASP A 98 -2.19 -13.10 -15.90
N ASP A 99 -1.87 -13.26 -17.18
CA ASP A 99 -2.64 -12.65 -18.25
C ASP A 99 -4.00 -13.32 -18.41
N VAL A 100 -4.03 -14.63 -18.17
CA VAL A 100 -5.29 -15.38 -18.18
C VAL A 100 -6.26 -14.83 -17.14
N PHE A 101 -5.77 -14.69 -15.91
CA PHE A 101 -6.60 -14.18 -14.82
C PHE A 101 -6.92 -12.71 -15.00
N ARG A 102 -6.01 -11.98 -15.64
CA ARG A 102 -6.24 -10.59 -16.00
C ARG A 102 -7.43 -10.46 -16.95
N GLU A 103 -7.48 -11.35 -17.94
CA GLU A 103 -8.56 -11.35 -18.92
C GLU A 103 -9.91 -11.54 -18.25
N PHE A 104 -10.00 -12.57 -17.41
CA PHE A 104 -11.29 -13.08 -16.96
C PHE A 104 -11.76 -12.37 -15.69
N PHE A 105 -10.80 -11.97 -14.86
CA PHE A 105 -11.11 -11.33 -13.59
C PHE A 105 -10.48 -9.95 -13.51
N GLY A 106 -9.28 -9.81 -14.07
CA GLY A 106 -8.49 -8.59 -13.92
C GLY A 106 -7.37 -8.79 -12.91
N GLY A 107 -7.10 -10.05 -12.57
CA GLY A 107 -6.05 -10.38 -11.61
C GLY A 107 -6.51 -10.13 -10.18
N ARG A 108 -7.82 -10.18 -9.98
CA ARG A 108 -8.41 -9.79 -8.70
C ARG A 108 -9.29 -10.91 -8.14
N ASP A 109 -9.56 -10.85 -6.84
CA ASP A 109 -10.43 -11.82 -6.19
C ASP A 109 -11.81 -11.83 -6.86
N PRO A 110 -12.18 -12.99 -7.41
CA PRO A 110 -13.44 -13.12 -8.14
C PRO A 110 -14.62 -12.81 -7.23
N PHE A 111 -14.43 -13.02 -5.93
CA PHE A 111 -15.53 -12.90 -4.97
C PHE A 111 -15.40 -11.63 -4.15
N SER A 112 -14.68 -10.66 -4.68
CA SER A 112 -14.56 -9.35 -4.04
C SER A 112 -15.64 -8.39 -4.53
N PHE A 113 -15.79 -7.27 -3.83
CA PHE A 113 -16.81 -6.29 -4.16
C PHE A 113 -16.21 -4.88 -4.26
N ASP A 114 -16.74 -4.10 -5.19
CA ASP A 114 -16.24 -2.74 -5.42
C ASP A 114 -16.87 -1.76 -4.45
N PHE A 115 -17.88 -2.23 -3.70
CA PHE A 115 -18.63 -1.36 -2.80
C PHE A 115 -18.47 -1.80 -1.36
N PHE A 116 -17.93 -3.01 -1.16
CA PHE A 116 -17.78 -3.57 0.18
C PHE A 116 -16.31 -3.87 0.48
N GLU A 117 -15.56 -4.23 -0.57
CA GLU A 117 -14.14 -4.54 -0.42
C GLU A 117 -13.27 -3.48 -1.08
N ASP A 118 -13.59 -2.22 -0.83
CA ASP A 118 -12.90 -1.11 -1.47
C ASP A 118 -11.44 -1.05 -1.03
N PRO A 119 -10.53 -1.22 -1.97
CA PRO A 119 -9.10 -1.16 -1.68
C PRO A 119 -8.73 0.13 -0.97
N PHE A 120 -9.45 1.20 -1.29
CA PHE A 120 -9.13 2.53 -0.76
C PHE A 120 -9.84 2.79 0.56
N GLU A 121 -10.49 1.75 1.10
CA GLU A 121 -11.05 1.81 2.44
C GLU A 121 -10.53 0.66 3.30
N ASP A 122 -9.21 0.57 3.41
CA ASP A 122 -8.58 -0.52 4.15
C ASP A 122 -7.39 -0.02 4.95
N PHE A 123 -7.52 -0.03 6.27
CA PHE A 123 -6.47 0.46 7.15
C PHE A 123 -5.15 -0.24 6.88
N PHE A 124 -5.20 -1.56 6.71
CA PHE A 124 -3.99 -2.38 6.61
C PHE A 124 -3.46 -2.40 5.19
N GLY A 125 -4.35 -2.18 4.22
CA GLY A 125 -3.97 -2.15 2.82
C GLY A 125 -3.75 -3.55 2.28
N ASN A 126 -4.66 -4.46 2.61
CA ASN A 126 -4.55 -5.85 2.19
C ASN A 126 -5.53 -6.16 1.06
N ARG A 127 -5.88 -5.13 0.29
CA ARG A 127 -6.81 -5.29 -0.82
C ARG A 127 -6.27 -4.63 -2.09
N ARG A 128 -4.96 -4.51 -2.18
CA ARG A 128 -4.32 -3.85 -3.31
C ARG A 128 -4.77 -2.41 -3.43
N GLY A 129 -4.68 -1.67 -2.33
CA GLY A 129 -5.15 -0.29 -2.30
C GLY A 129 -3.98 0.69 -2.50
N PRO A 130 -4.12 1.89 -1.95
CA PRO A 130 -3.12 2.93 -2.12
C PRO A 130 -1.94 2.72 -1.19
N ARG A 131 -1.06 3.69 -0.89
CA ARG A 131 0.07 3.27 -0.06
C ARG A 131 0.80 2.08 -0.68
N GLY A 132 1.36 2.29 -1.86
CA GLY A 132 2.09 1.24 -2.57
C GLY A 132 1.29 0.73 -3.76
N GLY A 133 0.33 1.53 -4.22
CA GLY A 133 -0.54 1.14 -5.32
C GLY A 133 0.10 1.48 -6.67
N MET A 134 0.03 0.55 -7.61
CA MET A 134 0.61 0.75 -8.93
C MET A 134 -0.21 1.72 -9.76
N GLY A 135 0.45 2.76 -10.27
CA GLY A 135 -0.23 3.78 -11.07
C GLY A 135 -0.65 4.96 -10.21
N ASN A 136 -0.52 4.80 -8.90
CA ASN A 136 -0.92 5.84 -7.95
C ASN A 136 0.22 6.81 -7.68
N PHE A 137 1.45 6.37 -7.98
CA PHE A 137 2.64 7.18 -7.74
C PHE A 137 2.82 8.22 -8.84
N LYS A 138 2.97 9.47 -8.44
CA LYS A 138 3.20 10.56 -9.40
C LYS A 138 4.68 10.79 -9.63
N SER A 139 5.44 10.84 -8.54
CA SER A 139 6.88 11.12 -8.62
C SER A 139 7.55 10.88 -7.27
N ILE A 140 8.75 10.32 -7.33
CA ILE A 140 9.56 10.14 -6.13
C ILE A 140 10.96 10.72 -6.31
N SER A 141 11.34 11.63 -5.41
CA SER A 141 12.66 12.24 -5.46
C SER A 141 13.54 11.76 -4.31
N THR A 142 14.63 11.09 -4.66
CA THR A 142 15.52 10.50 -3.66
C THR A 142 16.89 11.20 -3.68
N SER A 143 17.35 11.60 -2.50
CA SER A 143 18.67 12.21 -2.36
C SER A 143 19.38 11.71 -1.11
N THR A 144 20.60 11.22 -1.29
CA THR A 144 21.37 10.65 -0.18
C THR A 144 22.70 11.36 -0.02
N LYS A 145 23.06 11.66 1.23
CA LYS A 145 24.33 12.32 1.52
C LYS A 145 24.96 11.75 2.79
N MET A 146 26.27 11.91 2.91
CA MET A 146 27.00 11.43 4.08
C MET A 146 27.26 12.56 5.07
N VAL A 147 26.79 12.39 6.30
CA VAL A 147 26.96 13.40 7.33
C VAL A 147 27.60 12.81 8.58
N ASN A 148 28.87 13.14 8.80
CA ASN A 148 29.60 12.63 9.96
C ASN A 148 29.63 11.11 9.97
N GLY A 149 29.76 10.51 8.80
CA GLY A 149 29.88 9.06 8.68
C GLY A 149 28.51 8.40 8.55
N ARG A 150 27.45 9.19 8.73
CA ARG A 150 26.09 8.68 8.72
C ARG A 150 25.46 8.80 7.35
N LYS A 151 24.68 7.79 6.96
CA LYS A 151 24.01 7.79 5.67
C LYS A 151 22.63 8.44 5.78
N ILE A 152 22.54 9.68 5.27
CA ILE A 152 21.29 10.44 5.36
C ILE A 152 20.54 10.40 4.03
N THR A 153 19.38 9.76 4.04
CA THR A 153 18.57 9.64 2.84
C THR A 153 17.22 10.35 3.01
N THR A 154 16.90 11.21 2.06
CA THR A 154 15.61 11.89 2.05
C THR A 154 14.81 11.53 0.80
N LYS A 155 13.60 11.03 1.00
CA LYS A 155 12.72 10.68 -0.11
C LYS A 155 11.45 11.51 -0.10
N ARG A 156 11.16 12.16 -1.22
CA ARG A 156 9.89 12.86 -1.41
C ARG A 156 8.95 12.05 -2.28
N ILE A 157 7.97 11.40 -1.65
CA ILE A 157 7.09 10.47 -2.36
C ILE A 157 5.71 11.08 -2.56
N VAL A 158 5.31 11.23 -3.83
CA VAL A 158 3.99 11.73 -4.15
C VAL A 158 3.09 10.62 -4.68
N GLU A 159 2.01 10.35 -3.96
CA GLU A 159 1.09 9.27 -4.33
C GLU A 159 -0.35 9.68 -4.08
N ASN A 160 -1.20 9.49 -5.09
CA ASN A 160 -2.60 9.91 -5.01
C ASN A 160 -2.71 11.40 -4.73
N GLY A 161 -1.71 12.16 -5.17
CA GLY A 161 -1.74 13.61 -5.04
C GLY A 161 -1.18 14.06 -3.71
N GLN A 162 -0.85 13.09 -2.86
CA GLN A 162 -0.36 13.39 -1.51
C GLN A 162 1.14 13.24 -1.43
N GLU A 163 1.78 14.17 -0.73
CA GLU A 163 3.24 14.18 -0.61
C GLU A 163 3.69 13.78 0.78
N ARG A 164 4.60 12.81 0.86
CA ARG A 164 5.17 12.40 2.13
C ARG A 164 6.69 12.35 2.07
N VAL A 165 7.34 13.06 2.99
CA VAL A 165 8.79 13.07 3.07
C VAL A 165 9.29 12.06 4.09
N GLU A 166 10.27 11.25 3.68
CA GLU A 166 10.83 10.23 4.56
C GLU A 166 12.33 10.40 4.71
N VAL A 167 12.78 10.70 5.93
CA VAL A 167 14.20 10.92 6.19
C VAL A 167 14.78 9.78 7.04
N GLU A 168 15.79 9.11 6.52
CA GLU A 168 16.36 7.94 7.18
C GLU A 168 17.82 8.17 7.51
N GLU A 169 18.27 7.58 8.61
CA GLU A 169 19.68 7.59 8.98
C GLU A 169 20.22 6.18 9.17
N ASP A 170 21.13 5.77 8.29
CA ASP A 170 21.68 4.42 8.33
C ASP A 170 20.58 3.37 8.29
N GLY A 171 19.53 3.65 7.53
CA GLY A 171 18.48 2.68 7.28
C GLY A 171 17.40 2.74 8.36
N GLN A 172 17.50 3.74 9.22
CA GLN A 172 16.50 3.94 10.27
C GLN A 172 15.74 5.24 10.05
N LEU A 173 14.42 5.15 9.97
CA LEU A 173 13.57 6.32 9.77
C LEU A 173 13.66 7.28 10.96
N LYS A 174 14.13 8.49 10.70
CA LYS A 174 14.33 9.48 11.76
C LYS A 174 13.18 10.49 11.78
N SER A 175 12.67 10.83 10.61
CA SER A 175 11.62 11.83 10.49
C SER A 175 10.69 11.52 9.33
N LEU A 176 9.41 11.84 9.49
CA LEU A 176 8.42 11.61 8.44
C LEU A 176 7.36 12.70 8.45
N THR A 177 7.15 13.31 7.28
CA THR A 177 6.23 14.45 7.17
C THR A 177 5.21 14.21 6.06
N ILE A 178 3.94 14.46 6.39
CA ILE A 178 2.86 14.27 5.42
C ILE A 178 2.16 15.59 5.11
N ASN A 179 2.33 16.08 3.90
CA ASN A 179 1.70 17.31 3.46
C ASN A 179 1.97 18.46 4.43
N GLY A 180 3.22 18.53 4.90
CA GLY A 180 3.66 19.64 5.74
C GLY A 180 3.31 19.40 7.21
N LYS A 181 2.78 18.21 7.49
CA LYS A 181 2.43 17.84 8.86
C LYS A 181 3.33 16.72 9.38
N GLU A 182 4.30 17.08 10.19
CA GLU A 182 5.24 16.11 10.75
C GLU A 182 4.52 15.11 11.65
N GLN A 183 4.77 13.83 11.43
CA GLN A 183 4.16 12.77 12.21
C GLN A 183 5.10 12.26 13.30
N LEU A 184 4.52 11.83 14.42
CA LEU A 184 5.31 11.30 15.53
C LEU A 184 5.57 9.81 15.36
N LEU A 185 6.83 9.47 15.11
CA LEU A 185 7.20 8.10 14.79
C LEU A 185 7.17 7.22 16.05
N ARG A 186 7.13 7.87 17.21
CA ARG A 186 7.08 7.15 18.48
C ARG A 186 5.75 6.42 18.64
N LEU A 187 4.76 6.81 17.86
CA LEU A 187 3.45 6.18 17.90
C LEU A 187 3.43 4.92 17.06
N ASP A 188 4.46 4.73 16.25
CA ASP A 188 4.57 3.56 15.39
C ASP A 188 5.27 2.41 16.10
N ASN A 189 4.49 1.45 16.58
CA ASN A 189 5.03 0.31 17.31
C ASN A 189 4.87 -0.98 16.50
N LYS A 190 4.80 -0.84 15.18
CA LYS A 190 4.66 -2.00 14.30
C LYS A 190 6.00 -2.71 14.11
N GLY A 1 13.98 -37.18 14.47
CA GLY A 1 13.11 -36.29 15.22
C GLY A 1 12.11 -35.59 14.32
N MET A 2 12.37 -34.32 14.02
CA MET A 2 11.46 -33.52 13.20
C MET A 2 12.21 -32.38 12.53
N VAL A 3 12.05 -32.26 11.21
CA VAL A 3 12.68 -31.19 10.46
C VAL A 3 11.98 -29.86 10.69
N ASP A 4 12.76 -28.85 11.10
CA ASP A 4 12.20 -27.60 11.57
C ASP A 4 11.39 -26.91 10.46
N TYR A 5 11.68 -27.26 9.22
CA TYR A 5 10.98 -26.71 8.08
C TYR A 5 9.49 -27.03 8.14
N TYR A 6 9.16 -28.14 8.80
CA TYR A 6 7.77 -28.51 9.03
C TYR A 6 7.07 -27.48 9.91
N GLU A 7 7.77 -27.00 10.93
CA GLU A 7 7.23 -26.00 11.84
C GLU A 7 7.10 -24.65 11.14
N VAL A 8 8.01 -24.37 10.22
CA VAL A 8 7.94 -23.16 9.40
C VAL A 8 6.63 -23.12 8.61
N LEU A 9 6.28 -24.25 8.01
CA LEU A 9 5.02 -24.36 7.28
C LEU A 9 3.83 -24.46 8.22
N GLY A 10 4.08 -24.99 9.42
CA GLY A 10 3.03 -25.13 10.42
C GLY A 10 2.33 -26.47 10.30
N VAL A 11 3.06 -27.48 9.86
CA VAL A 11 2.49 -28.82 9.65
C VAL A 11 3.24 -29.87 10.45
N GLN A 12 2.81 -31.12 10.34
CA GLN A 12 3.41 -32.22 11.07
C GLN A 12 4.56 -32.85 10.30
N ARG A 13 5.39 -33.62 11.00
CA ARG A 13 6.55 -34.26 10.39
C ARG A 13 6.13 -35.33 9.39
N HIS A 14 4.89 -35.78 9.50
CA HIS A 14 4.35 -36.78 8.60
C HIS A 14 3.43 -36.16 7.55
N ALA A 15 3.55 -34.85 7.39
CA ALA A 15 2.75 -34.12 6.40
C ALA A 15 3.05 -34.62 4.99
N SER A 16 1.99 -34.84 4.21
CA SER A 16 2.14 -35.30 2.83
C SER A 16 2.56 -34.16 1.92
N PRO A 17 3.11 -34.51 0.76
CA PRO A 17 3.46 -33.53 -0.25
C PRO A 17 2.29 -32.60 -0.56
N GLU A 18 1.09 -33.17 -0.57
CA GLU A 18 -0.13 -32.37 -0.73
C GLU A 18 -0.27 -31.35 0.39
N ASP A 19 -0.03 -31.79 1.62
CA ASP A 19 -0.12 -30.91 2.79
C ASP A 19 0.94 -29.83 2.73
N ILE A 20 2.13 -30.19 2.26
CA ILE A 20 3.22 -29.23 2.09
C ILE A 20 2.86 -28.16 1.08
N LYS A 21 2.31 -28.58 -0.05
CA LYS A 21 1.92 -27.65 -1.11
C LYS A 21 0.83 -26.70 -0.63
N LYS A 22 -0.14 -27.23 0.10
CA LYS A 22 -1.24 -26.43 0.62
C LYS A 22 -0.76 -25.45 1.68
N ALA A 23 0.12 -25.93 2.57
CA ALA A 23 0.72 -25.07 3.58
C ALA A 23 1.49 -23.92 2.93
N TYR A 24 2.29 -24.23 1.92
CA TYR A 24 3.01 -23.22 1.17
C TYR A 24 2.06 -22.22 0.55
N ARG A 25 1.07 -22.72 -0.19
CA ARG A 25 0.08 -21.87 -0.83
C ARG A 25 -0.50 -20.85 0.15
N LYS A 26 -1.06 -21.35 1.25
CA LYS A 26 -1.83 -20.51 2.16
C LYS A 26 -0.92 -19.58 2.95
N LEU A 27 0.21 -20.12 3.42
CA LEU A 27 1.10 -19.39 4.31
C LEU A 27 1.87 -18.31 3.57
N ALA A 28 2.31 -18.63 2.35
CA ALA A 28 2.99 -17.68 1.50
C ALA A 28 2.08 -16.50 1.17
N LEU A 29 0.80 -16.78 0.95
CA LEU A 29 -0.20 -15.73 0.75
C LEU A 29 -0.39 -14.91 2.00
N LYS A 30 -0.37 -15.57 3.15
CA LYS A 30 -0.50 -14.89 4.44
C LYS A 30 0.60 -13.85 4.63
N TRP A 31 1.82 -14.21 4.25
CA TRP A 31 2.96 -13.31 4.40
C TRP A 31 3.32 -12.67 3.06
N HIS A 32 2.32 -12.48 2.20
CA HIS A 32 2.53 -11.82 0.92
C HIS A 32 2.92 -10.36 1.12
N PRO A 33 4.02 -9.96 0.48
CA PRO A 33 4.57 -8.63 0.67
C PRO A 33 3.53 -7.56 0.39
N ASP A 34 2.66 -7.83 -0.58
CA ASP A 34 1.73 -6.82 -1.08
C ASP A 34 0.39 -6.91 -0.38
N LYS A 35 0.32 -7.75 0.65
CA LYS A 35 -0.87 -7.85 1.47
C LYS A 35 -0.66 -7.20 2.84
N ASN A 36 0.61 -7.09 3.25
CA ASN A 36 0.96 -6.33 4.43
C ASN A 36 2.10 -5.35 4.14
N PRO A 37 1.80 -4.30 3.40
CA PRO A 37 2.78 -3.29 3.06
C PRO A 37 3.45 -2.73 4.32
N GLU A 38 2.67 -2.58 5.38
CA GLU A 38 3.16 -1.95 6.60
C GLU A 38 4.21 -2.80 7.28
N ASN A 39 4.27 -4.07 6.90
CA ASN A 39 5.32 -4.96 7.38
C ASN A 39 5.97 -5.71 6.22
N LYS A 40 6.06 -5.05 5.07
CA LYS A 40 6.52 -5.70 3.85
C LYS A 40 7.89 -6.33 4.04
N GLU A 41 8.75 -5.65 4.81
CA GLU A 41 10.09 -6.15 5.07
C GLU A 41 10.06 -7.51 5.75
N GLU A 42 9.30 -7.62 6.84
CA GLU A 42 9.16 -8.87 7.56
C GLU A 42 8.35 -9.88 6.77
N ALA A 43 7.41 -9.38 5.97
CA ALA A 43 6.60 -10.24 5.11
C ALA A 43 7.46 -10.96 4.08
N GLU A 44 8.37 -10.22 3.46
CA GLU A 44 9.31 -10.80 2.50
C GLU A 44 10.20 -11.83 3.18
N ARG A 45 10.72 -11.48 4.34
CA ARG A 45 11.60 -12.37 5.09
C ARG A 45 10.88 -13.67 5.47
N LYS A 46 9.68 -13.54 6.01
CA LYS A 46 8.88 -14.70 6.38
C LYS A 46 8.49 -15.50 5.14
N PHE A 47 8.11 -14.80 4.08
CA PHE A 47 7.80 -15.45 2.81
C PHE A 47 8.94 -16.34 2.35
N LYS A 48 10.15 -15.80 2.37
CA LYS A 48 11.32 -16.53 1.90
C LYS A 48 11.56 -17.78 2.75
N GLN A 49 11.37 -17.66 4.05
CA GLN A 49 11.50 -18.78 4.96
C GLN A 49 10.50 -19.88 4.62
N VAL A 50 9.28 -19.48 4.30
CA VAL A 50 8.23 -20.44 3.94
C VAL A 50 8.57 -21.15 2.63
N ALA A 51 9.05 -20.39 1.65
CA ALA A 51 9.44 -20.96 0.37
C ALA A 51 10.61 -21.93 0.52
N GLU A 52 11.55 -21.58 1.39
CA GLU A 52 12.68 -22.45 1.68
C GLU A 52 12.21 -23.78 2.25
N ALA A 53 11.35 -23.72 3.26
CA ALA A 53 10.76 -24.92 3.84
C ALA A 53 10.05 -25.75 2.78
N TYR A 54 9.27 -25.08 1.94
CA TYR A 54 8.56 -25.74 0.86
C TYR A 54 9.52 -26.50 -0.05
N GLU A 55 10.53 -25.79 -0.55
CA GLU A 55 11.47 -26.37 -1.51
C GLU A 55 12.14 -27.61 -0.94
N VAL A 56 12.75 -27.47 0.24
CA VAL A 56 13.52 -28.55 0.83
C VAL A 56 12.65 -29.78 1.08
N LEU A 57 11.47 -29.55 1.66
CA LEU A 57 10.59 -30.64 2.05
C LEU A 57 9.97 -31.31 0.83
N SER A 58 9.78 -30.55 -0.23
CA SER A 58 9.20 -31.06 -1.46
C SER A 58 10.26 -31.65 -2.37
N ASP A 59 11.51 -31.22 -2.19
CA ASP A 59 12.61 -31.70 -2.99
C ASP A 59 13.26 -32.93 -2.37
N ALA A 60 12.97 -34.10 -2.94
CA ALA A 60 13.42 -35.36 -2.37
C ALA A 60 14.95 -35.41 -2.28
N LYS A 61 15.61 -34.84 -3.29
CA LYS A 61 17.06 -34.84 -3.34
C LYS A 61 17.65 -34.09 -2.15
N LYS A 62 17.13 -32.89 -1.89
CA LYS A 62 17.57 -32.09 -0.76
C LYS A 62 17.32 -32.82 0.56
N ARG A 63 16.14 -33.41 0.69
CA ARG A 63 15.80 -34.21 1.86
C ARG A 63 16.83 -35.30 2.11
N ASP A 64 17.14 -36.06 1.06
CA ASP A 64 18.08 -37.16 1.16
C ASP A 64 19.45 -36.68 1.60
N ILE A 65 19.88 -35.55 1.05
CA ILE A 65 21.18 -34.97 1.40
C ILE A 65 21.21 -34.54 2.87
N TYR A 66 20.13 -33.89 3.31
CA TYR A 66 20.01 -33.49 4.71
C TYR A 66 20.02 -34.70 5.64
N ASP A 67 19.37 -35.78 5.20
CA ASP A 67 19.32 -37.01 5.97
C ASP A 67 20.71 -37.63 6.11
N LYS A 68 21.47 -37.61 5.03
CA LYS A 68 22.85 -38.07 5.05
C LYS A 68 23.70 -37.21 5.98
N TYR A 69 23.45 -35.91 5.99
CA TYR A 69 24.15 -34.99 6.87
C TYR A 69 23.71 -35.16 8.31
N GLY A 70 22.46 -35.56 8.49
CA GLY A 70 21.90 -35.74 9.83
C GLY A 70 21.33 -34.43 10.37
N LYS A 71 20.89 -33.57 9.47
CA LYS A 71 20.37 -32.26 9.84
C LYS A 71 18.86 -32.20 9.70
N GLU A 72 18.19 -31.56 10.64
CA GLU A 72 16.74 -31.45 10.63
C GLU A 72 16.31 -29.99 10.63
N GLY A 73 16.73 -29.25 9.61
CA GLY A 73 16.41 -27.83 9.50
C GLY A 73 17.32 -26.99 10.38
N LEU A 74 18.58 -27.39 10.47
CA LEU A 74 19.55 -26.72 11.33
C LEU A 74 20.16 -25.51 10.64
N ASN A 75 20.61 -24.54 11.43
CA ASN A 75 21.16 -23.31 10.89
C ASN A 75 22.59 -23.53 10.40
N GLY A 76 22.80 -23.27 9.10
CA GLY A 76 24.11 -23.48 8.50
C GLY A 76 25.07 -22.34 8.85
N GLY A 77 24.54 -21.31 9.49
CA GLY A 77 25.35 -20.18 9.93
C GLY A 77 24.86 -18.87 9.33
N GLY A 78 23.54 -18.76 9.17
CA GLY A 78 22.94 -17.55 8.64
C GLY A 78 22.12 -16.82 9.69
N GLY A 79 21.41 -15.78 9.28
CA GLY A 79 20.56 -15.02 10.20
C GLY A 79 19.11 -15.48 10.11
N GLY A 80 18.22 -14.68 10.69
CA GLY A 80 16.80 -15.05 10.76
C GLY A 80 16.17 -15.10 9.37
N GLY A 81 16.69 -14.27 8.47
CA GLY A 81 16.17 -14.21 7.10
C GLY A 81 17.12 -14.91 6.13
N SER A 82 17.87 -15.89 6.64
CA SER A 82 18.78 -16.67 5.81
C SER A 82 18.03 -17.43 4.72
N HIS A 83 18.60 -17.46 3.52
CA HIS A 83 17.99 -18.16 2.40
C HIS A 83 19.00 -18.41 1.29
N PHE A 84 20.09 -19.10 1.63
CA PHE A 84 21.15 -19.37 0.68
C PHE A 84 21.66 -20.80 0.80
N ASP A 85 22.44 -21.23 -0.19
CA ASP A 85 23.09 -22.54 -0.14
C ASP A 85 23.99 -22.67 1.09
N SER A 86 24.01 -23.86 1.68
CA SER A 86 24.65 -24.05 2.99
C SER A 86 26.16 -23.90 2.87
N PRO A 87 26.75 -23.17 3.81
CA PRO A 87 28.19 -22.98 3.84
C PRO A 87 28.93 -24.32 3.86
N PHE A 88 29.91 -24.46 2.99
CA PHE A 88 30.72 -25.67 2.92
C PHE A 88 29.84 -26.89 2.63
N GLU A 89 28.69 -26.65 2.02
CA GLU A 89 27.78 -27.72 1.64
C GLU A 89 27.00 -27.36 0.37
N PHE A 90 27.72 -27.10 -0.71
CA PHE A 90 27.13 -26.48 -1.89
C PHE A 90 26.70 -27.52 -2.91
N GLY A 91 26.30 -28.69 -2.42
CA GLY A 91 25.58 -29.65 -3.23
C GLY A 91 24.09 -29.32 -3.28
N PHE A 92 23.67 -28.40 -2.43
CA PHE A 92 22.30 -27.89 -2.45
C PHE A 92 22.11 -26.88 -3.57
N THR A 93 20.91 -26.85 -4.13
CA THR A 93 20.57 -25.89 -5.18
C THR A 93 19.33 -25.08 -4.81
N PHE A 94 19.52 -24.07 -3.96
CA PHE A 94 18.42 -23.24 -3.50
C PHE A 94 17.86 -22.38 -4.62
N ARG A 95 16.54 -22.33 -4.72
CA ARG A 95 15.87 -21.56 -5.77
C ARG A 95 15.23 -20.29 -5.21
N ASN A 96 15.26 -19.23 -6.00
CA ASN A 96 14.70 -17.95 -5.58
C ASN A 96 13.24 -18.10 -5.13
N PRO A 97 12.98 -17.75 -3.89
CA PRO A 97 11.63 -17.88 -3.33
C PRO A 97 10.60 -17.20 -4.23
N ASP A 98 10.97 -16.07 -4.80
CA ASP A 98 10.06 -15.30 -5.66
C ASP A 98 9.76 -16.05 -6.94
N ASP A 99 10.76 -16.74 -7.47
CA ASP A 99 10.61 -17.48 -8.72
C ASP A 99 9.75 -18.72 -8.53
N VAL A 100 9.89 -19.36 -7.37
CA VAL A 100 9.05 -20.50 -7.01
C VAL A 100 7.58 -20.12 -6.99
N PHE A 101 7.26 -19.06 -6.26
CA PHE A 101 5.88 -18.59 -6.18
C PHE A 101 5.38 -18.08 -7.52
N ARG A 102 6.27 -17.44 -8.27
CA ARG A 102 5.95 -16.97 -9.62
C ARG A 102 5.53 -18.13 -10.51
N GLU A 103 6.29 -19.22 -10.47
CA GLU A 103 5.99 -20.40 -11.27
C GLU A 103 4.56 -20.87 -11.05
N PHE A 104 4.17 -20.98 -9.78
CA PHE A 104 2.92 -21.62 -9.42
C PHE A 104 1.75 -20.63 -9.47
N PHE A 105 2.00 -19.41 -9.03
CA PHE A 105 0.94 -18.43 -8.84
C PHE A 105 1.17 -17.18 -9.68
N GLY A 106 2.43 -16.82 -9.87
CA GLY A 106 2.79 -15.66 -10.66
C GLY A 106 2.86 -14.41 -9.80
N GLY A 107 2.90 -14.59 -8.48
CA GLY A 107 2.89 -13.48 -7.56
C GLY A 107 1.47 -13.01 -7.24
N ARG A 108 0.50 -13.81 -7.66
CA ARG A 108 -0.90 -13.40 -7.60
C ARG A 108 -1.67 -14.22 -6.59
N ASP A 109 -2.70 -13.61 -6.00
CA ASP A 109 -3.59 -14.32 -5.08
C ASP A 109 -4.65 -15.11 -5.85
N PRO A 110 -4.60 -16.44 -5.70
CA PRO A 110 -5.49 -17.32 -6.45
C PRO A 110 -6.91 -17.25 -5.92
N PHE A 111 -7.08 -16.59 -4.77
CA PHE A 111 -8.39 -16.44 -4.16
C PHE A 111 -8.99 -15.07 -4.48
N SER A 112 -8.27 -14.28 -5.27
CA SER A 112 -8.74 -12.96 -5.67
C SER A 112 -9.45 -13.03 -7.03
N PHE A 113 -10.15 -11.96 -7.37
CA PHE A 113 -10.87 -11.88 -8.63
C PHE A 113 -10.45 -10.66 -9.44
N ASP A 114 -10.32 -10.82 -10.75
CA ASP A 114 -9.89 -9.74 -11.63
C ASP A 114 -11.04 -8.82 -11.97
N PHE A 115 -12.25 -9.18 -11.51
CA PHE A 115 -13.45 -8.43 -11.85
C PHE A 115 -14.11 -7.86 -10.60
N PHE A 116 -13.73 -8.39 -9.44
CA PHE A 116 -14.37 -8.02 -8.19
C PHE A 116 -13.35 -7.44 -7.20
N GLU A 117 -12.13 -7.96 -7.25
CA GLU A 117 -11.08 -7.53 -6.34
C GLU A 117 -10.06 -6.66 -7.04
N ASP A 118 -10.42 -6.18 -8.23
CA ASP A 118 -9.52 -5.36 -9.03
C ASP A 118 -9.27 -4.01 -8.36
N PRO A 119 -8.00 -3.60 -8.31
CA PRO A 119 -7.62 -2.36 -7.66
C PRO A 119 -8.41 -1.18 -8.22
N PHE A 120 -8.76 -1.25 -9.49
CA PHE A 120 -9.30 -0.11 -10.21
C PHE A 120 -10.83 -0.16 -10.26
N GLU A 121 -11.40 -1.13 -9.55
CA GLU A 121 -12.85 -1.21 -9.40
C GLU A 121 -13.29 -0.68 -8.04
N ASP A 122 -12.60 0.34 -7.55
CA ASP A 122 -12.92 0.93 -6.26
C ASP A 122 -12.53 2.41 -6.22
N PHE A 123 -13.52 3.26 -6.01
CA PHE A 123 -13.29 4.70 -5.97
C PHE A 123 -12.17 5.04 -5.00
N PHE A 124 -12.19 4.42 -3.83
CA PHE A 124 -11.21 4.73 -2.78
C PHE A 124 -9.94 3.92 -2.96
N GLY A 125 -10.05 2.80 -3.65
CA GLY A 125 -8.88 1.96 -3.95
C GLY A 125 -8.46 1.16 -2.72
N ASN A 126 -9.36 0.30 -2.24
CA ASN A 126 -9.09 -0.51 -1.06
C ASN A 126 -8.56 -1.88 -1.44
N ARG A 127 -8.15 -2.03 -2.70
CA ARG A 127 -7.58 -3.28 -3.18
C ARG A 127 -6.30 -3.04 -3.95
N ARG A 128 -5.62 -1.93 -3.65
CA ARG A 128 -4.38 -1.57 -4.34
C ARG A 128 -3.17 -2.16 -3.61
N GLY A 129 -3.33 -2.45 -2.33
CA GLY A 129 -2.24 -2.98 -1.51
C GLY A 129 -1.24 -1.88 -1.16
N PRO A 130 0.00 -2.07 -1.60
CA PRO A 130 1.06 -1.12 -1.30
C PRO A 130 0.98 0.10 -2.21
N ARG A 131 2.14 0.77 -2.00
CA ARG A 131 2.70 2.00 -2.55
C ARG A 131 3.39 1.73 -3.88
N GLY A 132 3.09 2.55 -4.88
CA GLY A 132 3.63 2.36 -6.22
C GLY A 132 2.57 1.81 -7.17
N GLY A 133 1.33 2.22 -6.95
CA GLY A 133 0.20 1.70 -7.73
C GLY A 133 0.25 2.18 -9.17
N MET A 134 -0.15 1.30 -10.09
CA MET A 134 -0.14 1.64 -11.51
C MET A 134 -1.21 2.67 -11.83
N GLY A 135 -0.77 3.90 -12.10
CA GLY A 135 -1.70 4.99 -12.40
C GLY A 135 -2.02 5.78 -11.14
N ASN A 136 -1.48 5.35 -10.01
CA ASN A 136 -1.72 6.01 -8.73
C ASN A 136 -0.48 6.76 -8.26
N PHE A 137 0.68 6.13 -8.42
CA PHE A 137 1.94 6.75 -8.02
C PHE A 137 2.29 7.92 -8.94
N LYS A 138 2.64 9.05 -8.33
CA LYS A 138 2.82 10.29 -9.07
C LYS A 138 4.30 10.52 -9.42
N SER A 139 5.12 10.67 -8.39
CA SER A 139 6.51 11.06 -8.58
C SER A 139 7.35 10.77 -7.34
N ILE A 140 8.65 10.61 -7.54
CA ILE A 140 9.56 10.36 -6.43
C ILE A 140 10.91 11.01 -6.67
N SER A 141 11.51 11.55 -5.60
CA SER A 141 12.84 12.12 -5.67
C SER A 141 13.66 11.79 -4.43
N THR A 142 14.81 11.17 -4.63
CA THR A 142 15.63 10.70 -3.51
C THR A 142 17.00 11.35 -3.52
N SER A 143 17.45 11.80 -2.36
CA SER A 143 18.75 12.43 -2.22
C SER A 143 19.48 11.95 -0.97
N THR A 144 20.69 11.43 -1.16
CA THR A 144 21.46 10.88 -0.05
C THR A 144 22.75 11.67 0.17
N LYS A 145 23.06 11.95 1.43
CA LYS A 145 24.30 12.64 1.77
C LYS A 145 25.02 11.94 2.92
N MET A 146 26.33 12.10 2.97
CA MET A 146 27.13 11.52 4.04
C MET A 146 27.57 12.58 5.04
N VAL A 147 27.19 12.40 6.30
CA VAL A 147 27.52 13.37 7.34
C VAL A 147 28.18 12.69 8.53
N ASN A 148 29.49 12.92 8.68
CA ASN A 148 30.24 12.34 9.78
C ASN A 148 30.18 10.82 9.76
N GLY A 149 30.17 10.26 8.56
CA GLY A 149 30.21 8.81 8.39
C GLY A 149 28.79 8.24 8.32
N ARG A 150 27.80 9.08 8.61
CA ARG A 150 26.41 8.63 8.67
C ARG A 150 25.72 8.83 7.33
N LYS A 151 24.89 7.86 6.95
CA LYS A 151 24.16 7.93 5.69
C LYS A 151 22.76 8.50 5.91
N ILE A 152 22.52 9.70 5.36
CA ILE A 152 21.25 10.37 5.51
C ILE A 152 20.51 10.48 4.19
N THR A 153 19.35 9.84 4.10
CA THR A 153 18.60 9.81 2.85
C THR A 153 17.26 10.51 3.00
N THR A 154 16.95 11.40 2.07
CA THR A 154 15.64 12.03 2.01
C THR A 154 14.82 11.53 0.83
N LYS A 155 13.63 11.01 1.11
CA LYS A 155 12.79 10.40 0.08
C LYS A 155 11.50 11.18 -0.10
N ARG A 156 11.43 11.98 -1.15
CA ARG A 156 10.22 12.73 -1.47
C ARG A 156 9.28 11.90 -2.34
N ILE A 157 8.20 11.42 -1.74
CA ILE A 157 7.32 10.46 -2.40
C ILE A 157 5.91 11.01 -2.54
N VAL A 158 5.40 11.03 -3.75
CA VAL A 158 4.05 11.52 -4.02
C VAL A 158 3.19 10.44 -4.67
N GLU A 159 2.03 10.17 -4.06
CA GLU A 159 1.10 9.18 -4.60
C GLU A 159 -0.33 9.55 -4.25
N ASN A 160 -1.22 9.43 -5.24
CA ASN A 160 -2.62 9.78 -5.05
C ASN A 160 -2.78 11.22 -4.62
N GLY A 161 -1.86 12.07 -5.04
CA GLY A 161 -1.94 13.50 -4.76
C GLY A 161 -1.39 13.83 -3.38
N GLN A 162 -0.93 12.80 -2.67
CA GLN A 162 -0.41 12.97 -1.32
C GLN A 162 1.11 13.04 -1.32
N GLU A 163 1.65 14.07 -0.69
CA GLU A 163 3.09 14.28 -0.66
C GLU A 163 3.67 13.97 0.71
N ARG A 164 4.57 12.98 0.76
CA ARG A 164 5.21 12.59 2.01
C ARG A 164 6.71 12.46 1.84
N VAL A 165 7.45 13.26 2.61
CA VAL A 165 8.91 13.23 2.56
C VAL A 165 9.47 12.45 3.75
N GLU A 166 10.23 11.39 3.45
CA GLU A 166 10.70 10.49 4.49
C GLU A 166 12.18 10.71 4.78
N VAL A 167 12.52 10.72 6.07
CA VAL A 167 13.90 10.93 6.49
C VAL A 167 14.42 9.74 7.28
N GLU A 168 15.53 9.17 6.82
CA GLU A 168 16.12 8.00 7.48
C GLU A 168 17.63 8.15 7.60
N GLU A 169 18.20 7.55 8.65
CA GLU A 169 19.64 7.59 8.86
C GLU A 169 20.20 6.19 9.08
N ASP A 170 21.12 5.79 8.20
CA ASP A 170 21.67 4.44 8.25
C ASP A 170 20.58 3.38 8.22
N GLY A 171 19.52 3.66 7.48
CA GLY A 171 18.46 2.69 7.27
C GLY A 171 17.37 2.83 8.33
N GLN A 172 17.62 3.68 9.32
CA GLN A 172 16.69 3.87 10.43
C GLN A 172 15.76 5.05 10.18
N LEU A 173 14.46 4.78 10.15
CA LEU A 173 13.47 5.83 9.99
C LEU A 173 13.43 6.74 11.21
N LYS A 174 13.54 8.04 10.98
CA LYS A 174 13.51 9.02 12.06
C LYS A 174 12.20 9.79 12.06
N SER A 175 11.74 10.18 10.87
CA SER A 175 10.55 11.03 10.75
C SER A 175 10.15 11.18 9.29
N LEU A 176 8.99 11.79 9.07
CA LEU A 176 8.57 12.18 7.73
C LEU A 176 7.63 13.38 7.76
N THR A 177 7.51 14.06 6.63
CA THR A 177 6.61 15.21 6.52
C THR A 177 5.41 14.88 5.64
N ILE A 178 4.23 14.90 6.24
CA ILE A 178 3.01 14.51 5.52
C ILE A 178 2.15 15.73 5.20
N ASN A 179 2.26 16.21 3.96
CA ASN A 179 1.54 17.40 3.54
C ASN A 179 1.77 18.57 4.50
N GLY A 180 3.01 18.71 4.94
CA GLY A 180 3.38 19.81 5.85
C GLY A 180 3.46 19.32 7.29
N LYS A 181 2.68 18.28 7.62
CA LYS A 181 2.58 17.81 8.98
C LYS A 181 3.78 16.95 9.37
N GLU A 182 4.56 17.45 10.31
CA GLU A 182 5.68 16.68 10.86
C GLU A 182 5.19 15.46 11.62
N GLN A 183 5.69 14.29 11.23
CA GLN A 183 5.33 13.04 11.89
C GLN A 183 6.57 12.26 12.29
N LEU A 184 6.70 12.01 13.60
CA LEU A 184 7.85 11.26 14.12
C LEU A 184 7.73 9.77 13.80
N LEU A 185 8.86 9.15 13.48
CA LEU A 185 8.91 7.71 13.30
C LEU A 185 9.82 7.05 14.33
N ARG A 186 10.74 7.83 14.88
CA ARG A 186 11.58 7.37 15.98
C ARG A 186 11.71 8.43 17.06
N LEU A 187 11.46 8.02 18.30
CA LEU A 187 11.58 8.94 19.44
C LEU A 187 13.04 9.19 19.80
N ASP A 188 13.32 10.41 20.26
CA ASP A 188 14.70 10.80 20.57
C ASP A 188 15.59 10.69 19.34
N ASN A 189 15.07 11.11 18.19
CA ASN A 189 15.85 11.11 16.96
C ASN A 189 16.67 12.37 16.83
N LYS A 190 17.38 12.51 15.70
CA LYS A 190 18.15 13.71 15.42
C LYS A 190 17.33 14.70 14.60
N GLY A 1 -21.57 11.02 42.23
CA GLY A 1 -20.92 11.50 41.02
C GLY A 1 -20.96 10.43 39.93
N MET A 2 -19.96 10.46 39.05
CA MET A 2 -19.88 9.50 37.95
C MET A 2 -18.45 9.40 37.41
N VAL A 3 -18.18 8.30 36.70
CA VAL A 3 -16.86 8.09 36.12
C VAL A 3 -16.67 8.90 34.85
N ASP A 4 -15.56 9.62 34.77
CA ASP A 4 -15.36 10.60 33.72
C ASP A 4 -15.40 9.96 32.34
N TYR A 5 -15.05 8.68 32.29
CA TYR A 5 -15.03 7.94 31.03
C TYR A 5 -16.41 7.93 30.37
N TYR A 6 -17.45 8.00 31.20
CA TYR A 6 -18.81 8.08 30.70
C TYR A 6 -19.04 9.38 29.94
N GLU A 7 -18.50 10.48 30.47
CA GLU A 7 -18.62 11.78 29.82
C GLU A 7 -17.81 11.83 28.52
N VAL A 8 -16.68 11.13 28.51
CA VAL A 8 -15.88 10.99 27.30
C VAL A 8 -16.67 10.35 26.18
N LEU A 9 -17.44 9.32 26.51
CA LEU A 9 -18.29 8.65 25.53
C LEU A 9 -19.58 9.42 25.30
N GLY A 10 -19.94 10.27 26.27
CA GLY A 10 -21.12 11.12 26.14
C GLY A 10 -22.37 10.38 26.58
N VAL A 11 -22.23 9.49 27.56
CA VAL A 11 -23.35 8.69 28.05
C VAL A 11 -23.52 8.86 29.55
N GLN A 12 -24.51 8.15 30.10
CA GLN A 12 -24.79 8.24 31.53
C GLN A 12 -24.01 7.20 32.32
N ARG A 13 -23.96 7.37 33.63
CA ARG A 13 -23.21 6.48 34.50
C ARG A 13 -23.87 5.10 34.58
N HIS A 14 -25.11 5.03 34.13
CA HIS A 14 -25.85 3.77 34.14
C HIS A 14 -25.92 3.16 32.75
N ALA A 15 -25.05 3.64 31.86
CA ALA A 15 -25.02 3.15 30.49
C ALA A 15 -24.60 1.68 30.43
N SER A 16 -25.25 0.92 29.57
CA SER A 16 -24.94 -0.50 29.41
C SER A 16 -23.75 -0.71 28.49
N PRO A 17 -23.17 -1.90 28.53
CA PRO A 17 -22.08 -2.25 27.65
C PRO A 17 -22.42 -1.97 26.20
N GLU A 18 -23.69 -2.17 25.85
CA GLU A 18 -24.16 -1.91 24.49
C GLU A 18 -24.22 -0.42 24.21
N ASP A 19 -24.62 0.36 25.20
CA ASP A 19 -24.71 1.80 25.06
C ASP A 19 -23.34 2.42 24.82
N ILE A 20 -22.35 1.98 25.58
CA ILE A 20 -20.99 2.48 25.45
C ILE A 20 -20.31 1.92 24.20
N LYS A 21 -20.78 0.75 23.77
CA LYS A 21 -20.35 0.18 22.48
C LYS A 21 -20.77 1.07 21.32
N LYS A 22 -22.02 1.52 21.34
CA LYS A 22 -22.54 2.41 20.32
C LYS A 22 -21.85 3.77 20.37
N ALA A 23 -21.68 4.29 21.59
CA ALA A 23 -20.96 5.54 21.79
C ALA A 23 -19.54 5.45 21.26
N TYR A 24 -18.87 4.35 21.58
CA TYR A 24 -17.54 4.09 21.05
C TYR A 24 -17.53 4.10 19.53
N ARG A 25 -18.39 3.27 18.94
CA ARG A 25 -18.49 3.19 17.48
C ARG A 25 -18.66 4.57 16.87
N LYS A 26 -19.57 5.35 17.44
CA LYS A 26 -19.90 6.67 16.89
C LYS A 26 -18.70 7.60 16.93
N LEU A 27 -18.14 7.79 18.11
CA LEU A 27 -17.12 8.80 18.34
C LEU A 27 -15.79 8.38 17.74
N ALA A 28 -15.49 7.09 17.83
CA ALA A 28 -14.27 6.54 17.26
C ALA A 28 -14.22 6.76 15.74
N LEU A 29 -15.37 6.57 15.09
CA LEU A 29 -15.51 6.91 13.68
C LEU A 29 -15.45 8.42 13.47
N LYS A 30 -16.22 9.15 14.27
CA LYS A 30 -16.36 10.60 14.07
C LYS A 30 -15.01 11.30 14.13
N TRP A 31 -14.18 10.90 15.10
CA TRP A 31 -12.91 11.56 15.34
C TRP A 31 -11.74 10.67 14.92
N HIS A 32 -12.00 9.77 13.97
CA HIS A 32 -10.96 8.90 13.45
C HIS A 32 -9.89 9.69 12.72
N PRO A 33 -8.63 9.38 13.00
CA PRO A 33 -7.51 10.11 12.42
C PRO A 33 -7.61 10.15 10.89
N ASP A 34 -8.11 9.07 10.31
CA ASP A 34 -8.19 8.95 8.86
C ASP A 34 -9.50 9.54 8.34
N LYS A 35 -10.46 9.73 9.24
CA LYS A 35 -11.70 10.41 8.90
C LYS A 35 -11.50 11.92 8.84
N ASN A 36 -10.64 12.43 9.71
CA ASN A 36 -10.33 13.86 9.73
C ASN A 36 -8.84 14.10 9.54
N PRO A 37 -8.37 13.92 8.31
CA PRO A 37 -6.95 14.09 7.98
C PRO A 37 -6.56 15.56 8.02
N GLU A 38 -7.55 16.44 7.95
CA GLU A 38 -7.30 17.87 8.01
C GLU A 38 -7.08 18.34 9.45
N ASN A 39 -7.34 17.43 10.39
CA ASN A 39 -7.20 17.76 11.81
C ASN A 39 -6.83 16.53 12.63
N LYS A 40 -5.75 15.85 12.22
CA LYS A 40 -5.33 14.62 12.86
C LYS A 40 -4.93 14.86 14.31
N GLU A 41 -4.63 16.10 14.64
CA GLU A 41 -4.21 16.46 15.99
C GLU A 41 -5.36 16.30 16.98
N GLU A 42 -6.44 17.04 16.76
CA GLU A 42 -7.63 16.93 17.58
C GLU A 42 -8.26 15.54 17.44
N ALA A 43 -8.24 15.00 16.23
CA ALA A 43 -8.87 13.72 15.95
C ALA A 43 -8.20 12.59 16.71
N GLU A 44 -6.88 12.48 16.56
CA GLU A 44 -6.13 11.42 17.22
C GLU A 44 -6.33 11.45 18.73
N ARG A 45 -6.18 12.64 19.32
CA ARG A 45 -6.26 12.79 20.76
C ARG A 45 -7.61 12.33 21.29
N LYS A 46 -8.68 12.84 20.69
CA LYS A 46 -10.04 12.50 21.12
C LYS A 46 -10.36 11.05 20.81
N PHE A 47 -9.90 10.58 19.64
CA PHE A 47 -10.06 9.18 19.27
C PHE A 47 -9.51 8.25 20.34
N LYS A 48 -8.28 8.52 20.78
CA LYS A 48 -7.64 7.68 21.79
C LYS A 48 -8.37 7.74 23.12
N GLN A 49 -8.81 8.94 23.48
CA GLN A 49 -9.57 9.12 24.72
C GLN A 49 -10.84 8.30 24.71
N VAL A 50 -11.55 8.31 23.58
CA VAL A 50 -12.78 7.53 23.44
C VAL A 50 -12.50 6.05 23.55
N ALA A 51 -11.46 5.59 22.87
CA ALA A 51 -11.07 4.18 22.92
C ALA A 51 -10.70 3.76 24.34
N GLU A 52 -9.99 4.62 25.05
CA GLU A 52 -9.64 4.36 26.44
C GLU A 52 -10.89 4.22 27.30
N ALA A 53 -11.78 5.19 27.20
CA ALA A 53 -13.02 5.18 27.97
C ALA A 53 -13.78 3.88 27.75
N TYR A 54 -13.94 3.49 26.49
CA TYR A 54 -14.64 2.26 26.15
C TYR A 54 -13.92 1.04 26.71
N GLU A 55 -12.61 0.96 26.47
CA GLU A 55 -11.82 -0.18 26.87
C GLU A 55 -11.95 -0.44 28.38
N VAL A 56 -11.96 0.64 29.15
CA VAL A 56 -12.11 0.53 30.60
C VAL A 56 -13.53 0.12 30.97
N LEU A 57 -14.51 0.85 30.45
CA LEU A 57 -15.90 0.67 30.85
C LEU A 57 -16.45 -0.67 30.34
N SER A 58 -15.86 -1.17 29.26
CA SER A 58 -16.29 -2.43 28.68
C SER A 58 -15.70 -3.61 29.46
N ASP A 59 -14.74 -3.33 30.33
CA ASP A 59 -14.13 -4.36 31.16
C ASP A 59 -15.00 -4.69 32.36
N ALA A 60 -15.43 -5.94 32.44
CA ALA A 60 -16.33 -6.38 33.50
C ALA A 60 -15.70 -6.17 34.87
N LYS A 61 -14.39 -6.31 34.95
CA LYS A 61 -13.67 -6.14 36.21
C LYS A 61 -13.74 -4.70 36.68
N LYS A 62 -13.63 -3.76 35.74
CA LYS A 62 -13.72 -2.34 36.05
C LYS A 62 -15.13 -1.96 36.49
N ARG A 63 -16.13 -2.55 35.84
CA ARG A 63 -17.52 -2.31 36.18
C ARG A 63 -17.84 -2.84 37.58
N ASP A 64 -17.32 -4.02 37.89
CA ASP A 64 -17.44 -4.58 39.23
C ASP A 64 -16.90 -3.62 40.28
N ILE A 65 -15.73 -3.05 39.99
CA ILE A 65 -15.14 -2.05 40.87
C ILE A 65 -16.01 -0.81 40.98
N TYR A 66 -16.51 -0.35 39.84
CA TYR A 66 -17.31 0.88 39.80
C TYR A 66 -18.64 0.69 40.53
N ASP A 67 -19.20 -0.51 40.45
CA ASP A 67 -20.43 -0.84 41.16
C ASP A 67 -20.24 -0.75 42.66
N LYS A 68 -19.10 -1.27 43.13
CA LYS A 68 -18.73 -1.14 44.54
C LYS A 68 -18.53 0.32 44.93
N TYR A 69 -17.84 1.06 44.08
CA TYR A 69 -17.48 2.44 44.38
C TYR A 69 -18.69 3.36 44.26
N GLY A 70 -19.62 2.99 43.39
CA GLY A 70 -20.75 3.86 43.06
C GLY A 70 -20.40 4.80 41.92
N LYS A 71 -19.53 4.35 41.02
CA LYS A 71 -19.04 5.20 39.94
C LYS A 71 -18.42 6.48 40.48
N GLU A 72 -17.66 6.36 41.57
CA GLU A 72 -17.00 7.50 42.17
C GLU A 72 -15.53 7.55 41.77
N GLY A 73 -14.93 6.38 41.56
CA GLY A 73 -13.55 6.29 41.12
C GLY A 73 -12.58 6.43 42.28
N LEU A 74 -11.93 7.58 42.37
CA LEU A 74 -10.89 7.80 43.37
C LEU A 74 -11.40 7.48 44.77
N ASN A 75 -10.94 6.36 45.32
CA ASN A 75 -11.27 5.98 46.69
C ASN A 75 -12.78 5.93 46.89
N GLY A 76 -13.50 5.52 45.85
CA GLY A 76 -14.96 5.49 45.90
C GLY A 76 -15.46 4.57 47.00
N GLY A 77 -14.82 3.42 47.14
CA GLY A 77 -15.21 2.43 48.15
C GLY A 77 -15.01 2.98 49.56
N GLY A 78 -13.93 3.73 49.74
CA GLY A 78 -13.62 4.31 51.03
C GLY A 78 -14.62 5.40 51.41
N GLY A 79 -14.92 6.26 50.45
CA GLY A 79 -15.86 7.36 50.69
C GLY A 79 -17.28 6.85 50.88
N GLY A 80 -17.67 5.86 50.08
CA GLY A 80 -19.02 5.31 50.13
C GLY A 80 -19.18 4.38 51.33
N GLY A 81 -18.09 3.75 51.73
CA GLY A 81 -18.12 2.79 52.83
C GLY A 81 -18.57 1.41 52.35
N SER A 82 -18.04 0.99 51.20
CA SER A 82 -18.44 -0.27 50.60
C SER A 82 -17.53 -1.41 51.05
N HIS A 83 -18.12 -2.58 51.27
CA HIS A 83 -17.37 -3.74 51.74
C HIS A 83 -17.70 -4.99 50.93
N PHE A 84 -17.30 -4.98 49.66
CA PHE A 84 -17.62 -6.07 48.75
C PHE A 84 -16.37 -6.59 48.04
N ASP A 85 -16.37 -7.87 47.72
CA ASP A 85 -15.31 -8.46 46.91
C ASP A 85 -15.28 -7.86 45.51
N SER A 86 -14.09 -7.44 45.08
CA SER A 86 -13.92 -6.83 43.77
C SER A 86 -12.49 -6.96 43.28
N PRO A 87 -12.30 -6.87 41.97
CA PRO A 87 -10.98 -6.92 41.37
C PRO A 87 -10.07 -5.83 41.95
N PHE A 88 -8.78 -6.14 42.04
CA PHE A 88 -7.80 -5.19 42.58
C PHE A 88 -6.89 -4.66 41.48
N GLU A 89 -6.48 -3.40 41.63
CA GLU A 89 -5.64 -2.76 40.62
C GLU A 89 -4.17 -3.05 40.87
N PHE A 90 -3.58 -3.84 39.98
CA PHE A 90 -2.15 -4.15 40.06
C PHE A 90 -1.40 -3.61 38.84
N GLY A 91 -1.60 -2.32 38.56
CA GLY A 91 -0.90 -1.67 37.47
C GLY A 91 -1.31 -2.26 36.12
N PHE A 92 -2.61 -2.36 35.89
CA PHE A 92 -3.13 -2.98 34.69
C PHE A 92 -2.89 -2.10 33.46
N THR A 93 -2.27 -2.66 32.44
CA THR A 93 -1.99 -1.94 31.21
C THR A 93 -3.14 -2.06 30.22
N PHE A 94 -3.14 -1.18 29.22
CA PHE A 94 -4.20 -1.17 28.21
C PHE A 94 -3.63 -1.23 26.80
N ARG A 95 -4.47 -1.62 25.85
CA ARG A 95 -4.01 -1.88 24.49
C ARG A 95 -4.05 -0.61 23.64
N ASN A 96 -3.27 -0.60 22.57
CA ASN A 96 -3.25 0.54 21.65
C ASN A 96 -4.64 0.84 21.12
N PRO A 97 -5.05 2.09 21.29
CA PRO A 97 -6.39 2.52 20.85
C PRO A 97 -6.64 2.13 19.40
N ASP A 98 -5.60 2.21 18.58
CA ASP A 98 -5.71 1.90 17.16
C ASP A 98 -5.98 0.41 16.94
N ASP A 99 -5.33 -0.43 17.74
CA ASP A 99 -5.48 -1.87 17.62
C ASP A 99 -6.85 -2.32 18.13
N VAL A 100 -7.38 -1.59 19.10
CA VAL A 100 -8.73 -1.84 19.59
C VAL A 100 -9.76 -1.62 18.50
N PHE A 101 -9.63 -0.50 17.80
CA PHE A 101 -10.51 -0.22 16.66
C PHE A 101 -10.33 -1.25 15.55
N ARG A 102 -9.08 -1.65 15.32
CA ARG A 102 -8.78 -2.68 14.34
C ARG A 102 -9.40 -4.02 14.72
N GLU A 103 -9.45 -4.29 16.02
CA GLU A 103 -10.07 -5.51 16.54
C GLU A 103 -11.53 -5.60 16.13
N PHE A 104 -12.26 -4.51 16.31
CA PHE A 104 -13.71 -4.53 16.16
C PHE A 104 -14.12 -4.21 14.73
N PHE A 105 -13.36 -3.34 14.08
CA PHE A 105 -13.76 -2.79 12.78
C PHE A 105 -12.70 -3.10 11.73
N GLY A 106 -11.44 -3.10 12.14
CA GLY A 106 -10.33 -3.38 11.24
C GLY A 106 -9.81 -2.12 10.57
N GLY A 107 -10.28 -0.97 11.06
CA GLY A 107 -9.92 0.31 10.47
C GLY A 107 -10.89 0.70 9.36
N ARG A 108 -12.00 -0.03 9.28
CA ARG A 108 -12.97 0.17 8.20
C ARG A 108 -14.17 0.97 8.68
N ASP A 109 -14.66 1.87 7.83
CA ASP A 109 -15.86 2.64 8.12
C ASP A 109 -17.08 1.73 8.20
N PRO A 110 -17.72 1.71 9.37
CA PRO A 110 -18.85 0.82 9.60
C PRO A 110 -19.94 1.02 8.56
N PHE A 111 -20.03 2.24 8.05
CA PHE A 111 -21.15 2.64 7.20
C PHE A 111 -20.74 2.67 5.73
N SER A 112 -19.61 2.06 5.42
CA SER A 112 -19.16 1.90 4.04
C SER A 112 -19.66 0.60 3.46
N PHE A 113 -19.58 0.48 2.13
CA PHE A 113 -20.03 -0.72 1.44
C PHE A 113 -18.97 -1.25 0.48
N ASP A 114 -18.90 -2.56 0.35
CA ASP A 114 -17.91 -3.19 -0.51
C ASP A 114 -18.40 -3.27 -1.94
N PHE A 115 -19.62 -2.78 -2.18
CA PHE A 115 -20.22 -2.82 -3.51
C PHE A 115 -20.52 -1.42 -4.01
N PHE A 116 -20.50 -0.45 -3.10
CA PHE A 116 -20.84 0.93 -3.44
C PHE A 116 -19.66 1.87 -3.14
N GLU A 117 -18.91 1.54 -2.10
CA GLU A 117 -17.74 2.33 -1.73
C GLU A 117 -16.45 1.60 -2.08
N ASP A 118 -16.40 1.03 -3.27
CA ASP A 118 -15.25 0.25 -3.71
C ASP A 118 -14.03 1.15 -3.94
N PRO A 119 -12.96 0.87 -3.23
CA PRO A 119 -11.74 1.67 -3.34
C PRO A 119 -11.15 1.59 -4.73
N PHE A 120 -11.44 0.50 -5.43
CA PHE A 120 -10.95 0.31 -6.79
C PHE A 120 -11.80 1.08 -7.79
N GLU A 121 -12.83 1.76 -7.30
CA GLU A 121 -13.59 2.72 -8.10
C GLU A 121 -13.58 4.09 -7.45
N ASP A 122 -12.61 4.34 -6.59
CA ASP A 122 -12.53 5.60 -5.87
C ASP A 122 -11.38 6.47 -6.39
N PHE A 123 -11.75 7.60 -7.00
CA PHE A 123 -10.76 8.49 -7.59
C PHE A 123 -9.67 8.85 -6.58
N PHE A 124 -10.07 9.14 -5.35
CA PHE A 124 -9.16 9.66 -4.34
C PHE A 124 -8.47 8.53 -3.59
N GLY A 125 -9.12 7.36 -3.56
CA GLY A 125 -8.56 6.20 -2.90
C GLY A 125 -8.67 6.33 -1.38
N ASN A 126 -9.83 6.79 -0.91
CA ASN A 126 -10.05 7.01 0.52
C ASN A 126 -10.95 5.93 1.11
N ARG A 127 -10.80 4.70 0.61
CA ARG A 127 -11.62 3.59 1.06
C ARG A 127 -10.77 2.36 1.34
N ARG A 128 -9.56 2.57 1.83
CA ARG A 128 -8.63 1.49 2.11
C ARG A 128 -8.29 0.71 0.85
N GLY A 129 -7.84 1.42 -0.19
CA GLY A 129 -7.53 0.80 -1.46
C GLY A 129 -6.06 0.45 -1.56
N PRO A 130 -5.59 0.19 -2.77
CA PRO A 130 -4.20 -0.22 -2.99
C PRO A 130 -3.26 0.97 -2.93
N ARG A 131 -3.71 2.13 -3.44
CA ARG A 131 -2.80 3.27 -3.56
C ARG A 131 -1.73 3.02 -4.60
N GLY A 132 -1.16 4.10 -5.13
CA GLY A 132 -0.15 4.00 -6.18
C GLY A 132 -0.78 3.64 -7.51
N GLY A 133 -2.02 4.07 -7.71
CA GLY A 133 -2.80 3.67 -8.88
C GLY A 133 -2.52 4.58 -10.06
N MET A 134 -3.06 4.23 -11.23
CA MET A 134 -2.82 4.96 -12.45
C MET A 134 -3.54 6.31 -12.43
N GLY A 135 -2.77 7.39 -12.37
CA GLY A 135 -3.33 8.73 -12.29
C GLY A 135 -3.18 9.30 -10.89
N ASN A 136 -3.02 8.42 -9.91
CA ASN A 136 -2.83 8.83 -8.53
C ASN A 136 -1.36 9.13 -8.24
N PHE A 137 -0.51 8.12 -8.44
CA PHE A 137 0.93 8.27 -8.25
C PHE A 137 1.50 9.28 -9.24
N LYS A 138 2.18 10.29 -8.70
CA LYS A 138 2.73 11.36 -9.53
C LYS A 138 4.19 11.11 -9.87
N SER A 139 5.03 11.01 -8.83
CA SER A 139 6.47 10.85 -9.02
C SER A 139 7.14 10.47 -7.71
N ILE A 140 8.41 10.08 -7.80
CA ILE A 140 9.20 9.75 -6.62
C ILE A 140 10.66 10.15 -6.79
N SER A 141 11.26 10.63 -5.71
CA SER A 141 12.65 11.07 -5.74
C SER A 141 13.41 10.60 -4.51
N THR A 142 14.51 9.88 -4.73
CA THR A 142 15.34 9.38 -3.64
C THR A 142 16.76 9.88 -3.76
N SER A 143 17.31 10.36 -2.65
CA SER A 143 18.68 10.88 -2.63
C SER A 143 19.37 10.56 -1.32
N THR A 144 20.62 10.12 -1.40
CA THR A 144 21.41 9.80 -0.22
C THR A 144 22.60 10.75 -0.08
N LYS A 145 22.82 11.24 1.14
CA LYS A 145 23.91 12.16 1.40
C LYS A 145 24.67 11.77 2.67
N MET A 146 25.93 12.18 2.75
CA MET A 146 26.73 11.95 3.95
C MET A 146 26.88 13.22 4.77
N VAL A 147 26.42 13.17 6.02
CA VAL A 147 26.48 14.33 6.90
C VAL A 147 27.14 13.99 8.22
N ASN A 148 28.33 14.52 8.43
CA ASN A 148 29.06 14.29 9.68
C ASN A 148 29.30 12.81 9.92
N GLY A 149 29.61 12.08 8.86
CA GLY A 149 29.94 10.67 8.95
C GLY A 149 28.67 9.81 8.95
N ARG A 150 27.53 10.46 8.90
CA ARG A 150 26.24 9.77 8.96
C ARG A 150 25.64 9.61 7.58
N LYS A 151 24.99 8.47 7.34
CA LYS A 151 24.36 8.20 6.05
C LYS A 151 22.87 8.49 6.09
N ILE A 152 22.44 9.50 5.35
CA ILE A 152 21.06 9.95 5.39
C ILE A 152 20.41 9.81 4.02
N THR A 153 19.28 9.10 3.99
CA THR A 153 18.55 8.90 2.74
C THR A 153 17.17 9.55 2.81
N THR A 154 16.85 10.34 1.80
CA THR A 154 15.54 11.01 1.74
C THR A 154 14.69 10.45 0.61
N LYS A 155 13.52 9.95 0.96
CA LYS A 155 12.57 9.44 -0.03
C LYS A 155 11.34 10.33 -0.14
N ARG A 156 11.19 10.99 -1.28
CA ARG A 156 10.06 11.88 -1.51
C ARG A 156 9.03 11.25 -2.43
N ILE A 157 7.84 11.00 -1.90
CA ILE A 157 6.76 10.41 -2.68
C ILE A 157 5.62 11.41 -2.89
N VAL A 158 5.24 11.60 -4.14
CA VAL A 158 4.11 12.47 -4.48
C VAL A 158 2.97 11.67 -5.09
N GLU A 159 1.81 11.73 -4.45
CA GLU A 159 0.64 10.99 -4.92
C GLU A 159 -0.65 11.76 -4.65
N ASN A 160 -1.45 11.94 -5.68
CA ASN A 160 -2.74 12.61 -5.56
C ASN A 160 -2.57 14.01 -4.97
N GLY A 161 -1.46 14.66 -5.32
CA GLY A 161 -1.22 16.04 -4.90
C GLY A 161 -0.73 16.09 -3.46
N GLN A 162 -0.36 14.94 -2.92
CA GLN A 162 0.14 14.86 -1.55
C GLN A 162 1.59 14.41 -1.51
N GLU A 163 2.41 15.17 -0.80
CA GLU A 163 3.83 14.83 -0.66
C GLU A 163 4.11 14.15 0.67
N ARG A 164 4.81 13.02 0.61
CA ARG A 164 5.18 12.30 1.83
C ARG A 164 6.65 11.94 1.81
N VAL A 165 7.39 12.42 2.82
CA VAL A 165 8.84 12.27 2.84
C VAL A 165 9.28 11.28 3.92
N GLU A 166 10.18 10.38 3.55
CA GLU A 166 10.73 9.42 4.49
C GLU A 166 12.24 9.55 4.60
N VAL A 167 12.71 9.93 5.78
CA VAL A 167 14.13 10.18 5.99
C VAL A 167 14.74 9.17 6.94
N GLU A 168 15.77 8.47 6.47
CA GLU A 168 16.45 7.47 7.28
C GLU A 168 17.89 7.88 7.58
N GLU A 169 18.36 7.54 8.77
CA GLU A 169 19.75 7.77 9.14
C GLU A 169 20.42 6.48 9.61
N ASP A 170 21.38 5.99 8.83
CA ASP A 170 22.07 4.75 9.14
C ASP A 170 21.07 3.60 9.31
N GLY A 171 20.03 3.60 8.49
CA GLY A 171 19.10 2.48 8.43
C GLY A 171 17.86 2.74 9.27
N GLN A 172 17.96 3.72 10.17
CA GLN A 172 16.89 3.99 11.12
C GLN A 172 16.08 5.21 10.71
N LEU A 173 14.76 5.10 10.82
CA LEU A 173 13.87 6.20 10.47
C LEU A 173 14.12 7.42 11.35
N LYS A 174 14.67 8.47 10.76
CA LYS A 174 14.98 9.69 11.51
C LYS A 174 13.79 10.65 11.51
N SER A 175 13.13 10.77 10.37
CA SER A 175 12.00 11.69 10.23
C SER A 175 11.09 11.28 9.09
N LEU A 176 9.80 11.55 9.25
CA LEU A 176 8.81 11.14 8.25
C LEU A 176 7.61 12.09 8.27
N THR A 177 7.36 12.74 7.13
CA THR A 177 6.33 13.77 7.06
C THR A 177 5.26 13.41 6.05
N ILE A 178 4.00 13.47 6.49
CA ILE A 178 2.87 13.19 5.61
C ILE A 178 1.94 14.39 5.53
N ASN A 179 1.95 15.07 4.38
CA ASN A 179 1.07 16.21 4.16
C ASN A 179 1.35 17.31 5.17
N GLY A 180 2.60 17.45 5.55
CA GLY A 180 3.01 18.52 6.47
C GLY A 180 2.98 18.04 7.92
N LYS A 181 2.41 16.86 8.13
CA LYS A 181 2.24 16.33 9.47
C LYS A 181 3.27 15.23 9.76
N GLU A 182 4.17 15.50 10.70
CA GLU A 182 5.16 14.51 11.11
C GLU A 182 4.49 13.26 11.70
N GLN A 183 4.76 12.11 11.09
CA GLN A 183 4.18 10.86 11.54
C GLN A 183 5.25 9.83 11.88
N LEU A 184 4.85 8.79 12.59
CA LEU A 184 5.79 7.75 13.01
C LEU A 184 5.63 6.49 12.16
N LEU A 185 4.59 6.47 11.33
CA LEU A 185 4.28 5.31 10.50
C LEU A 185 5.01 5.37 9.17
N ARG A 186 5.47 4.21 8.71
CA ARG A 186 6.20 4.13 7.44
C ARG A 186 5.28 4.42 6.27
N LEU A 187 5.88 4.85 5.15
CA LEU A 187 5.11 5.15 3.95
C LEU A 187 4.83 3.87 3.14
N ASP A 188 3.73 3.87 2.41
CA ASP A 188 3.38 2.75 1.56
C ASP A 188 4.12 2.79 0.23
N ASN A 189 5.04 1.85 0.04
CA ASN A 189 5.87 1.82 -1.17
C ASN A 189 5.08 1.29 -2.36
N LYS A 190 5.30 1.90 -3.52
CA LYS A 190 4.61 1.49 -4.74
C LYS A 190 5.15 0.16 -5.24
N GLY A 1 -22.55 -30.67 -14.18
CA GLY A 1 -23.62 -30.08 -13.40
C GLY A 1 -23.57 -28.55 -13.48
N MET A 2 -23.15 -27.92 -12.39
CA MET A 2 -23.00 -26.47 -12.36
C MET A 2 -22.02 -26.03 -11.28
N VAL A 3 -21.57 -24.79 -11.35
CA VAL A 3 -20.60 -24.26 -10.39
C VAL A 3 -21.24 -23.21 -9.49
N ASP A 4 -20.97 -23.31 -8.20
CA ASP A 4 -21.67 -22.51 -7.20
C ASP A 4 -21.46 -21.01 -7.46
N TYR A 5 -20.41 -20.68 -8.19
CA TYR A 5 -20.09 -19.29 -8.49
C TYR A 5 -21.20 -18.63 -9.28
N TYR A 6 -22.04 -19.43 -9.92
CA TYR A 6 -23.23 -18.94 -10.60
C TYR A 6 -24.16 -18.23 -9.63
N GLU A 7 -24.30 -18.80 -8.43
CA GLU A 7 -25.15 -18.21 -7.40
C GLU A 7 -24.54 -16.94 -6.85
N VAL A 8 -23.21 -16.89 -6.79
CA VAL A 8 -22.50 -15.69 -6.38
C VAL A 8 -22.81 -14.52 -7.30
N LEU A 9 -22.84 -14.79 -8.60
CA LEU A 9 -23.20 -13.76 -9.58
C LEU A 9 -24.71 -13.57 -9.66
N GLY A 10 -25.45 -14.62 -9.31
CA GLY A 10 -26.91 -14.56 -9.30
C GLY A 10 -27.47 -14.88 -10.69
N VAL A 11 -26.80 -15.81 -11.38
CA VAL A 11 -27.23 -16.20 -12.72
C VAL A 11 -27.50 -17.69 -12.80
N GLN A 12 -27.91 -18.16 -13.98
CA GLN A 12 -28.24 -19.57 -14.18
C GLN A 12 -27.04 -20.34 -14.69
N ARG A 13 -27.10 -21.66 -14.56
CA ARG A 13 -26.00 -22.53 -15.00
C ARG A 13 -25.89 -22.55 -16.53
N HIS A 14 -26.95 -22.09 -17.19
CA HIS A 14 -26.98 -22.06 -18.65
C HIS A 14 -26.75 -20.66 -19.18
N ALA A 15 -26.33 -19.75 -18.29
CA ALA A 15 -26.02 -18.38 -18.68
C ALA A 15 -24.75 -18.32 -19.50
N SER A 16 -24.73 -17.41 -20.47
CA SER A 16 -23.58 -17.26 -21.36
C SER A 16 -22.45 -16.51 -20.68
N PRO A 17 -21.25 -16.67 -21.20
CA PRO A 17 -20.08 -15.94 -20.69
C PRO A 17 -20.36 -14.44 -20.63
N GLU A 18 -21.12 -13.95 -21.61
CA GLU A 18 -21.47 -12.54 -21.67
C GLU A 18 -22.43 -12.16 -20.56
N ASP A 19 -23.30 -13.09 -20.19
CA ASP A 19 -24.21 -12.90 -19.07
C ASP A 19 -23.45 -12.90 -17.74
N ILE A 20 -22.40 -13.70 -17.67
CA ILE A 20 -21.49 -13.68 -16.53
C ILE A 20 -20.78 -12.34 -16.42
N LYS A 21 -20.40 -11.79 -17.57
CA LYS A 21 -19.79 -10.46 -17.62
C LYS A 21 -20.77 -9.40 -17.12
N LYS A 22 -22.03 -9.53 -17.52
CA LYS A 22 -23.06 -8.59 -17.09
C LYS A 22 -23.24 -8.62 -15.57
N ALA A 23 -23.42 -9.81 -15.03
CA ALA A 23 -23.58 -9.99 -13.59
C ALA A 23 -22.36 -9.49 -12.83
N TYR A 24 -21.18 -9.80 -13.38
CA TYR A 24 -19.93 -9.29 -12.81
C TYR A 24 -19.96 -7.78 -12.68
N ARG A 25 -20.23 -7.09 -13.78
CA ARG A 25 -20.24 -5.64 -13.79
C ARG A 25 -21.35 -5.08 -12.92
N LYS A 26 -22.50 -5.75 -12.94
CA LYS A 26 -23.65 -5.34 -12.14
C LYS A 26 -23.31 -5.33 -10.66
N LEU A 27 -22.84 -6.46 -10.16
CA LEU A 27 -22.55 -6.61 -8.73
C LEU A 27 -21.28 -5.86 -8.36
N ALA A 28 -20.37 -5.72 -9.32
CA ALA A 28 -19.18 -4.92 -9.12
C ALA A 28 -19.52 -3.51 -8.64
N LEU A 29 -20.49 -2.90 -9.32
CA LEU A 29 -21.01 -1.59 -8.90
C LEU A 29 -21.82 -1.71 -7.61
N LYS A 30 -22.72 -2.68 -7.58
CA LYS A 30 -23.70 -2.78 -6.49
C LYS A 30 -23.02 -2.81 -5.14
N TRP A 31 -21.99 -3.64 -5.01
CA TRP A 31 -21.33 -3.86 -3.74
C TRP A 31 -19.94 -3.22 -3.71
N HIS A 32 -19.75 -2.20 -4.54
CA HIS A 32 -18.47 -1.51 -4.63
C HIS A 32 -18.19 -0.69 -3.38
N PRO A 33 -17.01 -0.87 -2.81
CA PRO A 33 -16.59 -0.11 -1.63
C PRO A 33 -16.77 1.38 -1.86
N ASP A 34 -16.54 1.83 -3.10
CA ASP A 34 -16.70 3.23 -3.45
C ASP A 34 -18.16 3.63 -3.51
N LYS A 35 -19.01 2.67 -3.88
CA LYS A 35 -20.46 2.90 -3.91
C LYS A 35 -21.03 2.94 -2.50
N ASN A 36 -20.53 2.09 -1.63
CA ASN A 36 -20.98 2.04 -0.24
C ASN A 36 -19.83 2.29 0.72
N PRO A 37 -19.42 3.55 0.83
CA PRO A 37 -18.29 3.91 1.69
C PRO A 37 -18.66 3.83 3.16
N GLU A 38 -19.96 3.72 3.43
CA GLU A 38 -20.45 3.61 4.80
C GLU A 38 -20.47 2.16 5.25
N ASN A 39 -20.13 1.25 4.34
CA ASN A 39 -20.08 -0.17 4.67
C ASN A 39 -19.04 -0.88 3.82
N LYS A 40 -17.81 -0.40 3.86
CA LYS A 40 -16.73 -0.96 3.05
C LYS A 40 -16.33 -2.34 3.55
N GLU A 41 -16.81 -2.69 4.73
CA GLU A 41 -16.52 -4.00 5.31
C GLU A 41 -17.19 -5.12 4.53
N GLU A 42 -18.52 -5.07 4.45
CA GLU A 42 -19.28 -6.06 3.70
C GLU A 42 -19.17 -5.83 2.21
N ALA A 43 -18.96 -4.57 1.81
CA ALA A 43 -18.80 -4.22 0.41
C ALA A 43 -17.55 -4.85 -0.18
N GLU A 44 -16.41 -4.67 0.50
CA GLU A 44 -15.15 -5.25 0.06
C GLU A 44 -15.26 -6.76 -0.08
N ARG A 45 -15.82 -7.40 0.95
CA ARG A 45 -15.87 -8.87 0.99
C ARG A 45 -16.66 -9.41 -0.19
N LYS A 46 -17.82 -8.83 -0.45
CA LYS A 46 -18.69 -9.29 -1.53
C LYS A 46 -18.17 -8.82 -2.89
N PHE A 47 -17.63 -7.61 -2.92
CA PHE A 47 -17.03 -7.08 -4.14
C PHE A 47 -15.92 -7.99 -4.66
N LYS A 48 -15.04 -8.42 -3.75
CA LYS A 48 -13.93 -9.29 -4.11
C LYS A 48 -14.42 -10.71 -4.41
N GLN A 49 -15.44 -11.15 -3.66
CA GLN A 49 -16.06 -12.45 -3.91
C GLN A 49 -16.57 -12.55 -5.34
N VAL A 50 -17.25 -11.50 -5.80
CA VAL A 50 -17.76 -11.46 -7.16
C VAL A 50 -16.64 -11.60 -8.18
N ALA A 51 -15.51 -10.94 -7.90
CA ALA A 51 -14.34 -11.03 -8.77
C ALA A 51 -13.86 -12.46 -8.90
N GLU A 52 -13.83 -13.18 -7.78
CA GLU A 52 -13.43 -14.58 -7.77
C GLU A 52 -14.34 -15.42 -8.65
N ALA A 53 -15.64 -15.27 -8.45
CA ALA A 53 -16.63 -15.98 -9.27
C ALA A 53 -16.43 -15.69 -10.75
N TYR A 54 -16.22 -14.42 -11.09
CA TYR A 54 -16.00 -14.02 -12.47
C TYR A 54 -14.76 -14.68 -13.04
N GLU A 55 -13.65 -14.61 -12.29
CA GLU A 55 -12.39 -15.20 -12.72
C GLU A 55 -12.59 -16.65 -13.16
N VAL A 56 -13.25 -17.43 -12.31
CA VAL A 56 -13.41 -18.86 -12.56
C VAL A 56 -14.36 -19.12 -13.71
N LEU A 57 -15.52 -18.47 -13.68
CA LEU A 57 -16.57 -18.72 -14.66
C LEU A 57 -16.20 -18.19 -16.03
N SER A 58 -15.38 -17.14 -16.05
CA SER A 58 -14.90 -16.57 -17.30
C SER A 58 -13.76 -17.41 -17.88
N ASP A 59 -13.03 -18.09 -17.01
CA ASP A 59 -12.02 -19.04 -17.43
C ASP A 59 -12.60 -20.43 -17.60
N ALA A 60 -12.89 -20.81 -18.84
CA ALA A 60 -13.62 -22.04 -19.12
C ALA A 60 -12.93 -23.24 -18.49
N LYS A 61 -11.60 -23.22 -18.50
CA LYS A 61 -10.81 -24.31 -17.94
C LYS A 61 -11.08 -24.47 -16.45
N LYS A 62 -10.97 -23.37 -15.71
CA LYS A 62 -11.19 -23.39 -14.26
C LYS A 62 -12.61 -23.81 -13.93
N ARG A 63 -13.58 -23.25 -14.67
CA ARG A 63 -14.98 -23.60 -14.48
C ARG A 63 -15.19 -25.11 -14.61
N ASP A 64 -14.63 -25.68 -15.67
CA ASP A 64 -14.74 -27.12 -15.90
C ASP A 64 -14.16 -27.91 -14.74
N ILE A 65 -13.04 -27.43 -14.20
CA ILE A 65 -12.39 -28.08 -13.07
C ILE A 65 -13.28 -28.09 -11.84
N TYR A 66 -13.89 -26.94 -11.56
CA TYR A 66 -14.81 -26.82 -10.44
C TYR A 66 -16.03 -27.71 -10.62
N ASP A 67 -16.49 -27.83 -11.87
CA ASP A 67 -17.59 -28.71 -12.19
C ASP A 67 -17.24 -30.17 -11.89
N LYS A 68 -16.04 -30.58 -12.28
CA LYS A 68 -15.56 -31.93 -12.00
C LYS A 68 -15.40 -32.15 -10.50
N TYR A 69 -15.01 -31.10 -9.78
CA TYR A 69 -14.88 -31.15 -8.33
C TYR A 69 -16.21 -31.47 -7.67
N GLY A 70 -17.24 -30.74 -8.09
CA GLY A 70 -18.59 -30.96 -7.56
C GLY A 70 -18.73 -30.39 -6.15
N LYS A 71 -18.53 -29.09 -6.01
CA LYS A 71 -18.66 -28.42 -4.73
C LYS A 71 -20.08 -28.55 -4.18
N GLU A 72 -21.04 -27.98 -4.91
CA GLU A 72 -22.45 -28.14 -4.56
C GLU A 72 -22.72 -27.78 -3.11
N GLY A 73 -22.19 -26.62 -2.70
CA GLY A 73 -22.46 -26.10 -1.37
C GLY A 73 -21.34 -26.44 -0.39
N LEU A 74 -20.56 -27.45 -0.74
CA LEU A 74 -19.45 -27.89 0.10
C LEU A 74 -18.56 -26.74 0.51
N ASN A 75 -18.63 -26.36 1.78
CA ASN A 75 -17.84 -25.24 2.29
C ASN A 75 -16.42 -25.66 2.63
N GLY A 76 -15.46 -25.07 1.93
CA GLY A 76 -14.05 -25.39 2.15
C GLY A 76 -13.58 -24.90 3.51
N GLY A 77 -14.36 -24.01 4.12
CA GLY A 77 -14.03 -23.48 5.43
C GLY A 77 -13.93 -21.95 5.39
N GLY A 78 -14.79 -21.33 4.59
CA GLY A 78 -14.84 -19.88 4.50
C GLY A 78 -16.14 -19.34 5.08
N GLY A 79 -16.35 -18.03 4.95
CA GLY A 79 -17.57 -17.39 5.43
C GLY A 79 -18.49 -17.03 4.27
N GLY A 80 -19.55 -16.27 4.58
CA GLY A 80 -20.53 -15.90 3.58
C GLY A 80 -19.91 -15.01 2.51
N GLY A 81 -18.98 -14.16 2.91
CA GLY A 81 -18.28 -13.27 1.99
C GLY A 81 -16.87 -13.77 1.68
N SER A 82 -16.71 -15.09 1.65
CA SER A 82 -15.43 -15.69 1.36
C SER A 82 -14.91 -15.26 -0.01
N HIS A 83 -13.64 -14.86 -0.07
CA HIS A 83 -13.03 -14.42 -1.32
C HIS A 83 -11.54 -14.69 -1.32
N PHE A 84 -11.15 -15.88 -0.87
CA PHE A 84 -9.74 -16.20 -0.67
C PHE A 84 -9.50 -17.70 -0.83
N ASP A 85 -8.23 -18.09 -0.80
CA ASP A 85 -7.86 -19.50 -0.95
C ASP A 85 -8.43 -20.33 0.19
N SER A 86 -9.35 -21.24 -0.15
CA SER A 86 -10.09 -21.99 0.86
C SER A 86 -9.20 -23.05 1.51
N PRO A 87 -9.45 -23.31 2.79
CA PRO A 87 -8.67 -24.30 3.53
C PRO A 87 -8.67 -25.64 2.82
N PHE A 88 -7.48 -26.20 2.62
CA PHE A 88 -7.34 -27.53 2.07
C PHE A 88 -7.89 -27.62 0.66
N GLU A 89 -7.84 -26.49 -0.06
CA GLU A 89 -8.19 -26.47 -1.47
C GLU A 89 -7.01 -26.01 -2.32
N PHE A 90 -5.87 -26.65 -2.15
CA PHE A 90 -4.63 -26.22 -2.77
C PHE A 90 -4.51 -26.77 -4.19
N GLY A 91 -5.49 -27.55 -4.60
CA GLY A 91 -5.58 -28.01 -5.98
C GLY A 91 -6.15 -26.95 -6.90
N PHE A 92 -6.62 -25.85 -6.31
CA PHE A 92 -7.15 -24.73 -7.06
C PHE A 92 -6.21 -23.53 -7.00
N THR A 93 -6.11 -22.81 -8.11
CA THR A 93 -5.33 -21.58 -8.15
C THR A 93 -6.22 -20.35 -8.00
N PHE A 94 -6.03 -19.63 -6.89
CA PHE A 94 -6.82 -18.45 -6.60
C PHE A 94 -6.10 -17.17 -7.00
N ARG A 95 -6.81 -16.28 -7.67
CA ARG A 95 -6.22 -15.01 -8.11
C ARG A 95 -6.63 -13.86 -7.19
N ASN A 96 -5.69 -12.96 -6.93
CA ASN A 96 -5.97 -11.78 -6.12
C ASN A 96 -7.06 -10.93 -6.76
N PRO A 97 -8.17 -10.77 -6.04
CA PRO A 97 -9.29 -9.97 -6.53
C PRO A 97 -8.83 -8.59 -6.96
N ASP A 98 -7.85 -8.04 -6.26
CA ASP A 98 -7.33 -6.71 -6.56
C ASP A 98 -6.67 -6.69 -7.94
N ASP A 99 -6.00 -7.78 -8.29
CA ASP A 99 -5.37 -7.90 -9.60
C ASP A 99 -6.42 -8.01 -10.70
N VAL A 100 -7.52 -8.69 -10.39
CA VAL A 100 -8.67 -8.73 -11.29
C VAL A 100 -9.22 -7.33 -11.55
N PHE A 101 -9.37 -6.55 -10.48
CA PHE A 101 -9.86 -5.18 -10.60
C PHE A 101 -8.88 -4.31 -11.37
N ARG A 102 -7.59 -4.53 -11.14
CA ARG A 102 -6.55 -3.82 -11.88
C ARG A 102 -6.69 -4.04 -13.39
N GLU A 103 -6.92 -5.29 -13.77
CA GLU A 103 -7.05 -5.64 -15.18
C GLU A 103 -8.28 -5.01 -15.81
N PHE A 104 -9.44 -5.25 -15.20
CA PHE A 104 -10.72 -5.05 -15.86
C PHE A 104 -11.28 -3.66 -15.55
N PHE A 105 -10.86 -3.09 -14.42
CA PHE A 105 -11.36 -1.81 -13.98
C PHE A 105 -10.25 -0.76 -13.94
N GLY A 106 -9.05 -1.21 -13.59
CA GLY A 106 -7.91 -0.30 -13.43
C GLY A 106 -7.68 0.02 -11.96
N GLY A 107 -8.28 -0.77 -11.07
CA GLY A 107 -8.14 -0.57 -9.64
C GLY A 107 -8.99 0.60 -9.17
N ARG A 108 -10.20 0.71 -9.71
CA ARG A 108 -11.08 1.83 -9.42
C ARG A 108 -12.52 1.51 -9.80
N ASP A 109 -13.45 2.37 -9.35
CA ASP A 109 -14.84 2.27 -9.78
C ASP A 109 -14.97 2.59 -11.27
N PRO A 110 -15.41 1.60 -12.03
CA PRO A 110 -15.48 1.73 -13.49
C PRO A 110 -16.64 2.64 -13.90
N PHE A 111 -17.49 2.99 -12.94
CA PHE A 111 -18.63 3.86 -13.21
C PHE A 111 -18.38 5.26 -12.64
N SER A 112 -17.14 5.53 -12.24
CA SER A 112 -16.76 6.85 -11.79
C SER A 112 -16.22 7.69 -12.93
N PHE A 113 -16.13 9.01 -12.72
CA PHE A 113 -15.67 9.93 -13.75
C PHE A 113 -14.55 10.82 -13.22
N ASP A 114 -13.57 11.10 -14.07
CA ASP A 114 -12.42 11.92 -13.70
C ASP A 114 -12.79 13.40 -13.66
N PHE A 115 -13.96 13.72 -14.20
CA PHE A 115 -14.36 15.12 -14.38
C PHE A 115 -15.56 15.45 -13.50
N PHE A 116 -16.20 14.42 -12.97
CA PHE A 116 -17.41 14.61 -12.16
C PHE A 116 -17.23 14.06 -10.76
N GLU A 117 -16.47 12.97 -10.66
CA GLU A 117 -16.20 12.35 -9.36
C GLU A 117 -14.79 12.67 -8.87
N ASP A 118 -14.49 13.96 -8.77
CA ASP A 118 -13.17 14.41 -8.34
C ASP A 118 -12.84 13.89 -6.95
N PRO A 119 -11.61 13.40 -6.78
CA PRO A 119 -11.18 12.87 -5.50
C PRO A 119 -11.44 13.84 -4.36
N PHE A 120 -11.25 15.13 -4.65
CA PHE A 120 -11.26 16.15 -3.61
C PHE A 120 -12.67 16.71 -3.41
N GLU A 121 -13.66 16.01 -3.94
CA GLU A 121 -15.05 16.35 -3.71
C GLU A 121 -15.76 15.27 -2.88
N ASP A 122 -15.01 14.24 -2.50
CA ASP A 122 -15.58 13.13 -1.75
C ASP A 122 -15.22 13.22 -0.28
N PHE A 123 -16.25 13.36 0.56
CA PHE A 123 -16.05 13.39 2.00
C PHE A 123 -15.24 12.19 2.48
N PHE A 124 -15.57 11.02 1.95
CA PHE A 124 -15.01 9.77 2.45
C PHE A 124 -13.61 9.53 1.90
N GLY A 125 -13.33 10.10 0.73
CA GLY A 125 -12.03 9.94 0.09
C GLY A 125 -11.96 8.64 -0.70
N ASN A 126 -13.11 8.22 -1.23
CA ASN A 126 -13.18 6.99 -2.01
C ASN A 126 -13.42 7.29 -3.49
N ARG A 127 -12.79 8.35 -3.99
CA ARG A 127 -12.80 8.65 -5.41
C ARG A 127 -11.40 8.92 -5.93
N ARG A 128 -10.40 8.43 -5.21
CA ARG A 128 -9.01 8.64 -5.59
C ARG A 128 -8.55 7.57 -6.58
N GLY A 129 -9.14 6.39 -6.47
CA GLY A 129 -8.82 5.28 -7.38
C GLY A 129 -7.78 4.36 -6.77
N PRO A 130 -6.85 3.88 -7.59
CA PRO A 130 -5.83 2.94 -7.13
C PRO A 130 -4.70 3.67 -6.41
N ARG A 131 -3.50 3.10 -6.48
CA ARG A 131 -2.34 3.69 -5.80
C ARG A 131 -1.45 4.42 -6.79
N GLY A 132 -1.19 5.70 -6.50
CA GLY A 132 -0.37 6.53 -7.39
C GLY A 132 -1.22 7.18 -8.46
N GLY A 133 -2.51 7.33 -8.18
CA GLY A 133 -3.45 7.89 -9.16
C GLY A 133 -3.48 7.05 -10.43
N MET A 134 -3.29 7.71 -11.56
CA MET A 134 -3.19 7.01 -12.84
C MET A 134 -1.76 7.00 -13.35
N GLY A 135 -0.81 7.28 -12.47
CA GLY A 135 0.60 7.34 -12.84
C GLY A 135 1.09 8.78 -12.90
N ASN A 136 0.15 9.72 -13.06
CA ASN A 136 0.49 11.14 -13.10
C ASN A 136 0.43 11.76 -11.72
N PHE A 137 0.03 10.96 -10.73
CA PHE A 137 -0.02 11.42 -9.35
C PHE A 137 0.99 10.66 -8.48
N LYS A 138 2.08 10.22 -9.11
CA LYS A 138 3.11 9.46 -8.41
C LYS A 138 4.50 9.89 -8.84
N SER A 139 5.36 10.17 -7.87
CA SER A 139 6.73 10.60 -8.15
C SER A 139 7.59 10.57 -6.89
N ILE A 140 8.80 10.05 -7.03
CA ILE A 140 9.72 9.94 -5.91
C ILE A 140 11.06 10.59 -6.22
N SER A 141 11.46 11.56 -5.40
CA SER A 141 12.77 12.18 -5.51
C SER A 141 13.65 11.83 -4.31
N THR A 142 14.74 11.12 -4.56
CA THR A 142 15.61 10.64 -3.50
C THR A 142 16.95 11.33 -3.53
N SER A 143 17.40 11.81 -2.37
CA SER A 143 18.70 12.44 -2.24
C SER A 143 19.45 11.96 -1.01
N THR A 144 20.66 11.47 -1.21
CA THR A 144 21.45 10.88 -0.14
C THR A 144 22.76 11.64 0.07
N LYS A 145 23.10 11.89 1.33
CA LYS A 145 24.35 12.55 1.67
C LYS A 145 25.00 11.92 2.89
N MET A 146 26.31 12.10 3.01
CA MET A 146 27.06 11.54 4.14
C MET A 146 27.27 12.58 5.23
N VAL A 147 26.79 12.28 6.42
CA VAL A 147 26.93 13.18 7.57
C VAL A 147 27.52 12.46 8.76
N ASN A 148 28.78 12.77 9.07
CA ASN A 148 29.47 12.14 10.18
C ASN A 148 29.53 10.63 10.02
N GLY A 149 29.65 10.18 8.77
CA GLY A 149 29.80 8.76 8.48
C GLY A 149 28.44 8.09 8.30
N ARG A 150 27.38 8.84 8.54
CA ARG A 150 26.02 8.31 8.47
C ARG A 150 25.39 8.58 7.10
N LYS A 151 24.61 7.63 6.62
CA LYS A 151 23.92 7.78 5.35
C LYS A 151 22.56 8.47 5.53
N ILE A 152 22.52 9.76 5.22
CA ILE A 152 21.30 10.54 5.40
C ILE A 152 20.54 10.67 4.08
N THR A 153 19.35 10.06 4.03
CA THR A 153 18.56 10.05 2.81
C THR A 153 17.24 10.78 3.01
N THR A 154 16.92 11.69 2.09
CA THR A 154 15.63 12.36 2.09
C THR A 154 14.80 11.95 0.88
N LYS A 155 13.65 11.34 1.14
CA LYS A 155 12.76 10.87 0.07
C LYS A 155 11.51 11.72 -0.02
N ARG A 156 11.35 12.41 -1.15
CA ARG A 156 10.10 13.11 -1.43
C ARG A 156 9.15 12.25 -2.25
N ILE A 157 8.18 11.65 -1.57
CA ILE A 157 7.34 10.63 -2.17
C ILE A 157 5.92 11.13 -2.39
N VAL A 158 5.49 11.12 -3.65
CA VAL A 158 4.12 11.48 -3.99
C VAL A 158 3.30 10.25 -4.35
N GLU A 159 2.22 10.02 -3.62
CA GLU A 159 1.28 8.95 -3.95
C GLU A 159 -0.16 9.43 -3.84
N ASN A 160 -0.91 9.28 -4.94
CA ASN A 160 -2.29 9.74 -4.99
C ASN A 160 -2.37 11.26 -4.80
N GLY A 161 -1.34 11.95 -5.26
CA GLY A 161 -1.30 13.41 -5.16
C GLY A 161 -0.85 13.86 -3.77
N GLN A 162 -0.51 12.88 -2.92
CA GLN A 162 -0.13 13.17 -1.54
C GLN A 162 1.38 13.11 -1.37
N GLU A 163 1.99 14.28 -1.19
CA GLU A 163 3.44 14.37 -1.05
C GLU A 163 3.87 14.26 0.41
N ARG A 164 4.86 13.42 0.68
CA ARG A 164 5.42 13.31 2.02
C ARG A 164 6.93 13.17 1.97
N VAL A 165 7.60 13.59 3.06
CA VAL A 165 9.04 13.49 3.15
C VAL A 165 9.46 12.42 4.16
N GLU A 166 10.37 11.54 3.74
CA GLU A 166 10.89 10.51 4.62
C GLU A 166 12.40 10.66 4.81
N VAL A 167 12.82 10.99 6.03
CA VAL A 167 14.23 11.17 6.34
C VAL A 167 14.80 9.94 7.04
N GLU A 168 15.79 9.31 6.42
CA GLU A 168 16.33 8.04 6.91
C GLU A 168 17.80 8.20 7.30
N GLU A 169 18.20 7.49 8.35
CA GLU A 169 19.61 7.41 8.72
C GLU A 169 20.09 5.96 8.73
N ASP A 170 20.90 5.60 7.74
CA ASP A 170 21.38 4.23 7.59
C ASP A 170 20.22 3.25 7.50
N GLY A 171 19.12 3.70 6.91
CA GLY A 171 17.96 2.84 6.67
C GLY A 171 16.85 3.14 7.67
N GLN A 172 17.22 3.70 8.81
CA GLN A 172 16.27 3.96 9.89
C GLN A 172 15.54 5.27 9.68
N LEU A 173 14.22 5.19 9.56
CA LEU A 173 13.38 6.38 9.43
C LEU A 173 13.44 7.23 10.69
N LYS A 174 13.90 8.46 10.55
CA LYS A 174 14.06 9.37 11.69
C LYS A 174 12.94 10.39 11.75
N SER A 175 12.50 10.84 10.59
CA SER A 175 11.49 11.90 10.51
C SER A 175 10.50 11.63 9.39
N LEU A 176 9.23 11.91 9.66
CA LEU A 176 8.17 11.71 8.68
C LEU A 176 7.23 12.91 8.62
N THR A 177 7.16 13.55 7.46
CA THR A 177 6.25 14.69 7.27
C THR A 177 5.32 14.44 6.10
N ILE A 178 4.01 14.51 6.38
CA ILE A 178 3.00 14.21 5.37
C ILE A 178 2.11 15.41 5.10
N ASN A 179 2.17 15.92 3.88
CA ASN A 179 1.35 17.07 3.49
C ASN A 179 1.61 18.26 4.41
N GLY A 180 2.85 18.42 4.84
CA GLY A 180 3.24 19.57 5.64
C GLY A 180 3.01 19.30 7.13
N LYS A 181 2.45 18.14 7.44
CA LYS A 181 2.12 17.79 8.81
C LYS A 181 3.16 16.82 9.39
N GLU A 182 3.94 17.30 10.35
CA GLU A 182 4.95 16.47 11.00
C GLU A 182 4.31 15.35 11.81
N GLN A 183 4.73 14.12 11.51
CA GLN A 183 4.21 12.96 12.23
C GLN A 183 5.22 12.46 13.26
N LEU A 184 4.72 11.83 14.32
CA LEU A 184 5.57 11.24 15.34
C LEU A 184 5.72 9.73 15.13
N LEU A 185 6.96 9.25 15.17
CA LEU A 185 7.23 7.83 14.99
C LEU A 185 7.24 7.10 16.32
N ARG A 186 7.56 7.81 17.39
CA ARG A 186 7.61 7.23 18.72
C ARG A 186 6.22 7.07 19.30
N LEU A 187 5.44 6.16 18.72
CA LEU A 187 4.07 5.91 19.17
C LEU A 187 3.93 4.51 19.75
N ASP A 188 4.99 4.01 20.36
CA ASP A 188 5.00 2.66 20.92
C ASP A 188 5.59 2.65 22.33
N ASN A 189 5.43 3.76 23.04
CA ASN A 189 5.94 3.89 24.40
C ASN A 189 4.92 3.40 25.42
N LYS A 190 5.41 2.93 26.56
CA LYS A 190 4.53 2.42 27.62
C LYS A 190 4.46 3.40 28.79
N GLY A 1 -14.59 -36.53 -8.35
CA GLY A 1 -15.35 -35.91 -9.44
C GLY A 1 -14.54 -34.81 -10.11
N MET A 2 -14.44 -33.66 -9.46
CA MET A 2 -13.64 -32.55 -9.96
C MET A 2 -13.22 -31.63 -8.82
N VAL A 3 -12.23 -30.79 -9.08
CA VAL A 3 -11.68 -29.90 -8.06
C VAL A 3 -12.62 -28.73 -7.80
N ASP A 4 -13.01 -28.54 -6.55
CA ASP A 4 -13.97 -27.52 -6.18
C ASP A 4 -13.53 -26.15 -6.65
N TYR A 5 -12.23 -25.93 -6.69
CA TYR A 5 -11.67 -24.66 -7.13
C TYR A 5 -12.11 -24.32 -8.54
N TYR A 6 -12.24 -25.35 -9.37
CA TYR A 6 -12.74 -25.18 -10.73
C TYR A 6 -14.21 -24.75 -10.73
N GLU A 7 -14.98 -25.30 -9.80
CA GLU A 7 -16.37 -24.91 -9.63
C GLU A 7 -16.49 -23.48 -9.11
N VAL A 8 -15.53 -23.09 -8.27
CA VAL A 8 -15.43 -21.70 -7.84
C VAL A 8 -15.17 -20.77 -9.01
N LEU A 9 -14.30 -21.20 -9.92
CA LEU A 9 -14.01 -20.44 -11.13
C LEU A 9 -15.19 -20.49 -12.10
N GLY A 10 -15.98 -21.55 -12.01
CA GLY A 10 -17.17 -21.69 -12.84
C GLY A 10 -16.81 -22.30 -14.20
N VAL A 11 -15.74 -23.08 -14.22
CA VAL A 11 -15.27 -23.68 -15.46
C VAL A 11 -15.15 -25.20 -15.33
N GLN A 12 -14.70 -25.85 -16.39
CA GLN A 12 -14.59 -27.30 -16.41
C GLN A 12 -13.29 -27.76 -15.76
N ARG A 13 -13.24 -29.03 -15.37
CA ARG A 13 -12.07 -29.57 -14.70
C ARG A 13 -10.89 -29.70 -15.65
N HIS A 14 -11.17 -29.57 -16.95
CA HIS A 14 -10.13 -29.67 -17.97
C HIS A 14 -9.76 -28.30 -18.51
N ALA A 15 -10.15 -27.25 -17.79
CA ALA A 15 -9.85 -25.88 -18.19
C ALA A 15 -8.35 -25.63 -18.17
N SER A 16 -7.86 -24.89 -19.16
CA SER A 16 -6.44 -24.59 -19.26
C SER A 16 -6.04 -23.47 -18.31
N PRO A 17 -4.73 -23.36 -18.06
CA PRO A 17 -4.21 -22.29 -17.22
C PRO A 17 -4.69 -20.92 -17.70
N GLU A 18 -4.81 -20.78 -19.02
CA GLU A 18 -5.26 -19.52 -19.60
C GLU A 18 -6.75 -19.29 -19.36
N ASP A 19 -7.50 -20.39 -19.33
CA ASP A 19 -8.92 -20.34 -18.96
C ASP A 19 -9.08 -20.00 -17.49
N ILE A 20 -8.19 -20.51 -16.65
CA ILE A 20 -8.17 -20.16 -15.24
C ILE A 20 -7.89 -18.67 -15.04
N LYS A 21 -6.95 -18.13 -15.81
CA LYS A 21 -6.65 -16.71 -15.77
C LYS A 21 -7.89 -15.89 -16.12
N LYS A 22 -8.55 -16.25 -17.21
CA LYS A 22 -9.74 -15.52 -17.64
C LYS A 22 -10.90 -15.72 -16.67
N ALA A 23 -10.99 -16.92 -16.11
CA ALA A 23 -12.03 -17.23 -15.13
C ALA A 23 -11.95 -16.30 -13.93
N TYR A 24 -10.74 -16.10 -13.42
CA TYR A 24 -10.51 -15.13 -12.36
C TYR A 24 -10.97 -13.73 -12.77
N ARG A 25 -10.51 -13.30 -13.94
CA ARG A 25 -10.81 -11.95 -14.42
C ARG A 25 -12.31 -11.69 -14.43
N LYS A 26 -13.07 -12.66 -14.93
CA LYS A 26 -14.51 -12.51 -15.05
C LYS A 26 -15.17 -12.35 -13.70
N LEU A 27 -14.81 -13.21 -12.76
CA LEU A 27 -15.43 -13.23 -11.44
C LEU A 27 -14.86 -12.12 -10.55
N ALA A 28 -13.61 -11.74 -10.83
CA ALA A 28 -12.99 -10.63 -10.11
C ALA A 28 -13.77 -9.34 -10.31
N LEU A 29 -14.28 -9.15 -11.53
CA LEU A 29 -15.11 -7.98 -11.83
C LEU A 29 -16.56 -8.21 -11.42
N LYS A 30 -17.07 -9.41 -11.70
CA LYS A 30 -18.45 -9.73 -11.43
C LYS A 30 -18.76 -9.66 -9.93
N TRP A 31 -17.93 -10.33 -9.14
CA TRP A 31 -18.11 -10.35 -7.69
C TRP A 31 -17.20 -9.35 -7.00
N HIS A 32 -16.93 -8.24 -7.68
CA HIS A 32 -16.11 -7.17 -7.12
C HIS A 32 -16.82 -6.48 -5.96
N PRO A 33 -16.10 -6.29 -4.86
CA PRO A 33 -16.68 -5.67 -3.67
C PRO A 33 -17.33 -4.33 -4.00
N ASP A 34 -16.73 -3.61 -4.94
CA ASP A 34 -17.21 -2.28 -5.30
C ASP A 34 -18.32 -2.37 -6.33
N LYS A 35 -18.37 -3.47 -7.06
CA LYS A 35 -19.45 -3.73 -8.00
C LYS A 35 -20.77 -4.00 -7.28
N ASN A 36 -20.70 -4.83 -6.25
CA ASN A 36 -21.87 -5.11 -5.42
C ASN A 36 -21.65 -4.63 -3.99
N PRO A 37 -21.84 -3.34 -3.76
CA PRO A 37 -21.63 -2.76 -2.44
C PRO A 37 -22.77 -3.10 -1.49
N GLU A 38 -23.91 -3.49 -2.06
CA GLU A 38 -25.06 -3.90 -1.27
C GLU A 38 -24.78 -5.18 -0.50
N ASN A 39 -24.03 -6.09 -1.13
CA ASN A 39 -23.53 -7.27 -0.45
C ASN A 39 -22.02 -7.34 -0.51
N LYS A 40 -21.36 -6.24 -0.13
CA LYS A 40 -19.91 -6.12 -0.28
C LYS A 40 -19.19 -7.24 0.45
N GLU A 41 -19.72 -7.63 1.60
CA GLU A 41 -19.13 -8.70 2.40
C GLU A 41 -19.13 -10.01 1.63
N GLU A 42 -20.30 -10.38 1.09
CA GLU A 42 -20.41 -11.59 0.28
C GLU A 42 -19.52 -11.52 -0.95
N ALA A 43 -19.51 -10.37 -1.61
CA ALA A 43 -18.68 -10.17 -2.79
C ALA A 43 -17.21 -10.35 -2.46
N GLU A 44 -16.78 -9.75 -1.35
CA GLU A 44 -15.41 -9.88 -0.89
C GLU A 44 -15.03 -11.34 -0.67
N ARG A 45 -15.89 -12.06 0.05
CA ARG A 45 -15.63 -13.45 0.37
C ARG A 45 -15.50 -14.30 -0.88
N LYS A 46 -16.43 -14.12 -1.81
CA LYS A 46 -16.42 -14.86 -3.06
C LYS A 46 -15.20 -14.50 -3.91
N PHE A 47 -14.86 -13.22 -3.92
CA PHE A 47 -13.64 -12.76 -4.60
C PHE A 47 -12.41 -13.49 -4.08
N LYS A 48 -12.30 -13.58 -2.76
CA LYS A 48 -11.15 -14.23 -2.13
C LYS A 48 -11.13 -15.72 -2.46
N GLN A 49 -12.30 -16.34 -2.49
CA GLN A 49 -12.42 -17.74 -2.89
C GLN A 49 -11.87 -17.95 -4.30
N VAL A 50 -12.23 -17.06 -5.22
CA VAL A 50 -11.75 -17.15 -6.60
C VAL A 50 -10.25 -16.96 -6.68
N ALA A 51 -9.73 -16.03 -5.88
CA ALA A 51 -8.29 -15.78 -5.82
C ALA A 51 -7.54 -17.03 -5.35
N GLU A 52 -8.09 -17.70 -4.35
CA GLU A 52 -7.52 -18.95 -3.85
C GLU A 52 -7.51 -20.01 -4.95
N ALA A 53 -8.65 -20.18 -5.61
CA ALA A 53 -8.75 -21.11 -6.74
C ALA A 53 -7.68 -20.81 -7.79
N TYR A 54 -7.51 -19.54 -8.11
CA TYR A 54 -6.52 -19.12 -9.09
C TYR A 54 -5.12 -19.53 -8.65
N GLU A 55 -4.74 -19.15 -7.43
CA GLU A 55 -3.38 -19.32 -6.96
C GLU A 55 -3.02 -20.81 -6.85
N VAL A 56 -4.00 -21.61 -6.46
CA VAL A 56 -3.78 -23.06 -6.30
C VAL A 56 -3.71 -23.74 -7.67
N LEU A 57 -4.72 -23.51 -8.49
CA LEU A 57 -4.85 -24.22 -9.76
C LEU A 57 -3.78 -23.79 -10.75
N SER A 58 -3.24 -22.59 -10.54
CA SER A 58 -2.18 -22.07 -11.40
C SER A 58 -0.82 -22.60 -10.97
N ASP A 59 -0.78 -23.25 -9.82
CA ASP A 59 0.46 -23.77 -9.27
C ASP A 59 0.64 -25.25 -9.60
N ALA A 60 1.53 -25.54 -10.54
CA ALA A 60 1.66 -26.89 -11.07
C ALA A 60 2.08 -27.88 -9.98
N LYS A 61 2.90 -27.41 -9.06
CA LYS A 61 3.38 -28.25 -7.96
C LYS A 61 2.24 -28.69 -7.06
N LYS A 62 1.34 -27.76 -6.75
CA LYS A 62 0.14 -28.07 -5.98
C LYS A 62 -0.74 -29.07 -6.71
N ARG A 63 -0.87 -28.88 -8.02
CA ARG A 63 -1.68 -29.77 -8.85
C ARG A 63 -1.18 -31.21 -8.75
N ASP A 64 0.11 -31.40 -8.97
CA ASP A 64 0.70 -32.73 -8.93
C ASP A 64 0.49 -33.38 -7.56
N ILE A 65 0.77 -32.61 -6.51
CA ILE A 65 0.62 -33.12 -5.15
C ILE A 65 -0.82 -33.53 -4.86
N TYR A 66 -1.76 -32.68 -5.25
CA TYR A 66 -3.17 -32.90 -4.94
C TYR A 66 -3.74 -34.03 -5.78
N ASP A 67 -3.21 -34.19 -6.98
CA ASP A 67 -3.60 -35.30 -7.86
C ASP A 67 -3.18 -36.64 -7.27
N LYS A 68 -2.00 -36.66 -6.66
CA LYS A 68 -1.50 -37.87 -6.00
C LYS A 68 -2.23 -38.12 -4.69
N TYR A 69 -2.53 -37.05 -3.96
CA TYR A 69 -3.21 -37.16 -2.68
C TYR A 69 -4.69 -37.47 -2.88
N GLY A 70 -5.24 -37.01 -3.98
CA GLY A 70 -6.67 -37.16 -4.25
C GLY A 70 -7.46 -36.00 -3.67
N LYS A 71 -6.82 -34.84 -3.56
CA LYS A 71 -7.48 -33.65 -3.05
C LYS A 71 -8.18 -32.88 -4.17
N GLU A 72 -9.47 -32.65 -4.01
CA GLU A 72 -10.25 -31.96 -5.03
C GLU A 72 -10.87 -30.68 -4.48
N GLY A 73 -10.02 -29.79 -3.98
CA GLY A 73 -10.48 -28.55 -3.35
C GLY A 73 -10.79 -28.77 -1.87
N LEU A 74 -9.97 -29.60 -1.21
CA LEU A 74 -10.18 -29.92 0.20
C LEU A 74 -10.05 -28.67 1.06
N ASN A 75 -11.04 -28.47 1.93
CA ASN A 75 -11.04 -27.31 2.82
C ASN A 75 -10.23 -27.58 4.08
N GLY A 76 -9.10 -26.89 4.20
CA GLY A 76 -8.19 -27.08 5.32
C GLY A 76 -8.44 -26.05 6.41
N GLY A 77 -9.68 -25.95 6.86
CA GLY A 77 -10.05 -25.08 7.97
C GLY A 77 -10.15 -23.63 7.51
N GLY A 78 -10.72 -23.42 6.33
CA GLY A 78 -10.89 -22.08 5.80
C GLY A 78 -12.34 -21.61 5.92
N GLY A 79 -12.52 -20.31 6.07
CA GLY A 79 -13.85 -19.73 6.22
C GLY A 79 -14.38 -19.22 4.88
N GLY A 80 -15.40 -18.37 4.95
CA GLY A 80 -16.05 -17.86 3.74
C GLY A 80 -15.07 -17.05 2.89
N GLY A 81 -14.19 -16.31 3.55
CA GLY A 81 -13.21 -15.48 2.86
C GLY A 81 -11.83 -16.13 2.87
N SER A 82 -11.81 -17.47 2.86
CA SER A 82 -10.56 -18.21 2.84
C SER A 82 -9.69 -17.81 1.65
N HIS A 83 -8.40 -17.63 1.90
CA HIS A 83 -7.44 -17.36 0.84
C HIS A 83 -6.01 -17.61 1.31
N PHE A 84 -5.75 -18.83 1.76
CA PHE A 84 -4.44 -19.18 2.32
C PHE A 84 -3.99 -20.55 1.84
N ASP A 85 -2.69 -20.81 1.94
CA ASP A 85 -2.15 -22.13 1.68
C ASP A 85 -2.67 -23.16 2.68
N SER A 86 -2.60 -24.43 2.32
CA SER A 86 -3.20 -25.49 3.13
C SER A 86 -2.32 -25.82 4.33
N PRO A 87 -2.94 -26.34 5.38
CA PRO A 87 -2.21 -26.76 6.58
C PRO A 87 -1.07 -27.72 6.23
N PHE A 88 0.08 -27.49 6.83
CA PHE A 88 1.26 -28.33 6.57
C PHE A 88 1.64 -28.28 5.09
N GLU A 89 1.25 -27.20 4.41
CA GLU A 89 1.64 -26.99 3.02
C GLU A 89 1.94 -25.53 2.75
N PHE A 90 2.85 -24.97 3.54
CA PHE A 90 3.14 -23.53 3.48
C PHE A 90 4.50 -23.27 2.85
N GLY A 91 4.88 -24.12 1.89
CA GLY A 91 6.13 -23.93 1.16
C GLY A 91 5.88 -23.24 -0.18
N PHE A 92 4.72 -22.61 -0.32
CA PHE A 92 4.33 -21.98 -1.57
C PHE A 92 4.10 -20.49 -1.38
N THR A 93 4.17 -19.74 -2.47
CA THR A 93 3.94 -18.30 -2.44
C THR A 93 2.50 -17.96 -2.83
N PHE A 94 1.64 -17.80 -1.84
CA PHE A 94 0.27 -17.35 -2.08
C PHE A 94 0.18 -15.83 -2.02
N ARG A 95 -0.18 -15.22 -3.15
CA ARG A 95 -0.24 -13.77 -3.25
C ARG A 95 -1.61 -13.24 -2.85
N ASN A 96 -1.62 -12.07 -2.23
CA ASN A 96 -2.86 -11.43 -1.81
C ASN A 96 -3.84 -11.34 -2.98
N PRO A 97 -5.10 -11.67 -2.71
CA PRO A 97 -6.14 -11.61 -3.74
C PRO A 97 -6.12 -10.27 -4.46
N ASP A 98 -5.84 -9.21 -3.72
CA ASP A 98 -5.79 -7.86 -4.29
C ASP A 98 -4.58 -7.69 -5.20
N ASP A 99 -3.49 -8.34 -4.84
CA ASP A 99 -2.27 -8.29 -5.63
C ASP A 99 -2.42 -9.05 -6.94
N VAL A 100 -3.22 -10.11 -6.90
CA VAL A 100 -3.57 -10.84 -8.12
C VAL A 100 -4.47 -10.02 -9.03
N PHE A 101 -5.39 -9.27 -8.43
CA PHE A 101 -6.19 -8.30 -9.16
C PHE A 101 -5.30 -7.25 -9.81
N ARG A 102 -4.27 -6.81 -9.10
CA ARG A 102 -3.29 -5.87 -9.64
C ARG A 102 -2.54 -6.47 -10.82
N GLU A 103 -2.26 -7.77 -10.73
CA GLU A 103 -1.63 -8.49 -11.83
C GLU A 103 -2.45 -8.37 -13.11
N PHE A 104 -3.75 -8.59 -13.00
CA PHE A 104 -4.62 -8.68 -14.17
C PHE A 104 -5.12 -7.30 -14.59
N PHE A 105 -5.42 -6.46 -13.62
CA PHE A 105 -6.13 -5.21 -13.87
C PHE A 105 -5.29 -4.01 -13.44
N GLY A 106 -4.53 -4.18 -12.36
CA GLY A 106 -3.70 -3.11 -11.84
C GLY A 106 -4.46 -2.25 -10.85
N GLY A 107 -5.58 -2.76 -10.37
CA GLY A 107 -6.45 -2.02 -9.45
C GLY A 107 -7.28 -0.98 -10.19
N ARG A 108 -7.45 -1.19 -11.49
CA ARG A 108 -8.16 -0.22 -12.33
C ARG A 108 -9.56 -0.71 -12.66
N ASP A 109 -10.35 0.15 -13.30
CA ASP A 109 -11.70 -0.21 -13.69
C ASP A 109 -11.82 -0.37 -15.20
N PRO A 110 -11.92 -1.60 -15.66
CA PRO A 110 -11.99 -1.89 -17.09
C PRO A 110 -13.17 -1.19 -17.74
N PHE A 111 -14.20 -0.90 -16.94
CA PHE A 111 -15.45 -0.37 -17.46
C PHE A 111 -15.41 1.16 -17.51
N SER A 112 -14.33 1.74 -17.00
CA SER A 112 -14.16 3.18 -17.03
C SER A 112 -13.32 3.62 -18.23
N PHE A 113 -13.29 4.92 -18.48
CA PHE A 113 -12.50 5.47 -19.57
C PHE A 113 -11.59 6.59 -19.10
N ASP A 114 -10.38 6.66 -19.66
CA ASP A 114 -9.41 7.67 -19.27
C ASP A 114 -9.75 9.02 -19.89
N PHE A 115 -10.69 9.02 -20.82
CA PHE A 115 -11.04 10.22 -21.57
C PHE A 115 -12.43 10.71 -21.23
N PHE A 116 -13.21 9.85 -20.58
CA PHE A 116 -14.60 10.16 -20.26
C PHE A 116 -14.84 10.09 -18.75
N GLU A 117 -14.13 9.19 -18.10
CA GLU A 117 -14.27 9.01 -16.65
C GLU A 117 -13.01 9.47 -15.92
N ASP A 118 -12.52 10.65 -16.28
CA ASP A 118 -11.35 11.23 -15.61
C ASP A 118 -11.78 12.11 -14.44
N PRO A 119 -10.86 12.30 -13.50
CA PRO A 119 -11.14 13.09 -12.31
C PRO A 119 -11.19 14.58 -12.64
N PHE A 120 -10.70 14.94 -13.82
CA PHE A 120 -10.66 16.32 -14.25
C PHE A 120 -12.05 16.83 -14.61
N GLU A 121 -12.97 15.90 -14.82
CA GLU A 121 -14.36 16.24 -15.10
C GLU A 121 -15.29 15.66 -14.05
N ASP A 122 -14.78 15.48 -12.84
CA ASP A 122 -15.57 14.89 -11.75
C ASP A 122 -15.60 15.81 -10.55
N PHE A 123 -16.78 16.34 -10.25
CA PHE A 123 -16.95 17.26 -9.13
C PHE A 123 -16.42 16.66 -7.84
N PHE A 124 -16.75 15.39 -7.60
CA PHE A 124 -16.46 14.75 -6.33
C PHE A 124 -15.03 14.22 -6.29
N GLY A 125 -14.46 13.96 -7.47
CA GLY A 125 -13.09 13.48 -7.58
C GLY A 125 -13.01 12.00 -7.24
N ASN A 126 -13.95 11.22 -7.74
CA ASN A 126 -13.99 9.79 -7.47
C ASN A 126 -13.51 8.99 -8.68
N ARG A 127 -12.51 9.53 -9.37
CA ARG A 127 -11.94 8.85 -10.53
C ARG A 127 -10.42 8.85 -10.47
N ARG A 128 -9.88 8.89 -9.26
CA ARG A 128 -8.43 8.87 -9.05
C ARG A 128 -7.81 7.59 -9.58
N GLY A 129 -8.42 6.46 -9.22
CA GLY A 129 -7.90 5.16 -9.63
C GLY A 129 -7.11 4.51 -8.50
N PRO A 130 -6.23 3.59 -8.86
CA PRO A 130 -5.42 2.87 -7.88
C PRO A 130 -4.29 3.74 -7.35
N ARG A 131 -3.50 3.10 -6.48
CA ARG A 131 -2.34 3.69 -5.80
C ARG A 131 -1.45 4.42 -6.79
N GLY A 132 -1.19 5.70 -6.50
CA GLY A 132 -0.37 6.53 -7.39
C GLY A 132 -1.22 7.18 -8.46
N GLY A 133 -2.51 7.33 -8.18
CA GLY A 133 -3.45 7.89 -9.16
C GLY A 133 -3.49 7.05 -10.43
N MET A 134 -3.29 7.71 -11.56
CA MET A 134 -3.19 7.01 -12.84
C MET A 134 -1.76 7.00 -13.35
N GLY A 135 -0.81 7.28 -12.47
CA GLY A 135 0.60 7.34 -12.84
C GLY A 135 1.09 8.78 -12.90
N ASN A 136 0.15 9.72 -13.06
CA ASN A 136 0.49 11.14 -13.10
C ASN A 136 0.43 11.76 -11.72
N PHE A 137 0.03 10.96 -10.73
CA PHE A 137 -0.02 11.42 -9.35
C PHE A 137 0.99 10.66 -8.48
N LYS A 138 2.08 10.22 -9.11
CA LYS A 138 3.11 9.47 -8.40
C LYS A 138 4.50 9.89 -8.84
N SER A 139 5.36 10.17 -7.87
CA SER A 139 6.73 10.60 -8.15
C SER A 139 7.59 10.57 -6.89
N ILE A 140 8.80 10.05 -7.03
CA ILE A 140 9.72 9.94 -5.91
C ILE A 140 11.07 10.60 -6.22
N SER A 141 11.46 11.56 -5.40
CA SER A 141 12.77 12.18 -5.51
C SER A 141 13.65 11.83 -4.31
N THR A 142 14.74 11.12 -4.56
CA THR A 142 15.61 10.64 -3.50
C THR A 142 16.95 11.33 -3.53
N SER A 143 17.40 11.81 -2.37
CA SER A 143 18.70 12.44 -2.24
C SER A 143 19.45 11.96 -1.01
N THR A 144 20.67 11.46 -1.21
CA THR A 144 21.45 10.88 -0.14
C THR A 144 22.76 11.64 0.07
N LYS A 145 23.10 11.89 1.33
CA LYS A 145 24.35 12.55 1.67
C LYS A 145 25.00 11.92 2.89
N MET A 146 26.31 12.10 3.01
CA MET A 146 27.06 11.54 4.14
C MET A 146 27.27 12.58 5.23
N VAL A 147 26.78 12.27 6.43
CA VAL A 147 26.93 13.18 7.57
C VAL A 147 27.52 12.46 8.76
N ASN A 148 28.78 12.77 9.07
CA ASN A 148 29.47 12.14 10.18
C ASN A 148 29.53 10.63 10.02
N GLY A 149 29.65 10.18 8.77
CA GLY A 149 29.80 8.76 8.48
C GLY A 149 28.44 8.09 8.30
N ARG A 150 27.38 8.84 8.54
CA ARG A 150 26.02 8.31 8.47
C ARG A 150 25.39 8.58 7.10
N LYS A 151 24.60 7.62 6.63
CA LYS A 151 23.92 7.78 5.35
C LYS A 151 22.56 8.47 5.53
N ILE A 152 22.52 9.76 5.22
CA ILE A 152 21.30 10.54 5.40
C ILE A 152 20.54 10.67 4.08
N THR A 153 19.35 10.06 4.03
CA THR A 153 18.56 10.05 2.81
C THR A 153 17.24 10.78 3.01
N THR A 154 16.92 11.69 2.09
CA THR A 154 15.63 12.36 2.09
C THR A 154 14.80 11.95 0.88
N LYS A 155 13.65 11.34 1.14
CA LYS A 155 12.76 10.87 0.07
C LYS A 155 11.51 11.72 -0.02
N ARG A 156 11.35 12.41 -1.15
CA ARG A 156 10.10 13.11 -1.43
C ARG A 156 9.15 12.25 -2.25
N ILE A 157 8.18 11.65 -1.57
CA ILE A 157 7.34 10.63 -2.17
C ILE A 157 5.92 11.13 -2.39
N VAL A 158 5.49 11.12 -3.65
CA VAL A 158 4.12 11.48 -3.99
C VAL A 158 3.30 10.24 -4.36
N GLU A 159 2.22 10.02 -3.62
CA GLU A 159 1.28 8.95 -3.95
C GLU A 159 -0.16 9.43 -3.84
N ASN A 160 -0.91 9.28 -4.94
CA ASN A 160 -2.29 9.74 -4.99
C ASN A 160 -2.37 11.26 -4.80
N GLY A 161 -1.34 11.95 -5.26
CA GLY A 161 -1.30 13.41 -5.16
C GLY A 161 -0.84 13.85 -3.77
N GLN A 162 -0.51 12.88 -2.92
CA GLN A 162 -0.13 13.17 -1.54
C GLN A 162 1.38 13.11 -1.37
N GLU A 163 1.99 14.28 -1.19
CA GLU A 163 3.44 14.37 -1.05
C GLU A 163 3.87 14.26 0.41
N ARG A 164 4.86 13.42 0.68
CA ARG A 164 5.42 13.31 2.02
C ARG A 164 6.93 13.17 1.97
N VAL A 165 7.60 13.59 3.06
CA VAL A 165 9.04 13.49 3.15
C VAL A 165 9.46 12.42 4.16
N GLU A 166 10.37 11.54 3.74
CA GLU A 166 10.89 10.51 4.62
C GLU A 166 12.40 10.66 4.81
N VAL A 167 12.82 10.99 6.03
CA VAL A 167 14.23 11.17 6.34
C VAL A 167 14.80 9.94 7.04
N GLU A 168 15.79 9.31 6.42
CA GLU A 168 16.33 8.04 6.91
C GLU A 168 17.80 8.20 7.30
N GLU A 169 18.20 7.49 8.35
CA GLU A 169 19.61 7.41 8.72
C GLU A 169 20.09 5.96 8.73
N ASP A 170 20.90 5.60 7.74
CA ASP A 170 21.38 4.23 7.59
C ASP A 170 20.22 3.25 7.50
N GLY A 171 19.12 3.70 6.91
CA GLY A 171 17.96 2.84 6.67
C GLY A 171 16.85 3.14 7.67
N GLN A 172 17.22 3.71 8.82
CA GLN A 172 16.27 3.96 9.89
C GLN A 172 15.54 5.27 9.68
N LEU A 173 14.22 5.19 9.56
CA LEU A 173 13.38 6.38 9.43
C LEU A 173 13.44 7.23 10.69
N LYS A 174 13.90 8.46 10.55
CA LYS A 174 14.07 9.36 11.69
C LYS A 174 12.94 10.39 11.75
N SER A 175 12.50 10.84 10.59
CA SER A 175 11.49 11.90 10.51
C SER A 175 10.49 11.64 9.39
N LEU A 176 9.23 11.91 9.66
CA LEU A 176 8.17 11.71 8.68
C LEU A 176 7.23 12.91 8.62
N THR A 177 7.16 13.55 7.46
CA THR A 177 6.25 14.69 7.27
C THR A 177 5.32 14.44 6.10
N ILE A 178 4.01 14.51 6.38
CA ILE A 178 3.00 14.21 5.37
C ILE A 178 2.11 15.41 5.10
N ASN A 179 2.17 15.92 3.88
CA ASN A 179 1.35 17.07 3.49
C ASN A 179 1.61 18.26 4.41
N GLY A 180 2.85 18.42 4.84
CA GLY A 180 3.24 19.57 5.64
C GLY A 180 3.01 19.30 7.13
N LYS A 181 2.45 18.14 7.44
CA LYS A 181 2.12 17.79 8.81
C LYS A 181 3.16 16.82 9.39
N GLU A 182 3.94 17.30 10.35
CA GLU A 182 4.95 16.47 11.00
C GLU A 182 4.31 15.35 11.81
N GLN A 183 4.73 14.12 11.51
CA GLN A 183 4.21 12.96 12.23
C GLN A 183 5.22 12.46 13.26
N LEU A 184 4.72 11.83 14.32
CA LEU A 184 5.57 11.24 15.34
C LEU A 184 5.72 9.73 15.13
N LEU A 185 6.96 9.25 15.17
CA LEU A 185 7.23 7.83 14.99
C LEU A 185 7.24 7.10 16.32
N ARG A 186 7.56 7.81 17.39
CA ARG A 186 7.61 7.23 18.72
C ARG A 186 6.22 7.07 19.30
N LEU A 187 5.44 6.16 18.72
CA LEU A 187 4.07 5.91 19.17
C LEU A 187 3.93 4.51 19.75
N ASP A 188 4.99 4.01 20.36
CA ASP A 188 5.00 2.66 20.92
C ASP A 188 5.59 2.65 22.33
N ASN A 189 5.43 3.76 23.04
CA ASN A 189 5.94 3.89 24.40
C ASN A 189 4.92 3.40 25.42
N LYS A 190 5.41 2.93 26.56
CA LYS A 190 4.53 2.42 27.62
C LYS A 190 4.46 3.40 28.79
N GLY A 1 -3.44 -16.03 35.14
CA GLY A 1 -4.19 -14.98 34.45
C GLY A 1 -4.58 -15.42 33.04
N MET A 2 -3.87 -14.91 32.05
CA MET A 2 -4.09 -15.31 30.67
C MET A 2 -2.89 -14.99 29.80
N VAL A 3 -2.79 -15.68 28.65
CA VAL A 3 -1.65 -15.53 27.77
C VAL A 3 -1.74 -14.25 26.95
N ASP A 4 -0.69 -13.43 27.00
CA ASP A 4 -0.73 -12.10 26.43
C ASP A 4 -0.99 -12.15 24.92
N TYR A 5 -0.68 -13.29 24.32
CA TYR A 5 -0.93 -13.49 22.89
C TYR A 5 -2.42 -13.33 22.57
N TYR A 6 -3.26 -13.63 23.55
CA TYR A 6 -4.70 -13.42 23.41
C TYR A 6 -5.02 -11.94 23.27
N GLU A 7 -4.33 -11.11 24.03
CA GLU A 7 -4.51 -9.66 23.96
C GLU A 7 -3.97 -9.11 22.64
N VAL A 8 -2.92 -9.73 22.13
CA VAL A 8 -2.42 -9.41 20.79
C VAL A 8 -3.48 -9.69 19.72
N LEU A 9 -4.18 -10.80 19.86
CA LEU A 9 -5.28 -11.14 18.97
C LEU A 9 -6.51 -10.30 19.26
N GLY A 10 -6.64 -9.86 20.51
CA GLY A 10 -7.77 -9.04 20.92
C GLY A 10 -8.96 -9.92 21.31
N VAL A 11 -8.68 -11.12 21.78
CA VAL A 11 -9.72 -12.06 22.16
C VAL A 11 -9.56 -12.52 23.61
N GLN A 12 -10.46 -13.39 24.04
CA GLN A 12 -10.45 -13.88 25.42
C GLN A 12 -9.62 -15.15 25.54
N ARG A 13 -9.27 -15.50 26.77
CA ARG A 13 -8.42 -16.66 27.01
C ARG A 13 -9.15 -17.96 26.71
N HIS A 14 -10.47 -17.87 26.60
CA HIS A 14 -11.30 -19.04 26.33
C HIS A 14 -11.72 -19.08 24.86
N ALA A 15 -11.08 -18.25 24.05
CA ALA A 15 -11.35 -18.22 22.61
C ALA A 15 -10.96 -19.54 21.96
N SER A 16 -11.81 -20.02 21.05
CA SER A 16 -11.56 -21.27 20.36
C SER A 16 -10.50 -21.09 19.28
N PRO A 17 -9.91 -22.21 18.83
CA PRO A 17 -8.95 -22.18 17.74
C PRO A 17 -9.52 -21.46 16.52
N GLU A 18 -10.81 -21.62 16.30
CA GLU A 18 -11.49 -20.99 15.17
C GLU A 18 -11.61 -19.48 15.38
N ASP A 19 -11.77 -19.08 16.63
CA ASP A 19 -11.78 -17.66 16.99
C ASP A 19 -10.40 -17.05 16.86
N ILE A 20 -9.38 -17.83 17.18
CA ILE A 20 -7.99 -17.44 16.93
C ILE A 20 -7.74 -17.22 15.44
N LYS A 21 -8.26 -18.13 14.62
CA LYS A 21 -8.17 -17.99 13.18
C LYS A 21 -8.83 -16.70 12.70
N LYS A 22 -9.99 -16.39 13.25
CA LYS A 22 -10.72 -15.18 12.91
C LYS A 22 -9.92 -13.94 13.27
N ALA A 23 -9.44 -13.89 14.51
CA ALA A 23 -8.62 -12.78 14.99
C ALA A 23 -7.41 -12.56 14.09
N TYR A 24 -6.71 -13.65 13.79
CA TYR A 24 -5.57 -13.59 12.88
C TYR A 24 -5.97 -13.01 11.53
N ARG A 25 -7.02 -13.58 10.94
CA ARG A 25 -7.50 -13.13 9.64
C ARG A 25 -7.77 -11.64 9.64
N LYS A 26 -8.45 -11.15 10.66
CA LYS A 26 -8.88 -9.75 10.72
C LYS A 26 -7.68 -8.83 10.86
N LEU A 27 -6.79 -9.15 11.80
CA LEU A 27 -5.67 -8.28 12.13
C LEU A 27 -4.59 -8.35 11.06
N ALA A 28 -4.34 -9.55 10.55
CA ALA A 28 -3.33 -9.75 9.52
C ALA A 28 -3.68 -8.96 8.26
N LEU A 29 -4.95 -8.93 7.91
CA LEU A 29 -5.44 -8.11 6.82
C LEU A 29 -5.40 -6.62 7.18
N LYS A 30 -5.81 -6.31 8.40
CA LYS A 30 -5.84 -4.93 8.87
C LYS A 30 -4.45 -4.29 8.77
N TRP A 31 -3.44 -5.02 9.21
CA TRP A 31 -2.08 -4.49 9.25
C TRP A 31 -1.28 -4.95 8.04
N HIS A 32 -1.97 -5.17 6.92
CA HIS A 32 -1.32 -5.47 5.66
C HIS A 32 -0.57 -4.26 5.12
N PRO A 33 0.69 -4.48 4.76
CA PRO A 33 1.55 -3.39 4.32
C PRO A 33 0.91 -2.59 3.19
N ASP A 34 0.19 -3.30 2.32
CA ASP A 34 -0.37 -2.69 1.12
C ASP A 34 -1.65 -1.93 1.42
N LYS A 35 -2.20 -2.16 2.62
CA LYS A 35 -3.39 -1.45 3.06
C LYS A 35 -3.05 -0.10 3.67
N ASN A 36 -1.93 -0.05 4.40
CA ASN A 36 -1.43 1.19 4.95
C ASN A 36 0.08 1.32 4.72
N PRO A 37 0.46 1.65 3.50
CA PRO A 37 1.87 1.82 3.16
C PRO A 37 2.51 2.89 4.03
N GLU A 38 1.74 3.91 4.38
CA GLU A 38 2.27 5.07 5.08
C GLU A 38 2.81 4.69 6.46
N ASN A 39 2.10 3.80 7.13
CA ASN A 39 2.53 3.29 8.42
C ASN A 39 2.92 1.82 8.34
N LYS A 40 3.51 1.43 7.21
CA LYS A 40 3.84 0.03 6.97
C LYS A 40 4.85 -0.48 7.98
N GLU A 41 5.55 0.44 8.64
CA GLU A 41 6.53 0.09 9.66
C GLU A 41 5.85 -0.52 10.88
N GLU A 42 4.88 0.21 11.42
CA GLU A 42 4.12 -0.27 12.57
C GLU A 42 3.18 -1.40 12.17
N ALA A 43 2.65 -1.32 10.96
CA ALA A 43 1.80 -2.38 10.43
C ALA A 43 2.55 -3.69 10.31
N GLU A 44 3.80 -3.63 9.85
CA GLU A 44 4.69 -4.78 9.86
C GLU A 44 4.80 -5.37 11.26
N ARG A 45 5.12 -4.52 12.23
CA ARG A 45 5.29 -4.96 13.61
C ARG A 45 4.03 -5.65 14.13
N LYS A 46 2.88 -5.02 13.91
CA LYS A 46 1.62 -5.56 14.38
C LYS A 46 1.26 -6.85 13.65
N PHE A 47 1.38 -6.83 12.34
CA PHE A 47 1.11 -8.01 11.52
C PHE A 47 1.92 -9.21 12.01
N LYS A 48 3.21 -9.02 12.18
CA LYS A 48 4.12 -10.11 12.50
C LYS A 48 3.90 -10.62 13.91
N GLN A 49 3.66 -9.69 14.83
CA GLN A 49 3.39 -10.05 16.22
C GLN A 49 2.11 -10.86 16.35
N VAL A 50 1.10 -10.49 15.57
CA VAL A 50 -0.16 -11.22 15.54
C VAL A 50 0.04 -12.62 14.99
N ALA A 51 0.87 -12.74 13.96
CA ALA A 51 1.19 -14.04 13.37
C ALA A 51 1.85 -14.96 14.39
N GLU A 52 2.73 -14.40 15.21
CA GLU A 52 3.35 -15.14 16.30
C GLU A 52 2.31 -15.64 17.29
N ALA A 53 1.44 -14.73 17.72
CA ALA A 53 0.35 -15.08 18.61
C ALA A 53 -0.50 -16.20 18.01
N TYR A 54 -0.83 -16.07 16.73
CA TYR A 54 -1.58 -17.10 16.03
C TYR A 54 -0.90 -18.45 16.12
N GLU A 55 0.38 -18.49 15.74
CA GLU A 55 1.13 -19.74 15.71
C GLU A 55 1.14 -20.42 17.06
N VAL A 56 1.57 -19.69 18.09
CA VAL A 56 1.75 -20.25 19.42
C VAL A 56 0.44 -20.77 19.98
N LEU A 57 -0.61 -19.97 19.87
CA LEU A 57 -1.90 -20.30 20.47
C LEU A 57 -2.60 -21.42 19.68
N SER A 58 -2.27 -21.52 18.40
CA SER A 58 -2.82 -22.57 17.54
C SER A 58 -1.98 -23.84 17.62
N ASP A 59 -0.73 -23.69 18.03
CA ASP A 59 0.18 -24.83 18.15
C ASP A 59 0.06 -25.47 19.53
N ALA A 60 -0.63 -26.60 19.60
CA ALA A 60 -0.92 -27.25 20.88
C ALA A 60 0.36 -27.63 21.60
N LYS A 61 1.36 -28.07 20.84
CA LYS A 61 2.64 -28.48 21.41
C LYS A 61 3.29 -27.32 22.16
N LYS A 62 3.34 -26.15 21.52
CA LYS A 62 3.89 -24.96 22.16
C LYS A 62 3.09 -24.58 23.40
N ARG A 63 1.77 -24.62 23.28
CA ARG A 63 0.89 -24.31 24.41
C ARG A 63 1.20 -25.19 25.61
N ASP A 64 1.28 -26.49 25.38
CA ASP A 64 1.54 -27.45 26.44
C ASP A 64 2.88 -27.16 27.13
N ILE A 65 3.90 -26.89 26.33
CA ILE A 65 5.22 -26.59 26.86
C ILE A 65 5.21 -25.30 27.68
N TYR A 66 4.56 -24.27 27.15
CA TYR A 66 4.46 -22.99 27.83
C TYR A 66 3.69 -23.11 29.13
N ASP A 67 2.67 -23.96 29.13
CA ASP A 67 1.88 -24.21 30.33
C ASP A 67 2.71 -24.87 31.43
N LYS A 68 3.55 -25.83 31.03
CA LYS A 68 4.49 -26.45 31.96
C LYS A 68 5.49 -25.45 32.48
N TYR A 69 5.92 -24.54 31.61
CA TYR A 69 6.85 -23.48 31.99
C TYR A 69 6.19 -22.47 32.92
N GLY A 70 4.88 -22.26 32.71
CA GLY A 70 4.15 -21.26 33.48
C GLY A 70 4.27 -19.88 32.86
N LYS A 71 4.40 -19.84 31.54
CA LYS A 71 4.56 -18.58 30.83
C LYS A 71 3.26 -18.15 30.17
N GLU A 72 2.93 -16.88 30.31
CA GLU A 72 1.70 -16.33 29.74
C GLU A 72 2.01 -15.25 28.71
N GLY A 73 2.80 -15.60 27.71
CA GLY A 73 3.23 -14.64 26.71
C GLY A 73 4.41 -13.81 27.19
N LEU A 74 5.22 -14.40 28.08
CA LEU A 74 6.37 -13.71 28.64
C LEU A 74 7.43 -13.44 27.57
N ASN A 75 7.95 -12.22 27.57
CA ASN A 75 8.89 -11.78 26.53
C ASN A 75 10.27 -12.38 26.76
N GLY A 76 10.74 -13.17 25.80
CA GLY A 76 12.02 -13.85 25.92
C GLY A 76 13.17 -12.94 25.49
N GLY A 77 12.83 -11.73 25.07
CA GLY A 77 13.83 -10.73 24.68
C GLY A 77 13.63 -10.29 23.25
N GLY A 78 12.38 -10.19 22.82
CA GLY A 78 12.05 -9.71 21.48
C GLY A 78 11.48 -8.30 21.53
N GLY A 79 11.06 -7.80 20.38
CA GLY A 79 10.52 -6.45 20.28
C GLY A 79 8.99 -6.47 20.25
N GLY A 80 8.40 -5.36 19.82
CA GLY A 80 6.95 -5.26 19.72
C GLY A 80 6.42 -5.99 18.49
N GLY A 81 7.29 -6.16 17.50
CA GLY A 81 6.95 -6.94 16.32
C GLY A 81 7.78 -8.21 16.23
N SER A 82 7.75 -9.01 17.28
CA SER A 82 8.57 -10.21 17.36
C SER A 82 8.17 -11.23 16.30
N HIS A 83 9.17 -11.87 15.70
CA HIS A 83 8.92 -12.87 14.67
C HIS A 83 10.16 -13.74 14.44
N PHE A 84 10.63 -14.37 15.50
CA PHE A 84 11.84 -15.19 15.43
C PHE A 84 12.02 -16.03 16.69
N ASP A 85 12.87 -17.04 16.60
CA ASP A 85 13.12 -17.94 17.72
C ASP A 85 13.62 -17.16 18.94
N SER A 86 13.03 -17.44 20.09
CA SER A 86 13.23 -16.61 21.27
C SER A 86 14.66 -16.72 21.79
N PRO A 87 15.24 -15.58 22.16
CA PRO A 87 16.60 -15.55 22.69
C PRO A 87 16.73 -16.49 23.89
N PHE A 88 17.78 -17.32 23.87
CA PHE A 88 18.04 -18.23 24.97
C PHE A 88 16.88 -19.19 25.17
N GLU A 89 16.10 -19.42 24.11
CA GLU A 89 14.97 -20.33 24.17
C GLU A 89 14.73 -20.99 22.81
N PHE A 90 15.75 -21.69 22.31
CA PHE A 90 15.75 -22.17 20.94
C PHE A 90 15.26 -23.61 20.86
N GLY A 91 14.46 -24.01 21.84
CA GLY A 91 13.70 -25.25 21.75
C GLY A 91 12.38 -25.03 21.02
N PHE A 92 12.06 -23.77 20.75
CA PHE A 92 10.89 -23.43 19.97
C PHE A 92 11.26 -23.07 18.53
N THR A 93 10.40 -23.44 17.60
CA THR A 93 10.58 -23.06 16.20
C THR A 93 9.43 -22.18 15.71
N PHE A 94 9.76 -20.97 15.30
CA PHE A 94 8.76 -20.02 14.82
C PHE A 94 8.79 -19.90 13.30
N ARG A 95 7.63 -19.64 12.71
CA ARG A 95 7.51 -19.61 11.25
C ARG A 95 7.32 -18.19 10.74
N ASN A 96 7.88 -17.90 9.57
CA ASN A 96 7.80 -16.58 8.98
C ASN A 96 6.35 -16.12 8.87
N PRO A 97 6.04 -14.99 9.50
CA PRO A 97 4.67 -14.46 9.49
C PRO A 97 4.15 -14.35 8.07
N ASP A 98 5.00 -13.96 7.14
CA ASP A 98 4.60 -13.74 5.76
C ASP A 98 4.25 -15.06 5.08
N ASP A 99 4.98 -16.12 5.44
CA ASP A 99 4.76 -17.43 4.85
C ASP A 99 3.48 -18.06 5.37
N VAL A 100 3.16 -17.80 6.65
CA VAL A 100 1.92 -18.26 7.24
C VAL A 100 0.72 -17.64 6.54
N PHE A 101 0.74 -16.32 6.38
CA PHE A 101 -0.33 -15.61 5.69
C PHE A 101 -0.40 -16.02 4.23
N ARG A 102 0.76 -16.21 3.62
CA ARG A 102 0.82 -16.69 2.24
C ARG A 102 0.11 -18.03 2.08
N GLU A 103 0.39 -18.95 3.01
CA GLU A 103 -0.22 -20.28 2.97
C GLU A 103 -1.75 -20.18 2.92
N PHE A 104 -2.31 -19.33 3.77
CA PHE A 104 -3.75 -19.31 3.98
C PHE A 104 -4.44 -18.35 2.99
N PHE A 105 -3.77 -17.25 2.69
CA PHE A 105 -4.39 -16.17 1.93
C PHE A 105 -3.61 -15.88 0.65
N GLY A 106 -2.29 -16.02 0.72
CA GLY A 106 -1.43 -15.83 -0.44
C GLY A 106 -0.91 -14.39 -0.49
N GLY A 107 -1.11 -13.65 0.59
CA GLY A 107 -0.70 -12.26 0.65
C GLY A 107 -1.76 -11.34 0.04
N ARG A 108 -2.97 -11.87 -0.11
CA ARG A 108 -4.02 -11.18 -0.86
C ARG A 108 -5.24 -10.94 0.00
N ASP A 109 -5.91 -9.81 -0.23
CA ASP A 109 -7.16 -9.51 0.45
C ASP A 109 -8.25 -10.51 0.07
N PRO A 110 -8.74 -11.26 1.05
CA PRO A 110 -9.68 -12.34 0.80
C PRO A 110 -11.07 -11.78 0.48
N PHE A 111 -11.24 -10.48 0.69
CA PHE A 111 -12.52 -9.82 0.41
C PHE A 111 -12.47 -9.05 -0.91
N SER A 112 -11.34 -9.16 -1.60
CA SER A 112 -11.17 -8.49 -2.89
C SER A 112 -11.54 -9.41 -4.04
N PHE A 113 -11.68 -8.83 -5.23
CA PHE A 113 -12.01 -9.61 -6.42
C PHE A 113 -10.99 -9.38 -7.52
N ASP A 114 -10.63 -10.45 -8.22
CA ASP A 114 -9.63 -10.38 -9.28
C ASP A 114 -10.26 -9.93 -10.59
N PHE A 115 -11.58 -9.73 -10.58
CA PHE A 115 -12.31 -9.33 -11.78
C PHE A 115 -12.95 -7.96 -11.61
N PHE A 116 -13.07 -7.52 -10.36
CA PHE A 116 -13.76 -6.27 -10.05
C PHE A 116 -12.83 -5.30 -9.33
N GLU A 117 -11.93 -5.82 -8.52
CA GLU A 117 -11.02 -4.99 -7.75
C GLU A 117 -9.60 -5.10 -8.29
N ASP A 118 -9.47 -5.52 -9.54
CA ASP A 118 -8.16 -5.74 -10.14
C ASP A 118 -7.43 -4.41 -10.34
N PRO A 119 -6.14 -4.41 -10.00
CA PRO A 119 -5.33 -3.20 -10.10
C PRO A 119 -5.39 -2.61 -11.49
N PHE A 120 -5.54 -3.47 -12.50
CA PHE A 120 -5.42 -3.05 -13.89
C PHE A 120 -6.78 -2.75 -14.50
N GLU A 121 -7.81 -2.81 -13.66
CA GLU A 121 -9.16 -2.41 -14.07
C GLU A 121 -9.51 -1.03 -13.51
N ASP A 122 -8.55 -0.12 -13.53
CA ASP A 122 -8.76 1.22 -12.99
C ASP A 122 -7.76 2.21 -13.58
N PHE A 123 -8.28 3.17 -14.35
CA PHE A 123 -7.43 4.17 -14.98
C PHE A 123 -6.51 4.83 -13.97
N PHE A 124 -7.05 5.18 -12.81
CA PHE A 124 -6.30 5.93 -11.80
C PHE A 124 -5.45 5.01 -10.96
N GLY A 125 -5.84 3.73 -10.88
CA GLY A 125 -5.07 2.73 -10.15
C GLY A 125 -5.27 2.88 -8.65
N ASN A 126 -6.50 2.70 -8.20
CA ASN A 126 -6.83 2.85 -6.79
C ASN A 126 -6.80 1.49 -6.09
N ARG A 127 -6.16 0.52 -6.71
CA ARG A 127 -6.03 -0.81 -6.13
C ARG A 127 -4.59 -1.31 -6.21
N ARG A 128 -3.65 -0.38 -6.26
CA ARG A 128 -2.24 -0.72 -6.38
C ARG A 128 -1.57 -0.79 -5.02
N GLY A 129 -2.16 -0.13 -4.04
CA GLY A 129 -1.61 -0.10 -2.68
C GLY A 129 -0.49 0.92 -2.57
N PRO A 130 0.73 0.42 -2.37
CA PRO A 130 1.89 1.28 -2.21
C PRO A 130 2.39 1.79 -3.55
N ARG A 131 2.48 3.23 -3.74
CA ARG A 131 3.41 3.57 -4.82
C ARG A 131 3.00 2.89 -6.12
N GLY A 132 1.85 3.28 -6.66
CA GLY A 132 1.36 2.71 -7.91
C GLY A 132 -0.05 3.20 -8.21
N GLY A 133 -0.59 2.75 -9.33
CA GLY A 133 -1.94 3.14 -9.75
C GLY A 133 -1.87 4.15 -10.90
N MET A 134 -2.57 3.84 -11.98
CA MET A 134 -2.54 4.68 -13.17
C MET A 134 -3.25 6.00 -12.93
N GLY A 135 -2.46 7.07 -12.80
CA GLY A 135 -3.00 8.39 -12.52
C GLY A 135 -2.96 8.70 -11.03
N ASN A 136 -2.61 7.70 -10.23
CA ASN A 136 -2.56 7.85 -8.79
C ASN A 136 -1.16 8.17 -8.30
N PHE A 137 -0.20 7.36 -8.72
CA PHE A 137 1.22 7.63 -8.44
C PHE A 137 1.73 8.79 -9.29
N LYS A 138 2.25 9.81 -8.62
CA LYS A 138 2.57 11.06 -9.29
C LYS A 138 4.06 11.14 -9.63
N SER A 139 4.90 11.15 -8.60
CA SER A 139 6.33 11.39 -8.77
C SER A 139 7.11 10.91 -7.56
N ILE A 140 8.39 10.58 -7.78
CA ILE A 140 9.27 10.16 -6.70
C ILE A 140 10.69 10.66 -6.92
N SER A 141 11.34 11.07 -5.85
CA SER A 141 12.72 11.57 -5.93
C SER A 141 13.52 11.12 -4.72
N THR A 142 14.66 10.49 -4.98
CA THR A 142 15.54 10.00 -3.91
C THR A 142 16.88 10.73 -3.90
N SER A 143 17.30 11.17 -2.73
CA SER A 143 18.57 11.88 -2.58
C SER A 143 19.26 11.51 -1.29
N THR A 144 20.54 11.14 -1.39
CA THR A 144 21.30 10.72 -0.22
C THR A 144 22.49 11.66 0.02
N LYS A 145 22.98 11.67 1.25
CA LYS A 145 24.14 12.50 1.60
C LYS A 145 24.77 12.02 2.90
N MET A 146 26.01 12.42 3.13
CA MET A 146 26.72 12.07 4.35
C MET A 146 26.77 13.24 5.32
N VAL A 147 26.31 13.00 6.54
CA VAL A 147 26.29 14.04 7.58
C VAL A 147 26.94 13.56 8.86
N ASN A 148 28.14 14.07 9.14
CA ASN A 148 28.86 13.72 10.35
C ASN A 148 29.12 12.22 10.42
N GLY A 149 29.38 11.61 9.27
CA GLY A 149 29.72 10.20 9.22
C GLY A 149 28.48 9.34 9.03
N ARG A 150 27.32 9.95 9.15
CA ARG A 150 26.05 9.22 9.07
C ARG A 150 25.47 9.27 7.67
N LYS A 151 24.84 8.19 7.25
CA LYS A 151 24.22 8.11 5.93
C LYS A 151 22.78 8.59 5.98
N ILE A 152 22.51 9.72 5.33
CA ILE A 152 21.17 10.30 5.31
C ILE A 152 20.47 10.03 3.98
N THR A 153 19.30 9.42 4.05
CA THR A 153 18.52 9.12 2.85
C THR A 153 17.19 9.87 2.86
N THR A 154 16.92 10.58 1.79
CA THR A 154 15.65 11.28 1.63
C THR A 154 14.81 10.65 0.52
N LYS A 155 13.62 10.17 0.88
CA LYS A 155 12.71 9.58 -0.08
C LYS A 155 11.44 10.41 -0.23
N ARG A 156 11.37 11.18 -1.31
CA ARG A 156 10.22 12.05 -1.56
C ARG A 156 9.21 11.37 -2.47
N ILE A 157 8.05 11.04 -1.92
CA ILE A 157 7.03 10.31 -2.64
C ILE A 157 5.73 11.11 -2.73
N VAL A 158 5.27 11.35 -3.96
CA VAL A 158 3.98 12.01 -4.17
C VAL A 158 2.98 11.06 -4.81
N GLU A 159 1.86 10.84 -4.13
CA GLU A 159 0.88 9.86 -4.56
C GLU A 159 -0.51 10.20 -4.06
N ASN A 160 -1.50 10.11 -4.95
CA ASN A 160 -2.87 10.42 -4.59
C ASN A 160 -3.02 11.87 -4.16
N GLY A 161 -2.14 12.72 -4.66
CA GLY A 161 -2.20 14.14 -4.37
C GLY A 161 -1.50 14.46 -3.04
N GLN A 162 -1.00 13.43 -2.38
CA GLN A 162 -0.36 13.59 -1.09
C GLN A 162 1.16 13.54 -1.21
N GLU A 163 1.85 14.32 -0.38
CA GLU A 163 3.31 14.37 -0.41
C GLU A 163 3.90 13.93 0.92
N ARG A 164 4.67 12.84 0.89
CA ARG A 164 5.28 12.30 2.10
C ARG A 164 6.76 12.01 1.88
N VAL A 165 7.60 12.57 2.74
CA VAL A 165 9.04 12.34 2.67
C VAL A 165 9.51 11.45 3.81
N GLU A 166 10.35 10.48 3.49
CA GLU A 166 10.94 9.61 4.50
C GLU A 166 12.38 10.00 4.80
N VAL A 167 12.66 10.32 6.05
CA VAL A 167 14.02 10.66 6.49
C VAL A 167 14.65 9.49 7.23
N GLU A 168 15.67 8.88 6.62
CA GLU A 168 16.31 7.71 7.18
C GLU A 168 17.76 7.98 7.53
N GLU A 169 18.23 7.39 8.62
CA GLU A 169 19.63 7.52 9.02
C GLU A 169 20.28 6.16 9.20
N ASP A 170 21.26 5.86 8.36
CA ASP A 170 21.93 4.57 8.40
C ASP A 170 20.93 3.43 8.26
N GLY A 171 19.88 3.65 7.48
CA GLY A 171 18.92 2.61 7.16
C GLY A 171 17.75 2.63 8.13
N GLN A 172 17.84 3.48 9.14
CA GLN A 172 16.80 3.56 10.16
C GLN A 172 15.93 4.80 9.97
N LEU A 173 14.65 4.57 9.70
CA LEU A 173 13.69 5.66 9.56
C LEU A 173 13.58 6.47 10.84
N LYS A 174 13.84 7.76 10.75
CA LYS A 174 13.88 8.63 11.93
C LYS A 174 12.64 9.51 12.00
N SER A 175 12.23 10.06 10.87
CA SER A 175 11.18 11.07 10.84
C SER A 175 10.49 11.10 9.48
N LEU A 176 9.21 11.45 9.48
CA LEU A 176 8.47 11.65 8.23
C LEU A 176 8.07 13.11 8.08
N THR A 177 7.89 13.53 6.83
CA THR A 177 7.30 14.84 6.54
C THR A 177 6.08 14.70 5.63
N ILE A 178 4.90 14.97 6.18
CA ILE A 178 3.65 14.77 5.46
C ILE A 178 2.95 16.09 5.17
N ASN A 179 2.98 16.52 3.91
CA ASN A 179 2.35 17.76 3.51
C ASN A 179 2.89 18.93 4.33
N GLY A 180 4.18 18.89 4.64
CA GLY A 180 4.84 20.00 5.33
C GLY A 180 4.91 19.74 6.83
N LYS A 181 4.07 18.82 7.31
CA LYS A 181 3.96 18.55 8.74
C LYS A 181 4.79 17.34 9.13
N GLU A 182 5.77 17.55 10.00
CA GLU A 182 6.64 16.48 10.45
C GLU A 182 5.88 15.48 11.33
N GLN A 183 6.12 14.20 11.11
CA GLN A 183 5.43 13.15 11.87
C GLN A 183 6.43 12.24 12.57
N LEU A 184 6.28 12.11 13.88
CA LEU A 184 7.12 11.20 14.65
C LEU A 184 6.77 9.75 14.36
N LEU A 185 7.79 8.95 14.07
CA LEU A 185 7.59 7.53 13.78
C LEU A 185 7.07 6.78 15.00
N ARG A 186 7.70 7.02 16.14
CA ARG A 186 7.29 6.38 17.38
C ARG A 186 5.96 6.94 17.88
N LEU A 187 5.08 6.05 18.32
CA LEU A 187 3.79 6.45 18.86
C LEU A 187 3.85 6.58 20.38
N ASP A 188 3.74 7.81 20.88
CA ASP A 188 3.77 8.06 22.31
C ASP A 188 2.36 8.31 22.85
N ASN A 189 1.37 8.12 21.99
CA ASN A 189 -0.02 8.34 22.37
C ASN A 189 -0.75 7.03 22.60
N LYS A 190 -1.65 7.02 23.58
CA LYS A 190 -2.43 5.83 23.89
C LYS A 190 -3.92 6.08 23.70
N GLY A 1 7.63 55.92 12.53
CA GLY A 1 6.35 55.93 11.83
C GLY A 1 6.45 55.19 10.50
N MET A 2 6.25 53.88 10.54
CA MET A 2 6.29 53.06 9.33
C MET A 2 5.48 51.79 9.50
N VAL A 3 4.60 51.52 8.55
CA VAL A 3 3.78 50.31 8.57
C VAL A 3 4.63 49.08 8.25
N ASP A 4 4.59 48.10 9.14
CA ASP A 4 5.45 46.93 9.03
C ASP A 4 5.31 46.26 7.68
N TYR A 5 4.11 46.36 7.10
CA TYR A 5 3.81 45.70 5.84
C TYR A 5 4.70 46.21 4.72
N TYR A 6 5.22 47.43 4.89
CA TYR A 6 6.18 47.99 3.95
C TYR A 6 7.46 47.18 3.91
N GLU A 7 7.93 46.76 5.08
CA GLU A 7 9.13 45.94 5.19
C GLU A 7 8.89 44.54 4.65
N VAL A 8 7.66 44.05 4.82
CA VAL A 8 7.26 42.77 4.25
C VAL A 8 7.41 42.77 2.74
N LEU A 9 6.99 43.88 2.11
CA LEU A 9 7.12 44.02 0.66
C LEU A 9 8.53 44.44 0.28
N GLY A 10 9.25 45.05 1.22
CA GLY A 10 10.62 45.48 0.99
C GLY A 10 10.66 46.85 0.32
N VAL A 11 9.73 47.71 0.69
CA VAL A 11 9.63 49.04 0.10
C VAL A 11 9.66 50.13 1.16
N GLN A 12 9.59 51.38 0.74
CA GLN A 12 9.60 52.51 1.65
C GLN A 12 8.18 52.90 2.08
N ARG A 13 8.08 53.70 3.14
CA ARG A 13 6.78 54.11 3.66
C ARG A 13 6.10 55.09 2.72
N HIS A 14 6.85 55.60 1.75
CA HIS A 14 6.30 56.54 0.78
C HIS A 14 6.08 55.87 -0.56
N ALA A 15 6.08 54.54 -0.57
CA ALA A 15 5.89 53.78 -1.80
C ALA A 15 4.49 53.97 -2.36
N SER A 16 4.39 54.03 -3.69
CA SER A 16 3.10 54.21 -4.36
C SER A 16 2.38 52.87 -4.50
N PRO A 17 1.08 52.94 -4.81
CA PRO A 17 0.29 51.73 -5.04
C PRO A 17 0.95 50.84 -6.07
N GLU A 18 1.58 51.45 -7.08
CA GLU A 18 2.24 50.70 -8.13
C GLU A 18 3.54 50.07 -7.64
N ASP A 19 4.21 50.77 -6.72
CA ASP A 19 5.45 50.27 -6.14
C ASP A 19 5.20 49.01 -5.30
N ILE A 20 4.16 49.06 -4.48
CA ILE A 20 3.77 47.91 -3.66
C ILE A 20 3.11 46.83 -4.50
N LYS A 21 2.52 47.22 -5.62
CA LYS A 21 2.01 46.28 -6.60
C LYS A 21 3.13 45.44 -7.20
N LYS A 22 4.21 46.10 -7.60
CA LYS A 22 5.37 45.42 -8.16
C LYS A 22 6.08 44.59 -7.10
N ALA A 23 6.26 45.17 -5.93
CA ALA A 23 6.86 44.46 -4.80
C ALA A 23 6.06 43.19 -4.48
N TYR A 24 4.75 43.32 -4.41
CA TYR A 24 3.87 42.17 -4.25
C TYR A 24 4.15 41.11 -5.30
N ARG A 25 4.07 41.50 -6.57
CA ARG A 25 4.24 40.56 -7.67
C ARG A 25 5.60 39.88 -7.60
N LYS A 26 6.63 40.65 -7.25
CA LYS A 26 7.99 40.13 -7.17
C LYS A 26 8.09 39.02 -6.13
N LEU A 27 7.70 39.33 -4.90
CA LEU A 27 7.88 38.40 -3.78
C LEU A 27 6.86 37.27 -3.85
N ALA A 28 5.69 37.56 -4.36
CA ALA A 28 4.66 36.54 -4.56
C ALA A 28 5.17 35.42 -5.46
N LEU A 29 5.84 35.78 -6.54
CA LEU A 29 6.50 34.81 -7.40
C LEU A 29 7.69 34.17 -6.70
N LYS A 30 8.52 35.00 -6.07
CA LYS A 30 9.76 34.53 -5.47
C LYS A 30 9.51 33.41 -4.46
N TRP A 31 8.50 33.61 -3.61
CA TRP A 31 8.20 32.66 -2.55
C TRP A 31 6.90 31.91 -2.83
N HIS A 32 6.57 31.77 -4.11
CA HIS A 32 5.33 31.11 -4.51
C HIS A 32 5.38 29.62 -4.18
N PRO A 33 4.32 29.15 -3.54
CA PRO A 33 4.24 27.75 -3.12
C PRO A 33 4.49 26.81 -4.29
N ASP A 34 4.02 27.21 -5.46
CA ASP A 34 4.09 26.35 -6.64
C ASP A 34 5.50 26.31 -7.22
N LYS A 35 6.31 27.29 -6.83
CA LYS A 35 7.68 27.40 -7.35
C LYS A 35 8.66 26.73 -6.40
N ASN A 36 8.37 26.76 -5.11
CA ASN A 36 9.21 26.10 -4.11
C ASN A 36 8.39 25.16 -3.24
N PRO A 37 7.98 24.04 -3.84
CA PRO A 37 7.17 23.05 -3.13
C PRO A 37 8.00 22.30 -2.09
N GLU A 38 9.31 22.31 -2.27
CA GLU A 38 10.22 21.71 -1.31
C GLU A 38 10.14 22.40 0.04
N ASN A 39 9.69 23.65 0.03
CA ASN A 39 9.42 24.38 1.27
C ASN A 39 8.01 24.96 1.26
N LYS A 40 7.06 24.18 0.77
CA LYS A 40 5.72 24.68 0.49
C LYS A 40 5.10 25.31 1.73
N GLU A 41 5.42 24.75 2.89
CA GLU A 41 4.86 25.23 4.16
C GLU A 41 5.30 26.65 4.45
N GLU A 42 6.62 26.88 4.40
CA GLU A 42 7.17 28.22 4.62
C GLU A 42 6.86 29.14 3.46
N ALA A 43 6.80 28.59 2.26
CA ALA A 43 6.45 29.35 1.07
C ALA A 43 5.02 29.87 1.16
N GLU A 44 4.11 29.02 1.65
CA GLU A 44 2.76 29.44 1.95
C GLU A 44 2.74 30.63 2.90
N ARG A 45 3.45 30.51 4.02
CA ARG A 45 3.48 31.56 5.02
C ARG A 45 4.03 32.85 4.44
N LYS A 46 5.14 32.75 3.72
CA LYS A 46 5.79 33.91 3.12
C LYS A 46 4.90 34.54 2.06
N PHE A 47 4.38 33.71 1.17
CA PHE A 47 3.49 34.19 0.10
C PHE A 47 2.30 34.94 0.67
N LYS A 48 1.61 34.31 1.63
CA LYS A 48 0.39 34.87 2.19
C LYS A 48 0.68 36.12 3.01
N GLN A 49 1.80 36.10 3.73
CA GLN A 49 2.28 37.30 4.42
C GLN A 49 2.41 38.47 3.47
N VAL A 50 3.05 38.23 2.33
CA VAL A 50 3.22 39.27 1.31
C VAL A 50 1.87 39.72 0.75
N ALA A 51 0.99 38.76 0.50
CA ALA A 51 -0.34 39.05 -0.03
C ALA A 51 -1.11 39.96 0.92
N GLU A 52 -1.06 39.66 2.21
CA GLU A 52 -1.71 40.48 3.22
C GLU A 52 -1.15 41.89 3.23
N ALA A 53 0.18 42.00 3.24
CA ALA A 53 0.84 43.29 3.19
C ALA A 53 0.32 44.14 2.03
N TYR A 54 0.26 43.54 0.86
CA TYR A 54 -0.24 44.23 -0.33
C TYR A 54 -1.70 44.65 -0.13
N GLU A 55 -2.53 43.72 0.33
CA GLU A 55 -3.95 43.98 0.50
C GLU A 55 -4.19 45.17 1.42
N VAL A 56 -3.55 45.15 2.59
CA VAL A 56 -3.77 46.18 3.59
C VAL A 56 -3.26 47.54 3.11
N LEU A 57 -2.07 47.55 2.53
CA LEU A 57 -1.45 48.79 2.05
C LEU A 57 -2.20 49.35 0.85
N SER A 58 -2.86 48.47 0.12
CA SER A 58 -3.67 48.88 -1.03
C SER A 58 -5.10 49.22 -0.61
N ASP A 59 -5.51 48.67 0.53
CA ASP A 59 -6.83 48.97 1.08
C ASP A 59 -6.76 50.09 2.11
N ALA A 60 -7.17 51.28 1.72
CA ALA A 60 -7.00 52.47 2.54
C ALA A 60 -7.61 52.27 3.92
N LYS A 61 -8.78 51.63 3.95
CA LYS A 61 -9.49 51.39 5.20
C LYS A 61 -8.66 50.56 6.17
N LYS A 62 -8.10 49.46 5.66
CA LYS A 62 -7.30 48.56 6.47
C LYS A 62 -6.02 49.25 6.96
N ARG A 63 -5.38 50.00 6.06
CA ARG A 63 -4.19 50.76 6.42
C ARG A 63 -4.47 51.76 7.53
N ASP A 64 -5.62 52.42 7.44
CA ASP A 64 -6.05 53.36 8.48
C ASP A 64 -6.22 52.64 9.81
N ILE A 65 -6.86 51.48 9.78
CA ILE A 65 -7.05 50.67 10.98
C ILE A 65 -5.71 50.28 11.58
N TYR A 66 -4.78 49.85 10.73
CA TYR A 66 -3.44 49.49 11.18
C TYR A 66 -2.80 50.62 11.98
N ASP A 67 -2.85 51.83 11.43
CA ASP A 67 -2.27 52.99 12.08
C ASP A 67 -2.91 53.24 13.44
N LYS A 68 -4.23 53.19 13.49
CA LYS A 68 -4.97 53.35 14.74
C LYS A 68 -4.50 52.33 15.78
N TYR A 69 -4.29 51.10 15.34
CA TYR A 69 -3.81 50.04 16.22
C TYR A 69 -2.41 50.36 16.74
N GLY A 70 -1.53 50.80 15.85
CA GLY A 70 -0.17 51.15 16.23
C GLY A 70 0.68 49.91 16.43
N LYS A 71 0.83 49.11 15.37
CA LYS A 71 1.65 47.91 15.42
C LYS A 71 3.07 48.21 14.98
N GLU A 72 4.02 48.03 15.89
CA GLU A 72 5.44 48.18 15.56
C GLU A 72 6.22 46.92 15.92
N GLY A 73 6.06 45.88 15.12
CA GLY A 73 6.73 44.62 15.36
C GLY A 73 6.10 43.86 16.53
N LEU A 74 4.86 44.21 16.84
CA LEU A 74 4.17 43.61 17.98
C LEU A 74 3.51 42.29 17.60
N ASN A 75 3.62 41.31 18.49
CA ASN A 75 2.95 40.02 18.30
C ASN A 75 1.50 40.09 18.73
N GLY A 76 0.59 40.09 17.74
CA GLY A 76 -0.83 40.16 18.02
C GLY A 76 -1.48 38.78 17.99
N GLY A 77 -0.88 37.84 18.73
CA GLY A 77 -1.44 36.50 18.84
C GLY A 77 -1.06 35.65 17.63
N GLY A 78 0.14 35.86 17.11
CA GLY A 78 0.61 35.13 15.93
C GLY A 78 1.79 35.83 15.28
N GLY A 79 2.30 35.25 14.20
CA GLY A 79 3.43 35.81 13.49
C GLY A 79 3.04 36.28 12.10
N GLY A 80 4.02 36.45 11.23
CA GLY A 80 3.78 36.94 9.87
C GLY A 80 3.02 35.91 9.04
N GLY A 81 3.12 34.64 9.44
CA GLY A 81 2.43 33.56 8.74
C GLY A 81 1.10 33.23 9.41
N SER A 82 0.67 34.09 10.33
CA SER A 82 -0.60 33.90 11.01
C SER A 82 -1.67 34.84 10.45
N HIS A 83 -2.77 34.26 9.99
CA HIS A 83 -3.82 35.02 9.34
C HIS A 83 -5.19 34.69 9.90
N PHE A 84 -5.40 35.02 11.17
CA PHE A 84 -6.65 34.74 11.85
C PHE A 84 -6.87 35.67 13.03
N ASP A 85 -8.14 35.84 13.41
CA ASP A 85 -8.48 36.72 14.53
C ASP A 85 -7.92 36.19 15.84
N SER A 86 -7.37 37.09 16.65
CA SER A 86 -6.76 36.72 17.92
C SER A 86 -7.64 37.13 19.10
N PRO A 87 -7.42 36.46 20.24
CA PRO A 87 -8.22 36.75 21.43
C PRO A 87 -8.18 38.22 21.80
N PHE A 88 -9.33 38.87 21.76
CA PHE A 88 -9.45 40.25 22.19
C PHE A 88 -8.61 41.18 21.33
N GLU A 89 -8.41 40.79 20.08
CA GLU A 89 -7.72 41.64 19.11
C GLU A 89 -8.63 41.97 17.93
N PHE A 90 -9.92 42.12 18.20
CA PHE A 90 -10.92 42.19 17.16
C PHE A 90 -11.10 43.61 16.64
N GLY A 91 -10.13 44.47 16.96
CA GLY A 91 -10.05 45.79 16.35
C GLY A 91 -9.73 45.70 14.87
N PHE A 92 -9.18 44.56 14.45
CA PHE A 92 -8.95 44.29 13.04
C PHE A 92 -9.42 42.88 12.68
N THR A 93 -10.20 42.79 11.59
CA THR A 93 -10.71 41.51 11.13
C THR A 93 -9.79 40.88 10.09
N PHE A 94 -9.29 39.69 10.39
CA PHE A 94 -8.40 38.98 9.47
C PHE A 94 -9.19 38.25 8.40
N ARG A 95 -8.74 38.37 7.16
CA ARG A 95 -9.42 37.73 6.03
C ARG A 95 -8.72 36.43 5.64
N ASN A 96 -9.52 35.44 5.22
CA ASN A 96 -8.97 34.19 4.72
C ASN A 96 -7.96 34.43 3.61
N PRO A 97 -6.72 34.03 3.85
CA PRO A 97 -5.63 34.32 2.93
C PRO A 97 -5.73 33.47 1.67
N ASP A 98 -6.49 32.38 1.75
CA ASP A 98 -6.79 31.57 0.58
C ASP A 98 -7.76 32.29 -0.35
N ASP A 99 -8.71 33.02 0.24
CA ASP A 99 -9.64 33.84 -0.54
C ASP A 99 -8.91 35.03 -1.15
N VAL A 100 -7.94 35.57 -0.43
CA VAL A 100 -7.08 36.61 -0.95
C VAL A 100 -6.25 36.10 -2.13
N PHE A 101 -5.67 34.91 -1.97
CA PHE A 101 -4.93 34.27 -3.04
C PHE A 101 -5.81 34.04 -4.26
N ARG A 102 -7.06 33.64 -4.02
CA ARG A 102 -8.03 33.48 -5.09
C ARG A 102 -8.30 34.79 -5.79
N GLU A 103 -8.57 35.83 -5.01
CA GLU A 103 -8.89 37.14 -5.56
C GLU A 103 -7.78 37.64 -6.48
N PHE A 104 -6.54 37.57 -6.00
CA PHE A 104 -5.42 38.24 -6.65
C PHE A 104 -4.99 37.49 -7.91
N PHE A 105 -4.85 36.18 -7.78
CA PHE A 105 -4.30 35.36 -8.85
C PHE A 105 -5.30 34.30 -9.30
N GLY A 106 -6.07 33.79 -8.35
CA GLY A 106 -7.04 32.74 -8.63
C GLY A 106 -6.62 31.41 -8.01
N GLY A 107 -5.74 31.49 -7.01
CA GLY A 107 -5.27 30.29 -6.32
C GLY A 107 -4.34 29.46 -7.21
N ARG A 108 -3.49 30.15 -7.96
CA ARG A 108 -2.59 29.48 -8.90
C ARG A 108 -1.41 30.38 -9.27
N ASP A 109 -0.38 29.78 -9.85
CA ASP A 109 0.73 30.55 -10.40
C ASP A 109 0.29 31.37 -11.60
N PRO A 110 0.36 32.69 -11.47
CA PRO A 110 -0.12 33.59 -12.50
C PRO A 110 0.85 33.66 -13.67
N PHE A 111 2.02 33.05 -13.49
CA PHE A 111 3.04 33.04 -14.54
C PHE A 111 3.07 31.70 -15.26
N SER A 112 2.11 30.83 -14.94
CA SER A 112 1.99 29.55 -15.61
C SER A 112 1.09 29.64 -16.84
N PHE A 113 1.19 28.66 -17.72
CA PHE A 113 0.39 28.64 -18.94
C PHE A 113 -0.32 27.31 -19.11
N ASP A 114 -1.58 27.37 -19.53
CA ASP A 114 -2.40 26.17 -19.69
C ASP A 114 -2.29 25.62 -21.10
N PHE A 115 -1.52 26.30 -21.95
CA PHE A 115 -1.32 25.88 -23.33
C PHE A 115 0.15 25.62 -23.63
N PHE A 116 1.02 26.09 -22.74
CA PHE A 116 2.46 25.96 -22.94
C PHE A 116 3.10 25.17 -21.81
N GLU A 117 2.52 25.26 -20.62
CA GLU A 117 3.03 24.55 -19.45
C GLU A 117 2.01 23.54 -18.93
N ASP A 118 1.24 22.96 -19.85
CA ASP A 118 0.20 22.02 -19.48
C ASP A 118 0.80 20.73 -18.94
N PRO A 119 0.52 20.44 -17.67
CA PRO A 119 1.07 19.26 -17.01
C PRO A 119 0.75 17.99 -17.78
N PHE A 120 -0.38 18.00 -18.48
CA PHE A 120 -0.92 16.78 -19.08
C PHE A 120 -0.53 16.68 -20.54
N GLU A 121 0.22 17.65 -21.03
CA GLU A 121 0.75 17.61 -22.39
C GLU A 121 2.28 17.73 -22.39
N ASP A 122 2.93 16.78 -21.74
CA ASP A 122 4.39 16.78 -21.65
C ASP A 122 4.93 15.37 -21.49
N PHE A 123 5.57 14.87 -22.55
CA PHE A 123 6.10 13.52 -22.56
C PHE A 123 7.07 13.31 -21.40
N PHE A 124 8.01 14.23 -21.24
CA PHE A 124 9.07 14.08 -20.26
C PHE A 124 8.57 14.38 -18.86
N GLY A 125 7.52 15.18 -18.76
CA GLY A 125 6.89 15.47 -17.48
C GLY A 125 7.64 16.56 -16.73
N ASN A 126 8.03 17.61 -17.44
CA ASN A 126 8.76 18.72 -16.83
C ASN A 126 7.84 19.91 -16.60
N ARG A 127 6.54 19.69 -16.71
CA ARG A 127 5.56 20.76 -16.54
C ARG A 127 4.53 20.41 -15.48
N ARG A 128 4.85 19.41 -14.66
CA ARG A 128 3.94 18.94 -13.63
C ARG A 128 3.69 20.01 -12.58
N GLY A 129 4.77 20.63 -12.11
CA GLY A 129 4.66 21.69 -11.10
C GLY A 129 4.96 21.15 -9.71
N PRO A 130 4.22 21.66 -8.73
CA PRO A 130 4.45 21.29 -7.33
C PRO A 130 3.82 19.93 -7.01
N ARG A 131 3.37 19.76 -5.76
CA ARG A 131 2.69 18.53 -5.36
C ARG A 131 1.56 18.19 -6.32
N GLY A 132 1.88 17.41 -7.35
CA GLY A 132 0.88 16.98 -8.32
C GLY A 132 0.34 15.59 -7.99
N GLY A 133 -0.24 14.93 -8.97
CA GLY A 133 -0.78 13.59 -8.79
C GLY A 133 -2.30 13.60 -8.80
N MET A 134 -2.89 12.51 -9.30
CA MET A 134 -4.34 12.39 -9.35
C MET A 134 -4.81 11.13 -8.62
N GLY A 135 -3.85 10.31 -8.18
CA GLY A 135 -4.17 9.06 -7.51
C GLY A 135 -3.94 7.87 -8.43
N ASN A 136 -3.93 8.14 -9.74
CA ASN A 136 -3.66 7.09 -10.73
C ASN A 136 -2.19 7.05 -11.11
N PHE A 137 -1.42 8.01 -10.60
CA PHE A 137 0.02 8.04 -10.83
C PHE A 137 0.73 8.82 -9.73
N LYS A 138 2.04 8.60 -9.61
CA LYS A 138 2.83 9.23 -8.56
C LYS A 138 4.27 9.47 -9.01
N SER A 139 4.94 10.38 -8.33
CA SER A 139 6.34 10.69 -8.65
C SER A 139 7.24 10.40 -7.46
N ILE A 140 8.34 9.71 -7.72
CA ILE A 140 9.27 9.31 -6.65
C ILE A 140 10.67 9.85 -6.93
N SER A 141 11.25 10.53 -5.94
CA SER A 141 12.60 11.07 -6.06
C SER A 141 13.40 10.83 -4.78
N THR A 142 14.55 10.18 -4.92
CA THR A 142 15.36 9.82 -3.77
C THR A 142 16.74 10.46 -3.86
N SER A 143 17.37 10.65 -2.71
CA SER A 143 18.71 11.22 -2.65
C SER A 143 19.39 10.93 -1.32
N THR A 144 20.59 10.37 -1.37
CA THR A 144 21.36 10.06 -0.17
C THR A 144 22.57 10.97 -0.04
N LYS A 145 22.76 11.53 1.16
CA LYS A 145 23.89 12.41 1.41
C LYS A 145 24.49 12.17 2.79
N MET A 146 25.81 12.14 2.86
CA MET A 146 26.52 11.98 4.12
C MET A 146 26.51 13.28 4.92
N VAL A 147 25.92 13.24 6.11
CA VAL A 147 25.81 14.42 6.95
C VAL A 147 26.40 14.17 8.34
N ASN A 148 27.55 14.79 8.60
CA ASN A 148 28.22 14.63 9.89
C ASN A 148 28.55 13.17 10.16
N GLY A 149 28.87 12.43 9.10
CA GLY A 149 29.30 11.04 9.22
C GLY A 149 28.11 10.09 9.10
N ARG A 150 26.91 10.65 9.10
CA ARG A 150 25.70 9.85 9.05
C ARG A 150 25.17 9.71 7.63
N LYS A 151 24.65 8.54 7.30
CA LYS A 151 24.07 8.30 5.98
C LYS A 151 22.61 8.70 5.94
N ILE A 152 22.33 9.87 5.37
CA ILE A 152 20.98 10.41 5.35
C ILE A 152 20.31 10.19 4.01
N THR A 153 19.26 9.37 4.00
CA THR A 153 18.52 9.07 2.79
C THR A 153 17.14 9.72 2.80
N THR A 154 16.86 10.52 1.78
CA THR A 154 15.56 11.17 1.64
C THR A 154 14.75 10.54 0.51
N LYS A 155 13.57 10.05 0.83
CA LYS A 155 12.69 9.44 -0.17
C LYS A 155 11.39 10.21 -0.30
N ARG A 156 11.26 10.97 -1.38
CA ARG A 156 10.10 11.83 -1.59
C ARG A 156 9.09 11.18 -2.54
N ILE A 157 7.89 10.95 -2.04
CA ILE A 157 6.83 10.37 -2.85
C ILE A 157 5.64 11.31 -2.96
N VAL A 158 5.32 11.71 -4.18
CA VAL A 158 4.21 12.64 -4.44
C VAL A 158 3.06 11.95 -5.15
N GLU A 159 1.89 11.96 -4.52
CA GLU A 159 0.72 11.29 -5.07
C GLU A 159 -0.56 11.97 -4.63
N ASN A 160 -1.46 12.21 -5.58
CA ASN A 160 -2.79 12.74 -5.25
C ASN A 160 -2.69 14.08 -4.55
N GLY A 161 -1.71 14.88 -4.95
CA GLY A 161 -1.57 16.23 -4.42
C GLY A 161 -0.95 16.23 -3.03
N GLN A 162 -0.43 15.07 -2.63
CA GLN A 162 0.17 14.92 -1.31
C GLN A 162 1.63 14.50 -1.40
N GLU A 163 2.42 14.91 -0.41
CA GLU A 163 3.86 14.65 -0.42
C GLU A 163 4.28 13.89 0.82
N ARG A 164 4.89 12.73 0.62
CA ARG A 164 5.40 11.92 1.74
C ARG A 164 6.91 11.79 1.67
N VAL A 165 7.59 12.44 2.62
CA VAL A 165 9.05 12.43 2.66
C VAL A 165 9.57 11.57 3.80
N GLU A 166 10.25 10.48 3.45
CA GLU A 166 10.74 9.54 4.45
C GLU A 166 12.24 9.70 4.65
N VAL A 167 12.64 9.90 5.89
CA VAL A 167 14.04 10.15 6.22
C VAL A 167 14.65 8.97 6.97
N GLU A 168 15.70 8.39 6.39
CA GLU A 168 16.42 7.30 7.05
C GLU A 168 17.83 7.75 7.45
N GLU A 169 18.32 7.22 8.56
CA GLU A 169 19.65 7.56 9.05
C GLU A 169 20.45 6.30 9.38
N ASP A 170 21.44 6.00 8.55
CA ASP A 170 22.25 4.80 8.72
C ASP A 170 21.38 3.54 8.68
N GLY A 171 20.29 3.61 7.93
CA GLY A 171 19.39 2.47 7.76
C GLY A 171 18.25 2.51 8.77
N GLN A 172 18.36 3.40 9.75
CA GLN A 172 17.36 3.50 10.80
C GLN A 172 16.33 4.58 10.48
N LEU A 173 15.06 4.21 10.56
CA LEU A 173 13.96 5.16 10.40
C LEU A 173 14.09 6.30 11.39
N LYS A 174 14.12 7.54 10.88
CA LYS A 174 14.32 8.70 11.71
C LYS A 174 13.06 9.56 11.76
N SER A 175 12.61 10.02 10.60
CA SER A 175 11.56 11.02 10.53
C SER A 175 10.71 10.84 9.26
N LEU A 176 9.42 11.12 9.37
CA LEU A 176 8.52 11.02 8.24
C LEU A 176 7.63 12.26 8.12
N THR A 177 7.79 13.00 7.03
CA THR A 177 7.01 14.21 6.81
C THR A 177 5.87 13.96 5.84
N ILE A 178 4.64 14.15 6.31
CA ILE A 178 3.46 13.97 5.48
C ILE A 178 2.67 15.26 5.36
N ASN A 179 2.73 15.88 4.18
CA ASN A 179 2.00 17.12 3.93
C ASN A 179 2.39 18.20 4.93
N GLY A 180 3.66 18.22 5.31
CA GLY A 180 4.18 19.23 6.21
C GLY A 180 4.23 18.72 7.65
N LYS A 181 3.48 17.66 7.91
CA LYS A 181 3.37 17.11 9.26
C LYS A 181 4.47 16.08 9.52
N GLU A 182 5.50 16.50 10.25
CA GLU A 182 6.62 15.61 10.58
C GLU A 182 6.23 14.62 11.66
N GLN A 183 6.64 13.36 11.48
CA GLN A 183 6.33 12.31 12.43
C GLN A 183 7.59 11.57 12.86
N LEU A 184 7.82 11.52 14.17
CA LEU A 184 8.93 10.75 14.71
C LEU A 184 8.73 9.26 14.49
N LEU A 185 9.72 8.61 13.89
CA LEU A 185 9.62 7.19 13.57
C LEU A 185 10.32 6.34 14.63
N ARG A 186 11.03 7.00 15.53
CA ARG A 186 11.79 6.30 16.57
C ARG A 186 11.04 6.32 17.90
N LEU A 187 11.25 5.27 18.69
CA LEU A 187 10.62 5.17 20.00
C LEU A 187 11.63 5.27 21.12
N ASP A 188 11.19 5.73 22.29
CA ASP A 188 12.07 5.87 23.45
C ASP A 188 12.46 4.50 24.00
N ASN A 189 13.69 4.39 24.50
CA ASN A 189 14.18 3.15 25.07
C ASN A 189 13.85 3.06 26.56
N LYS A 190 13.76 1.83 27.07
CA LYS A 190 13.45 1.61 28.47
C LYS A 190 14.11 0.34 28.98
N GLY A 1 -43.54 4.71 15.13
CA GLY A 1 -42.91 3.57 15.78
C GLY A 1 -41.51 3.91 16.27
N MET A 2 -40.57 3.99 15.35
CA MET A 2 -39.20 4.39 15.67
C MET A 2 -38.49 4.94 14.44
N VAL A 3 -37.38 5.65 14.68
CA VAL A 3 -36.64 6.29 13.60
C VAL A 3 -35.84 5.27 12.80
N ASP A 4 -36.06 5.25 11.48
CA ASP A 4 -35.44 4.25 10.62
C ASP A 4 -33.92 4.28 10.76
N TYR A 5 -33.38 5.45 11.04
CA TYR A 5 -31.94 5.61 11.19
C TYR A 5 -31.41 4.71 12.31
N TYR A 6 -32.21 4.52 13.35
CA TYR A 6 -31.87 3.62 14.43
C TYR A 6 -31.85 2.17 13.96
N GLU A 7 -32.79 1.82 13.10
CA GLU A 7 -32.82 0.50 12.49
C GLU A 7 -31.62 0.28 11.56
N VAL A 8 -31.20 1.34 10.90
CA VAL A 8 -29.97 1.31 10.11
C VAL A 8 -28.76 1.04 10.99
N LEU A 9 -28.73 1.68 12.16
CA LEU A 9 -27.66 1.44 13.12
C LEU A 9 -27.79 0.06 13.76
N GLY A 10 -29.01 -0.46 13.79
CA GLY A 10 -29.26 -1.80 14.34
C GLY A 10 -29.42 -1.75 15.85
N VAL A 11 -29.86 -0.61 16.36
CA VAL A 11 -30.03 -0.42 17.80
C VAL A 11 -31.44 0.02 18.13
N GLN A 12 -31.70 0.23 19.43
CA GLN A 12 -33.02 0.61 19.89
C GLN A 12 -33.27 2.10 19.74
N ARG A 13 -34.53 2.50 19.75
CA ARG A 13 -34.90 3.90 19.56
C ARG A 13 -34.49 4.74 20.76
N HIS A 14 -34.15 4.08 21.86
CA HIS A 14 -33.73 4.76 23.08
C HIS A 14 -32.23 4.68 23.26
N ALA A 15 -31.52 4.34 22.20
CA ALA A 15 -30.06 4.26 22.24
C ALA A 15 -29.44 5.63 22.50
N SER A 16 -28.38 5.65 23.31
CA SER A 16 -27.71 6.89 23.66
C SER A 16 -26.78 7.35 22.53
N PRO A 17 -26.39 8.61 22.58
CA PRO A 17 -25.45 9.16 21.61
C PRO A 17 -24.18 8.31 21.54
N GLU A 18 -23.77 7.79 22.69
CA GLU A 18 -22.57 6.96 22.76
C GLU A 18 -22.81 5.59 22.12
N ASP A 19 -24.04 5.10 22.24
CA ASP A 19 -24.44 3.87 21.55
C ASP A 19 -24.50 4.08 20.04
N ILE A 20 -24.93 5.27 19.63
CA ILE A 20 -24.93 5.64 18.23
C ILE A 20 -23.51 5.67 17.67
N LYS A 21 -22.59 6.24 18.44
CA LYS A 21 -21.18 6.26 18.06
C LYS A 21 -20.65 4.85 17.84
N LYS A 22 -20.90 3.96 18.81
CA LYS A 22 -20.43 2.59 18.72
C LYS A 22 -21.15 1.83 17.60
N ALA A 23 -22.43 2.14 17.40
CA ALA A 23 -23.21 1.51 16.36
C ALA A 23 -22.61 1.77 14.99
N TYR A 24 -22.22 3.02 14.73
CA TYR A 24 -21.49 3.37 13.53
C TYR A 24 -20.22 2.55 13.40
N ARG A 25 -19.41 2.55 14.45
CA ARG A 25 -18.11 1.88 14.43
C ARG A 25 -18.25 0.43 14.01
N LYS A 26 -19.24 -0.25 14.59
CA LYS A 26 -19.45 -1.67 14.32
C LYS A 26 -19.78 -1.92 12.85
N LEU A 27 -20.72 -1.14 12.33
CA LEU A 27 -21.19 -1.32 10.97
C LEU A 27 -20.22 -0.73 9.95
N ALA A 28 -19.47 0.28 10.38
CA ALA A 28 -18.43 0.87 9.54
C ALA A 28 -17.38 -0.15 9.17
N LEU A 29 -17.04 -1.03 10.12
CA LEU A 29 -16.10 -2.11 9.86
C LEU A 29 -16.78 -3.30 9.21
N LYS A 30 -17.97 -3.65 9.70
CA LYS A 30 -18.70 -4.81 9.21
C LYS A 30 -19.06 -4.66 7.74
N TRP A 31 -19.65 -3.53 7.39
CA TRP A 31 -20.07 -3.26 6.02
C TRP A 31 -19.03 -2.39 5.29
N HIS A 32 -17.77 -2.55 5.66
CA HIS A 32 -16.69 -1.81 5.01
C HIS A 32 -16.49 -2.25 3.58
N PRO A 33 -16.39 -1.29 2.67
CA PRO A 33 -16.22 -1.58 1.25
C PRO A 33 -15.07 -2.54 1.02
N ASP A 34 -14.01 -2.39 1.81
CA ASP A 34 -12.80 -3.20 1.64
C ASP A 34 -12.93 -4.54 2.36
N LYS A 35 -13.82 -4.60 3.35
CA LYS A 35 -14.12 -5.84 4.05
C LYS A 35 -14.89 -6.80 3.15
N ASN A 36 -15.88 -6.28 2.45
CA ASN A 36 -16.63 -7.08 1.49
C ASN A 36 -16.47 -6.54 0.08
N PRO A 37 -15.36 -6.89 -0.56
CA PRO A 37 -15.05 -6.41 -1.91
C PRO A 37 -15.90 -7.14 -2.95
N GLU A 38 -16.43 -8.29 -2.58
CA GLU A 38 -17.30 -9.07 -3.47
C GLU A 38 -18.60 -8.34 -3.73
N ASN A 39 -19.11 -7.66 -2.71
CA ASN A 39 -20.25 -6.76 -2.88
C ASN A 39 -19.91 -5.34 -2.44
N LYS A 40 -18.79 -4.83 -2.96
CA LYS A 40 -18.27 -3.54 -2.52
C LYS A 40 -19.30 -2.43 -2.70
N GLU A 41 -20.07 -2.52 -3.78
CA GLU A 41 -21.11 -1.53 -4.06
C GLU A 41 -22.16 -1.51 -2.97
N GLU A 42 -22.68 -2.69 -2.63
CA GLU A 42 -23.66 -2.82 -1.55
C GLU A 42 -23.08 -2.36 -0.23
N ALA A 43 -21.85 -2.77 0.05
CA ALA A 43 -21.17 -2.38 1.28
C ALA A 43 -21.03 -0.86 1.37
N GLU A 44 -20.62 -0.25 0.27
CA GLU A 44 -20.49 1.20 0.22
C GLU A 44 -21.80 1.89 0.52
N ARG A 45 -22.87 1.44 -0.14
CA ARG A 45 -24.20 2.04 0.04
C ARG A 45 -24.65 1.94 1.48
N LYS A 46 -24.51 0.75 2.06
CA LYS A 46 -24.92 0.53 3.45
C LYS A 46 -24.07 1.36 4.41
N PHE A 47 -22.78 1.44 4.12
CA PHE A 47 -21.88 2.29 4.90
C PHE A 47 -22.36 3.73 4.92
N LYS A 48 -22.72 4.25 3.75
CA LYS A 48 -23.18 5.63 3.63
C LYS A 48 -24.49 5.84 4.39
N GLN A 49 -25.38 4.84 4.32
CA GLN A 49 -26.62 4.87 5.07
C GLN A 49 -26.35 5.01 6.57
N VAL A 50 -25.39 4.24 7.07
CA VAL A 50 -25.03 4.29 8.48
C VAL A 50 -24.45 5.65 8.86
N ALA A 51 -23.62 6.19 7.97
CA ALA A 51 -23.04 7.50 8.18
C ALA A 51 -24.12 8.57 8.28
N GLU A 52 -25.12 8.48 7.42
CA GLU A 52 -26.26 9.39 7.47
C GLU A 52 -27.00 9.28 8.80
N ALA A 53 -27.31 8.05 9.20
CA ALA A 53 -27.94 7.80 10.48
C ALA A 53 -27.14 8.42 11.62
N TYR A 54 -25.84 8.25 11.59
CA TYR A 54 -24.95 8.81 12.60
C TYR A 54 -25.08 10.33 12.65
N GLU A 55 -24.90 10.97 11.49
CA GLU A 55 -24.83 12.42 11.43
C GLU A 55 -26.14 13.07 11.85
N VAL A 56 -27.25 12.42 11.50
CA VAL A 56 -28.57 12.93 11.83
C VAL A 56 -28.89 12.73 13.31
N LEU A 57 -28.74 11.49 13.76
CA LEU A 57 -29.15 11.12 15.12
C LEU A 57 -28.24 11.76 16.16
N SER A 58 -27.02 12.10 15.74
CA SER A 58 -26.06 12.74 16.64
C SER A 58 -26.30 14.24 16.71
N ASP A 59 -27.18 14.74 15.84
CA ASP A 59 -27.47 16.17 15.78
C ASP A 59 -28.73 16.50 16.56
N ALA A 60 -28.56 17.11 17.72
CA ALA A 60 -29.66 17.33 18.65
C ALA A 60 -30.73 18.23 18.03
N LYS A 61 -30.29 19.19 17.22
CA LYS A 61 -31.21 20.12 16.57
C LYS A 61 -32.13 19.39 15.59
N LYS A 62 -31.56 18.48 14.82
CA LYS A 62 -32.34 17.64 13.92
C LYS A 62 -33.34 16.78 14.68
N ARG A 63 -32.89 16.23 15.81
CA ARG A 63 -33.74 15.39 16.65
C ARG A 63 -34.99 16.15 17.09
N ASP A 64 -34.78 17.34 17.65
CA ASP A 64 -35.89 18.15 18.15
C ASP A 64 -36.86 18.49 17.02
N ILE A 65 -36.32 18.91 15.88
CA ILE A 65 -37.14 19.28 14.74
C ILE A 65 -37.97 18.09 14.25
N TYR A 66 -37.32 16.93 14.14
CA TYR A 66 -37.96 15.74 13.59
C TYR A 66 -38.98 15.17 14.56
N ASP A 67 -38.72 15.34 15.86
CA ASP A 67 -39.65 14.92 16.89
C ASP A 67 -40.93 15.74 16.85
N LYS A 68 -40.79 17.03 16.56
CA LYS A 68 -41.94 17.92 16.43
C LYS A 68 -42.68 17.67 15.12
N TYR A 69 -41.92 17.41 14.06
CA TYR A 69 -42.50 17.18 12.74
C TYR A 69 -43.13 15.79 12.66
N GLY A 70 -42.58 14.84 13.42
CA GLY A 70 -43.03 13.47 13.37
C GLY A 70 -42.28 12.68 12.30
N LYS A 71 -41.06 13.10 12.02
CA LYS A 71 -40.22 12.41 11.04
C LYS A 71 -39.42 11.28 11.70
N GLU A 72 -39.58 10.07 11.17
CA GLU A 72 -38.90 8.91 11.72
C GLU A 72 -37.99 8.25 10.69
N GLY A 73 -37.04 9.03 10.18
CA GLY A 73 -36.16 8.56 9.12
C GLY A 73 -36.79 8.75 7.74
N LEU A 74 -37.49 9.86 7.57
CA LEU A 74 -38.17 10.15 6.31
C LEU A 74 -37.17 10.29 5.17
N ASN A 75 -37.44 9.59 4.07
CA ASN A 75 -36.57 9.63 2.90
C ASN A 75 -36.89 10.82 2.02
N GLY A 76 -35.98 11.78 1.97
CA GLY A 76 -36.18 13.00 1.19
C GLY A 76 -35.53 12.90 -0.18
N GLY A 77 -35.87 11.84 -0.91
CA GLY A 77 -35.40 11.67 -2.28
C GLY A 77 -33.95 11.18 -2.31
N GLY A 78 -33.64 10.25 -1.41
CA GLY A 78 -32.30 9.68 -1.34
C GLY A 78 -32.28 8.28 -1.94
N GLY A 79 -31.12 7.90 -2.51
CA GLY A 79 -30.97 6.60 -3.12
C GLY A 79 -30.31 5.62 -2.16
N GLY A 80 -29.79 4.52 -2.71
CA GLY A 80 -29.21 3.45 -1.90
C GLY A 80 -28.00 3.96 -1.11
N GLY A 81 -27.23 4.85 -1.74
CA GLY A 81 -26.04 5.41 -1.10
C GLY A 81 -26.30 6.83 -0.60
N SER A 82 -27.54 7.09 -0.19
CA SER A 82 -27.90 8.40 0.33
C SER A 82 -27.02 8.78 1.52
N HIS A 83 -26.59 10.04 1.54
CA HIS A 83 -25.84 10.57 2.68
C HIS A 83 -25.81 12.09 2.65
N PHE A 84 -26.99 12.71 2.65
CA PHE A 84 -27.10 14.16 2.54
C PHE A 84 -28.17 14.69 3.49
N ASP A 85 -28.10 15.98 3.78
CA ASP A 85 -29.13 16.66 4.54
C ASP A 85 -30.46 16.66 3.78
N SER A 86 -31.55 16.85 4.51
CA SER A 86 -32.89 16.73 3.93
C SER A 86 -33.25 17.97 3.12
N PRO A 87 -34.15 17.81 2.16
CA PRO A 87 -34.62 18.91 1.35
C PRO A 87 -35.15 20.05 2.21
N PHE A 88 -34.77 21.27 1.87
CA PHE A 88 -35.18 22.45 2.63
C PHE A 88 -34.70 22.37 4.07
N GLU A 89 -33.64 21.61 4.29
CA GLU A 89 -33.02 21.51 5.60
C GLU A 89 -31.51 21.44 5.51
N PHE A 90 -30.92 22.42 4.82
CA PHE A 90 -29.49 22.40 4.53
C PHE A 90 -28.75 23.44 5.35
N GLY A 91 -29.22 23.67 6.57
CA GLY A 91 -28.55 24.59 7.50
C GLY A 91 -27.67 23.84 8.48
N PHE A 92 -27.35 22.59 8.14
CA PHE A 92 -26.56 21.74 9.02
C PHE A 92 -25.26 21.30 8.36
N THR A 93 -24.29 20.90 9.17
CA THR A 93 -23.02 20.43 8.66
C THR A 93 -22.97 18.91 8.59
N PHE A 94 -23.27 18.36 7.42
CA PHE A 94 -23.14 16.93 7.18
C PHE A 94 -21.76 16.57 6.67
N ARG A 95 -21.03 15.80 7.45
CA ARG A 95 -19.66 15.43 7.10
C ARG A 95 -19.61 14.17 6.25
N ASN A 96 -18.65 14.13 5.33
CA ASN A 96 -18.48 12.96 4.47
C ASN A 96 -18.37 11.68 5.29
N PRO A 97 -19.07 10.64 4.85
CA PRO A 97 -19.05 9.36 5.53
C PRO A 97 -17.62 8.92 5.82
N ASP A 98 -16.72 9.20 4.88
CA ASP A 98 -15.32 8.82 5.02
C ASP A 98 -14.63 9.66 6.10
N ASP A 99 -15.04 10.92 6.22
CA ASP A 99 -14.48 11.81 7.22
C ASP A 99 -14.94 11.41 8.62
N VAL A 100 -16.15 10.88 8.72
CA VAL A 100 -16.66 10.33 9.97
C VAL A 100 -15.90 9.07 10.36
N PHE A 101 -15.58 8.23 9.37
CA PHE A 101 -14.71 7.10 9.58
C PHE A 101 -13.34 7.53 10.08
N ARG A 102 -12.83 8.63 9.54
CA ARG A 102 -11.57 9.20 9.98
C ARG A 102 -11.67 9.68 11.43
N GLU A 103 -12.82 10.21 11.80
CA GLU A 103 -13.09 10.61 13.18
C GLU A 103 -12.88 9.43 14.14
N PHE A 104 -13.45 8.29 13.79
CA PHE A 104 -13.50 7.15 14.70
C PHE A 104 -12.24 6.30 14.57
N PHE A 105 -11.74 6.15 13.35
CA PHE A 105 -10.70 5.18 13.06
C PHE A 105 -9.46 5.85 12.49
N GLY A 106 -9.67 6.93 11.73
CA GLY A 106 -8.57 7.67 11.12
C GLY A 106 -8.19 7.09 9.76
N GLY A 107 -9.08 6.27 9.21
CA GLY A 107 -8.81 5.61 7.94
C GLY A 107 -7.88 4.41 8.12
N ARG A 108 -7.82 3.90 9.35
CA ARG A 108 -6.91 2.80 9.68
C ARG A 108 -7.65 1.48 9.79
N ASP A 109 -6.91 0.40 9.96
CA ASP A 109 -7.50 -0.93 10.11
C ASP A 109 -7.32 -1.45 11.53
N PRO A 110 -8.41 -1.44 12.29
CA PRO A 110 -8.38 -1.89 13.68
C PRO A 110 -7.86 -3.31 13.80
N PHE A 111 -8.04 -4.09 12.73
CA PHE A 111 -7.74 -5.51 12.75
C PHE A 111 -6.29 -5.78 12.37
N SER A 112 -5.58 -4.73 11.98
CA SER A 112 -4.18 -4.85 11.62
C SER A 112 -3.28 -4.50 12.80
N PHE A 113 -2.00 -4.78 12.67
CA PHE A 113 -1.02 -4.46 13.70
C PHE A 113 0.15 -3.68 13.14
N ASP A 114 0.65 -2.73 13.92
CA ASP A 114 1.77 -1.89 13.49
C ASP A 114 3.09 -2.64 13.60
N PHE A 115 3.06 -3.81 14.25
CA PHE A 115 4.27 -4.57 14.50
C PHE A 115 4.29 -5.86 13.71
N PHE A 116 3.13 -6.25 13.19
CA PHE A 116 3.00 -7.51 12.47
C PHE A 116 2.52 -7.27 11.04
N GLU A 117 1.70 -6.24 10.85
CA GLU A 117 1.16 -5.91 9.54
C GLU A 117 1.75 -4.61 9.02
N ASP A 118 3.06 -4.47 9.12
CA ASP A 118 3.76 -3.30 8.61
C ASP A 118 4.21 -3.49 7.17
N PRO A 119 4.40 -2.39 6.46
CA PRO A 119 4.80 -2.45 5.05
C PRO A 119 6.26 -2.88 4.91
N PHE A 120 6.99 -2.83 6.01
CA PHE A 120 8.41 -3.18 6.01
C PHE A 120 8.60 -4.69 5.88
N GLU A 121 7.54 -5.44 6.13
CA GLU A 121 7.56 -6.89 5.95
C GLU A 121 6.53 -7.35 4.94
N ASP A 122 6.21 -6.47 3.99
CA ASP A 122 5.21 -6.77 2.97
C ASP A 122 5.79 -6.62 1.57
N PHE A 123 5.91 -7.73 0.87
CA PHE A 123 6.47 -7.73 -0.48
C PHE A 123 5.75 -6.74 -1.38
N PHE A 124 4.42 -6.74 -1.29
CA PHE A 124 3.59 -5.96 -2.22
C PHE A 124 3.46 -4.52 -1.76
N GLY A 125 3.63 -4.30 -0.47
CA GLY A 125 3.56 -2.95 0.10
C GLY A 125 2.12 -2.49 0.23
N ASN A 126 1.26 -3.39 0.71
CA ASN A 126 -0.16 -3.08 0.88
C ASN A 126 -0.50 -2.82 2.34
N ARG A 127 0.42 -2.20 3.06
CA ARG A 127 0.20 -1.89 4.47
C ARG A 127 0.58 -0.44 4.77
N ARG A 128 0.48 0.41 3.75
CA ARG A 128 0.79 1.82 3.91
C ARG A 128 -0.13 2.49 4.92
N GLY A 129 -1.43 2.24 4.78
CA GLY A 129 -2.43 2.84 5.66
C GLY A 129 -3.09 4.04 4.99
N PRO A 130 -3.64 4.93 5.81
CA PRO A 130 -4.33 6.11 5.29
C PRO A 130 -3.34 7.17 4.82
N ARG A 131 -3.94 8.37 4.84
CA ARG A 131 -3.33 9.68 4.62
C ARG A 131 -2.84 9.83 3.18
N GLY A 132 -2.50 8.70 2.56
CA GLY A 132 -2.05 8.70 1.18
C GLY A 132 -3.20 8.35 0.23
N GLY A 133 -4.40 8.26 0.77
CA GLY A 133 -5.58 7.99 -0.04
C GLY A 133 -5.56 6.57 -0.59
N MET A 134 -5.54 6.47 -1.92
CA MET A 134 -5.51 5.15 -2.58
C MET A 134 -4.09 4.62 -2.68
N GLY A 135 -3.12 5.51 -2.44
CA GLY A 135 -1.71 5.13 -2.55
C GLY A 135 -1.29 4.94 -4.00
N ASN A 136 -1.73 5.86 -4.86
CA ASN A 136 -1.40 5.79 -6.28
C ASN A 136 -0.08 6.49 -6.59
N PHE A 137 0.98 5.71 -6.74
CA PHE A 137 2.31 6.26 -6.91
C PHE A 137 2.36 7.22 -8.09
N LYS A 138 2.67 8.48 -7.82
CA LYS A 138 2.80 9.49 -8.87
C LYS A 138 4.25 9.66 -9.29
N SER A 139 5.11 9.98 -8.32
CA SER A 139 6.51 10.22 -8.59
C SER A 139 7.35 10.20 -7.31
N ILE A 140 8.65 10.24 -7.46
CA ILE A 140 9.56 10.23 -6.32
C ILE A 140 10.84 11.00 -6.62
N SER A 141 11.36 11.69 -5.60
CA SER A 141 12.65 12.35 -5.72
C SER A 141 13.50 12.14 -4.48
N THR A 142 14.67 11.53 -4.66
CA THR A 142 15.51 11.12 -3.53
C THR A 142 16.86 11.82 -3.57
N SER A 143 17.44 12.02 -2.39
CA SER A 143 18.79 12.56 -2.29
C SER A 143 19.53 11.98 -1.10
N THR A 144 20.74 11.47 -1.34
CA THR A 144 21.52 10.81 -0.31
C THR A 144 22.82 11.55 -0.04
N LYS A 145 23.14 11.75 1.23
CA LYS A 145 24.38 12.40 1.62
C LYS A 145 24.94 11.80 2.90
N MET A 146 26.23 12.00 3.14
CA MET A 146 26.88 11.50 4.34
C MET A 146 27.04 12.61 5.38
N VAL A 147 26.47 12.39 6.56
CA VAL A 147 26.56 13.37 7.64
C VAL A 147 27.13 12.74 8.90
N ASN A 148 28.33 13.15 9.28
CA ASN A 148 29.00 12.61 10.45
C ASN A 148 29.19 11.10 10.34
N GLY A 149 29.44 10.64 9.12
CA GLY A 149 29.72 9.22 8.88
C GLY A 149 28.44 8.41 8.82
N ARG A 150 27.31 9.10 8.82
CA ARG A 150 26.00 8.44 8.78
C ARG A 150 25.29 8.70 7.46
N LYS A 151 24.63 7.67 6.94
CA LYS A 151 23.94 7.77 5.66
C LYS A 151 22.59 8.45 5.82
N ILE A 152 22.45 9.63 5.22
CA ILE A 152 21.21 10.39 5.28
C ILE A 152 20.51 10.43 3.92
N THR A 153 19.36 9.79 3.83
CA THR A 153 18.59 9.76 2.59
C THR A 153 17.23 10.45 2.77
N THR A 154 16.95 11.41 1.91
CA THR A 154 15.65 12.08 1.91
C THR A 154 14.79 11.61 0.73
N LYS A 155 13.62 11.09 1.03
CA LYS A 155 12.72 10.56 0.00
C LYS A 155 11.44 11.37 -0.10
N ARG A 156 11.33 12.15 -1.17
CA ARG A 156 10.10 12.87 -1.45
C ARG A 156 9.15 12.01 -2.29
N ILE A 157 8.09 11.52 -1.65
CA ILE A 157 7.20 10.56 -2.28
C ILE A 157 5.80 11.14 -2.47
N VAL A 158 5.30 11.09 -3.70
CA VAL A 158 3.95 11.56 -4.00
C VAL A 158 3.06 10.41 -4.40
N GLU A 159 2.02 10.17 -3.61
CA GLU A 159 1.05 9.12 -3.90
C GLU A 159 -0.38 9.65 -3.84
N ASN A 160 -1.09 9.54 -4.96
CA ASN A 160 -2.46 10.03 -5.04
C ASN A 160 -2.52 11.53 -4.78
N GLY A 161 -1.47 12.24 -5.18
CA GLY A 161 -1.42 13.69 -5.03
C GLY A 161 -0.98 14.08 -3.63
N GLN A 162 -0.65 13.08 -2.81
CA GLN A 162 -0.23 13.33 -1.44
C GLN A 162 1.28 13.22 -1.29
N GLU A 163 1.93 14.34 -1.03
CA GLU A 163 3.38 14.39 -0.92
C GLU A 163 3.83 14.27 0.52
N ARG A 164 4.83 13.41 0.75
CA ARG A 164 5.42 13.27 2.07
C ARG A 164 6.92 13.06 1.99
N VAL A 165 7.64 13.57 2.99
CA VAL A 165 9.09 13.39 3.05
C VAL A 165 9.47 12.29 4.04
N GLU A 166 10.28 11.35 3.58
CA GLU A 166 10.77 10.28 4.43
C GLU A 166 12.29 10.33 4.57
N VAL A 167 12.77 10.79 5.72
CA VAL A 167 14.20 10.92 5.97
C VAL A 167 14.73 9.71 6.73
N GLU A 168 15.74 9.05 6.14
CA GLU A 168 16.28 7.84 6.73
C GLU A 168 17.72 8.05 7.19
N GLU A 169 18.07 7.47 8.33
CA GLU A 169 19.44 7.48 8.82
C GLU A 169 19.97 6.07 9.02
N ASP A 170 20.92 5.67 8.18
CA ASP A 170 21.51 4.34 8.28
C ASP A 170 20.45 3.26 8.27
N GLY A 171 19.43 3.44 7.44
CA GLY A 171 18.44 2.39 7.19
C GLY A 171 17.22 2.56 8.08
N GLN A 172 17.33 3.46 9.05
CA GLN A 172 16.24 3.70 10.00
C GLN A 172 15.52 5.00 9.70
N LEU A 173 14.20 5.00 9.88
CA LEU A 173 13.40 6.20 9.67
C LEU A 173 13.73 7.28 10.68
N LYS A 174 14.35 8.35 10.22
CA LYS A 174 14.76 9.44 11.10
C LYS A 174 13.62 10.43 11.32
N SER A 175 12.98 10.83 10.23
CA SER A 175 11.93 11.84 10.30
C SER A 175 10.87 11.60 9.23
N LEU A 176 9.62 11.90 9.55
CA LEU A 176 8.51 11.70 8.63
C LEU A 176 7.60 12.92 8.58
N THR A 177 7.48 13.53 7.42
CA THR A 177 6.62 14.68 7.23
C THR A 177 5.58 14.44 6.14
N ILE A 178 4.31 14.55 6.51
CA ILE A 178 3.23 14.24 5.58
C ILE A 178 2.34 15.47 5.36
N ASN A 179 2.35 15.97 4.13
CA ASN A 179 1.55 17.15 3.78
C ASN A 179 1.87 18.33 4.69
N GLY A 180 3.14 18.46 5.06
CA GLY A 180 3.60 19.60 5.84
C GLY A 180 3.52 19.31 7.33
N LYS A 181 2.86 18.21 7.69
CA LYS A 181 2.66 17.85 9.08
C LYS A 181 3.63 16.77 9.53
N GLU A 182 4.54 17.13 10.43
CA GLU A 182 5.52 16.18 10.95
C GLU A 182 4.85 15.14 11.84
N GLN A 183 5.15 13.87 11.59
CA GLN A 183 4.63 12.78 12.41
C GLN A 183 5.67 12.33 13.43
N LEU A 184 5.31 12.41 14.71
CA LEU A 184 6.18 11.94 15.78
C LEU A 184 6.37 10.43 15.72
N LEU A 185 7.63 10.00 15.72
CA LEU A 185 7.94 8.58 15.58
C LEU A 185 8.09 7.92 16.95
N ARG A 186 8.08 8.73 18.00
CA ARG A 186 8.16 8.22 19.36
C ARG A 186 6.82 7.65 19.81
N LEU A 187 6.87 6.47 20.43
CA LEU A 187 5.65 5.79 20.86
C LEU A 187 4.86 6.64 21.83
N ASP A 188 5.56 7.38 22.69
CA ASP A 188 4.91 8.20 23.71
C ASP A 188 4.73 9.63 23.21
N ASN A 189 5.02 9.86 21.93
CA ASN A 189 4.92 11.19 21.35
C ASN A 189 5.80 12.18 22.11
N LYS A 190 7.00 11.77 22.44
CA LYS A 190 7.94 12.62 23.17
C LYS A 190 9.16 12.97 22.33
N GLY A 1 50.05 -9.40 -20.44
CA GLY A 1 49.82 -8.70 -19.18
C GLY A 1 48.55 -9.18 -18.50
N MET A 2 47.86 -8.28 -17.82
CA MET A 2 46.63 -8.61 -17.11
C MET A 2 45.43 -7.90 -17.74
N VAL A 3 44.37 -8.66 -17.97
CA VAL A 3 43.13 -8.09 -18.51
C VAL A 3 42.37 -7.30 -17.46
N ASP A 4 42.06 -6.06 -17.78
CA ASP A 4 41.52 -5.13 -16.79
C ASP A 4 40.18 -5.60 -16.26
N TYR A 5 39.50 -6.45 -17.03
CA TYR A 5 38.22 -7.01 -16.63
C TYR A 5 38.34 -7.78 -15.32
N TYR A 6 39.51 -8.37 -15.11
CA TYR A 6 39.80 -9.08 -13.86
C TYR A 6 39.77 -8.13 -12.67
N GLU A 7 40.33 -6.93 -12.86
CA GLU A 7 40.36 -5.92 -11.82
C GLU A 7 38.96 -5.37 -11.55
N VAL A 8 38.15 -5.30 -12.59
CA VAL A 8 36.75 -4.90 -12.46
C VAL A 8 36.00 -5.85 -11.52
N LEU A 9 36.23 -7.15 -11.69
CA LEU A 9 35.64 -8.16 -10.82
C LEU A 9 36.32 -8.17 -9.46
N GLY A 10 37.60 -7.79 -9.43
CA GLY A 10 38.35 -7.74 -8.19
C GLY A 10 39.08 -9.06 -7.94
N VAL A 11 39.47 -9.73 -9.03
CA VAL A 11 40.14 -11.02 -8.93
C VAL A 11 41.48 -11.01 -9.66
N GLN A 12 42.16 -12.14 -9.64
CA GLN A 12 43.48 -12.25 -10.25
C GLN A 12 43.38 -12.68 -11.71
N ARG A 13 44.47 -12.50 -12.45
CA ARG A 13 44.49 -12.82 -13.87
C ARG A 13 44.37 -14.32 -14.11
N HIS A 14 44.63 -15.09 -13.05
CA HIS A 14 44.55 -16.55 -13.14
C HIS A 14 43.27 -17.06 -12.47
N ALA A 15 42.31 -16.16 -12.28
CA ALA A 15 41.03 -16.54 -11.69
C ALA A 15 40.31 -17.57 -12.54
N SER A 16 39.77 -18.59 -11.88
CA SER A 16 39.03 -19.64 -12.58
C SER A 16 37.63 -19.17 -12.94
N PRO A 17 37.01 -19.87 -13.89
CA PRO A 17 35.62 -19.59 -14.25
C PRO A 17 34.72 -19.57 -13.03
N GLU A 18 34.99 -20.46 -12.08
CA GLU A 18 34.28 -20.47 -10.81
C GLU A 18 34.48 -19.16 -10.06
N ASP A 19 35.71 -18.69 -10.01
CA ASP A 19 36.04 -17.45 -9.33
C ASP A 19 35.39 -16.26 -10.03
N ILE A 20 35.35 -16.31 -11.35
CA ILE A 20 34.70 -15.26 -12.14
C ILE A 20 33.21 -15.19 -11.84
N LYS A 21 32.57 -16.35 -11.80
CA LYS A 21 31.13 -16.43 -11.52
C LYS A 21 30.82 -15.91 -10.12
N LYS A 22 31.64 -16.31 -9.15
CA LYS A 22 31.44 -15.91 -7.76
C LYS A 22 31.70 -14.42 -7.57
N ALA A 23 32.77 -13.93 -8.19
CA ALA A 23 33.08 -12.51 -8.17
C ALA A 23 31.95 -11.68 -8.74
N TYR A 24 31.43 -12.10 -9.89
CA TYR A 24 30.28 -11.47 -10.50
C TYR A 24 29.07 -11.53 -9.57
N ARG A 25 28.76 -12.72 -9.09
CA ARG A 25 27.61 -12.91 -8.20
C ARG A 25 27.60 -11.87 -7.09
N LYS A 26 28.71 -11.78 -6.36
CA LYS A 26 28.78 -10.93 -5.18
C LYS A 26 28.81 -9.45 -5.56
N LEU A 27 29.65 -9.11 -6.53
CA LEU A 27 29.92 -7.71 -6.85
C LEU A 27 28.74 -7.08 -7.56
N ALA A 28 28.15 -7.82 -8.49
CA ALA A 28 26.98 -7.35 -9.23
C ALA A 28 25.84 -6.98 -8.28
N LEU A 29 25.63 -7.81 -7.27
CA LEU A 29 24.64 -7.53 -6.24
C LEU A 29 25.09 -6.36 -5.37
N LYS A 30 26.39 -6.31 -5.08
CA LYS A 30 26.94 -5.26 -4.21
C LYS A 30 26.68 -3.88 -4.79
N TRP A 31 26.86 -3.75 -6.10
CA TRP A 31 26.72 -2.45 -6.76
C TRP A 31 25.45 -2.40 -7.59
N HIS A 32 24.46 -3.19 -7.21
CA HIS A 32 23.19 -3.23 -7.91
C HIS A 32 22.38 -1.95 -7.67
N PRO A 33 21.82 -1.41 -8.75
CA PRO A 33 21.08 -0.16 -8.67
C PRO A 33 19.99 -0.23 -7.60
N ASP A 34 19.38 -1.41 -7.46
CA ASP A 34 18.25 -1.58 -6.56
C ASP A 34 18.70 -1.61 -5.11
N LYS A 35 19.99 -1.82 -4.91
CA LYS A 35 20.56 -1.83 -3.57
C LYS A 35 20.95 -0.44 -3.11
N ASN A 36 21.26 0.43 -4.07
CA ASN A 36 21.53 1.83 -3.78
C ASN A 36 20.81 2.75 -4.76
N PRO A 37 19.50 2.85 -4.60
CA PRO A 37 18.68 3.68 -5.48
C PRO A 37 19.19 5.12 -5.50
N GLU A 38 19.69 5.58 -4.36
CA GLU A 38 20.12 6.96 -4.22
C GLU A 38 21.27 7.29 -5.17
N ASN A 39 22.02 6.25 -5.55
CA ASN A 39 23.10 6.41 -6.51
C ASN A 39 22.93 5.45 -7.68
N LYS A 40 21.69 5.24 -8.09
CA LYS A 40 21.37 4.22 -9.10
C LYS A 40 22.06 4.53 -10.42
N GLU A 41 22.44 5.79 -10.60
CA GLU A 41 23.15 6.20 -11.81
C GLU A 41 24.55 5.60 -11.85
N GLU A 42 25.34 5.86 -10.82
CA GLU A 42 26.69 5.32 -10.71
C GLU A 42 26.65 3.81 -10.48
N ALA A 43 25.63 3.35 -9.77
CA ALA A 43 25.45 1.93 -9.51
C ALA A 43 25.19 1.17 -10.80
N GLU A 44 24.35 1.73 -11.65
CA GLU A 44 24.11 1.17 -12.98
C GLU A 44 25.40 1.10 -13.78
N ARG A 45 26.14 2.20 -13.79
CA ARG A 45 27.41 2.26 -14.52
C ARG A 45 28.36 1.15 -14.07
N LYS A 46 28.54 1.02 -12.77
CA LYS A 46 29.41 0.00 -12.21
C LYS A 46 28.85 -1.39 -12.44
N PHE A 47 27.55 -1.55 -12.19
CA PHE A 47 26.88 -2.83 -12.36
C PHE A 47 27.10 -3.39 -13.76
N LYS A 48 26.84 -2.56 -14.77
CA LYS A 48 26.93 -3.00 -16.16
C LYS A 48 28.38 -3.25 -16.56
N GLN A 49 29.29 -2.45 -16.02
CA GLN A 49 30.71 -2.65 -16.24
C GLN A 49 31.18 -3.99 -15.68
N VAL A 50 30.67 -4.34 -14.51
CA VAL A 50 30.97 -5.63 -13.91
C VAL A 50 30.39 -6.77 -14.73
N ALA A 51 29.17 -6.58 -15.24
CA ALA A 51 28.53 -7.55 -16.10
C ALA A 51 29.34 -7.76 -17.38
N GLU A 52 29.89 -6.68 -17.91
CA GLU A 52 30.76 -6.76 -19.08
C GLU A 52 32.00 -7.60 -18.79
N ALA A 53 32.67 -7.30 -17.67
CA ALA A 53 33.83 -8.07 -17.25
C ALA A 53 33.50 -9.56 -17.14
N TYR A 54 32.40 -9.86 -16.47
CA TYR A 54 31.93 -11.23 -16.35
C TYR A 54 31.70 -11.86 -17.73
N GLU A 55 30.95 -11.15 -18.57
CA GLU A 55 30.57 -11.68 -19.87
C GLU A 55 31.79 -12.05 -20.71
N VAL A 56 32.70 -11.09 -20.87
CA VAL A 56 33.87 -11.26 -21.72
C VAL A 56 34.77 -12.38 -21.20
N LEU A 57 35.02 -12.36 -19.89
CA LEU A 57 35.94 -13.31 -19.27
C LEU A 57 35.36 -14.71 -19.26
N SER A 58 34.04 -14.80 -19.21
CA SER A 58 33.35 -16.09 -19.19
C SER A 58 33.08 -16.57 -20.61
N ASP A 59 33.04 -15.64 -21.55
CA ASP A 59 32.80 -15.97 -22.96
C ASP A 59 34.12 -16.24 -23.68
N ALA A 60 34.42 -17.51 -23.91
CA ALA A 60 35.70 -17.90 -24.48
C ALA A 60 35.91 -17.28 -25.85
N LYS A 61 34.83 -17.19 -26.62
CA LYS A 61 34.88 -16.62 -27.95
C LYS A 61 35.36 -15.17 -27.92
N LYS A 62 34.76 -14.38 -27.04
CA LYS A 62 35.13 -12.98 -26.89
C LYS A 62 36.58 -12.85 -26.43
N ARG A 63 36.98 -13.68 -25.48
CA ARG A 63 38.36 -13.73 -25.01
C ARG A 63 39.32 -13.94 -26.17
N ASP A 64 39.04 -14.96 -26.98
CA ASP A 64 39.91 -15.30 -28.10
C ASP A 64 40.01 -14.15 -29.09
N ILE A 65 38.89 -13.49 -29.36
CA ILE A 65 38.87 -12.36 -30.27
C ILE A 65 39.71 -11.20 -29.75
N TYR A 66 39.56 -10.91 -28.47
CA TYR A 66 40.36 -9.86 -27.82
C TYR A 66 41.85 -10.20 -27.85
N ASP A 67 42.16 -11.49 -27.69
CA ASP A 67 43.53 -11.94 -27.74
C ASP A 67 44.15 -11.73 -29.12
N LYS A 68 43.36 -12.02 -30.15
CA LYS A 68 43.77 -11.76 -31.53
C LYS A 68 43.99 -10.26 -31.76
N TYR A 69 43.12 -9.45 -31.17
CA TYR A 69 43.25 -8.00 -31.27
C TYR A 69 44.45 -7.49 -30.48
N GLY A 70 44.77 -8.20 -29.39
CA GLY A 70 45.87 -7.81 -28.53
C GLY A 70 45.40 -6.83 -27.46
N LYS A 71 44.14 -6.92 -27.09
CA LYS A 71 43.56 -6.01 -26.10
C LYS A 71 43.35 -6.71 -24.76
N GLU A 72 43.64 -6.01 -23.68
CA GLU A 72 43.51 -6.57 -22.34
C GLU A 72 42.58 -5.74 -21.47
N GLY A 73 41.34 -5.60 -21.91
CA GLY A 73 40.34 -4.81 -21.19
C GLY A 73 40.50 -3.33 -21.49
N LEU A 74 40.94 -3.02 -22.70
CA LEU A 74 41.20 -1.63 -23.09
C LEU A 74 39.91 -0.90 -23.43
N ASN A 75 39.93 0.42 -23.26
CA ASN A 75 38.74 1.23 -23.50
C ASN A 75 38.55 1.50 -25.00
N GLY A 76 37.41 1.04 -25.52
CA GLY A 76 37.12 1.19 -26.95
C GLY A 76 36.68 2.60 -27.28
N GLY A 77 36.49 3.41 -26.24
CA GLY A 77 36.11 4.81 -26.43
C GLY A 77 34.79 5.12 -25.74
N GLY A 78 34.55 4.47 -24.60
CA GLY A 78 33.33 4.70 -23.84
C GLY A 78 33.63 5.37 -22.50
N GLY A 79 32.61 5.49 -21.66
CA GLY A 79 32.78 6.09 -20.34
C GLY A 79 32.91 5.01 -19.26
N GLY A 80 32.76 5.42 -18.00
CA GLY A 80 32.92 4.50 -16.89
C GLY A 80 31.81 3.45 -16.86
N GLY A 81 30.65 3.81 -17.42
CA GLY A 81 29.52 2.90 -17.49
C GLY A 81 29.33 2.35 -18.90
N SER A 82 30.43 2.27 -19.65
CA SER A 82 30.39 1.74 -21.00
C SER A 82 29.92 0.30 -21.01
N HIS A 83 29.09 -0.04 -21.99
CA HIS A 83 28.56 -1.40 -22.12
C HIS A 83 28.00 -1.63 -23.52
N PHE A 84 28.83 -1.46 -24.53
CA PHE A 84 28.40 -1.58 -25.91
C PHE A 84 29.42 -2.32 -26.75
N ASP A 85 29.01 -2.75 -27.94
CA ASP A 85 29.92 -3.37 -28.89
C ASP A 85 31.04 -2.41 -29.27
N SER A 86 32.25 -2.96 -29.45
CA SER A 86 33.44 -2.15 -29.64
C SER A 86 33.40 -1.42 -30.98
N PRO A 87 33.67 -0.12 -30.95
CA PRO A 87 33.72 0.68 -32.16
C PRO A 87 34.69 0.10 -33.17
N PHE A 88 34.26 -0.01 -34.42
CA PHE A 88 35.11 -0.51 -35.49
C PHE A 88 35.46 -1.98 -35.27
N GLU A 89 34.74 -2.62 -34.37
CA GLU A 89 34.97 -4.03 -34.06
C GLU A 89 33.67 -4.75 -33.71
N PHE A 90 32.73 -4.75 -34.64
CA PHE A 90 31.37 -5.16 -34.35
C PHE A 90 31.15 -6.63 -34.68
N GLY A 91 32.20 -7.42 -34.55
CA GLY A 91 32.08 -8.88 -34.52
C GLY A 91 31.69 -9.37 -33.12
N PHE A 92 31.78 -8.48 -32.15
CA PHE A 92 31.30 -8.78 -30.80
C PHE A 92 29.79 -8.71 -30.71
N THR A 93 29.21 -9.56 -29.86
CA THR A 93 27.77 -9.54 -29.61
C THR A 93 27.47 -9.35 -28.14
N PHE A 94 27.54 -8.11 -27.67
CA PHE A 94 27.37 -7.81 -26.26
C PHE A 94 25.94 -8.08 -25.80
N ARG A 95 25.80 -8.86 -24.73
CA ARG A 95 24.49 -9.22 -24.21
C ARG A 95 24.04 -8.24 -23.12
N ASN A 96 22.75 -7.94 -23.10
CA ASN A 96 22.19 -7.01 -22.12
C ASN A 96 22.53 -7.44 -20.70
N PRO A 97 23.21 -6.56 -19.97
CA PRO A 97 23.64 -6.86 -18.61
C PRO A 97 22.46 -7.31 -17.75
N ASP A 98 21.29 -6.72 -17.99
CA ASP A 98 20.10 -7.03 -17.22
C ASP A 98 19.58 -8.42 -17.54
N ASP A 99 19.73 -8.83 -18.80
CA ASP A 99 19.35 -10.18 -19.23
C ASP A 99 20.29 -11.22 -18.65
N VAL A 100 21.57 -10.88 -18.54
CA VAL A 100 22.54 -11.73 -17.87
C VAL A 100 22.18 -11.92 -16.40
N PHE A 101 21.80 -10.82 -15.74
CA PHE A 101 21.31 -10.89 -14.37
C PHE A 101 20.10 -11.80 -14.26
N ARG A 102 19.16 -11.66 -15.20
CA ARG A 102 17.96 -12.48 -15.22
C ARG A 102 18.30 -13.96 -15.23
N GLU A 103 19.24 -14.34 -16.09
CA GLU A 103 19.66 -15.73 -16.21
C GLU A 103 20.47 -16.17 -15.00
N PHE A 104 21.52 -15.42 -14.68
CA PHE A 104 22.49 -15.84 -13.68
C PHE A 104 21.85 -15.94 -12.31
N PHE A 105 21.11 -14.92 -11.93
CA PHE A 105 20.52 -14.85 -10.59
C PHE A 105 19.09 -15.37 -10.58
N GLY A 106 18.50 -15.46 -11.77
CA GLY A 106 17.08 -15.80 -11.89
C GLY A 106 16.21 -14.55 -11.85
N GLY A 107 16.85 -13.39 -11.93
CA GLY A 107 16.15 -12.12 -11.83
C GLY A 107 15.79 -11.79 -10.39
N ARG A 108 16.44 -12.48 -9.45
CA ARG A 108 16.13 -12.32 -8.03
C ARG A 108 17.40 -12.37 -7.19
N ASP A 109 17.40 -11.64 -6.08
CA ASP A 109 18.49 -11.73 -5.11
C ASP A 109 18.52 -13.09 -4.44
N PRO A 110 19.60 -13.82 -4.66
CA PRO A 110 19.70 -15.20 -4.19
C PRO A 110 19.91 -15.25 -2.68
N PHE A 111 20.19 -14.10 -2.08
CA PHE A 111 20.42 -14.01 -0.64
C PHE A 111 19.18 -13.46 0.07
N SER A 112 18.13 -13.20 -0.70
CA SER A 112 16.87 -12.70 -0.14
C SER A 112 15.86 -13.82 0.02
N PHE A 113 14.78 -13.54 0.75
CA PHE A 113 13.71 -14.50 0.95
C PHE A 113 12.36 -13.90 0.58
N ASP A 114 11.52 -14.71 -0.08
CA ASP A 114 10.22 -14.25 -0.53
C ASP A 114 9.20 -14.28 0.61
N PHE A 115 9.62 -14.80 1.75
CA PHE A 115 8.73 -14.98 2.89
C PHE A 115 9.18 -14.14 4.09
N PHE A 116 10.44 -13.70 4.04
CA PHE A 116 11.03 -13.00 5.18
C PHE A 116 11.51 -11.61 4.77
N GLU A 117 11.98 -11.49 3.54
CA GLU A 117 12.51 -10.22 3.04
C GLU A 117 11.53 -9.56 2.06
N ASP A 118 10.29 -10.04 2.07
CA ASP A 118 9.27 -9.52 1.16
C ASP A 118 8.95 -8.06 1.48
N PRO A 119 8.89 -7.24 0.43
CA PRO A 119 8.63 -5.81 0.60
C PRO A 119 7.36 -5.57 1.40
N PHE A 120 6.40 -6.47 1.26
CA PHE A 120 5.05 -6.23 1.79
C PHE A 120 4.88 -6.89 3.16
N GLU A 121 5.97 -7.42 3.69
CA GLU A 121 5.97 -7.94 5.05
C GLU A 121 6.61 -6.96 6.02
N ASP A 122 6.41 -5.67 5.76
CA ASP A 122 6.97 -4.63 6.61
C ASP A 122 6.11 -3.37 6.59
N PHE A 123 5.59 -2.99 7.75
CA PHE A 123 4.74 -1.82 7.87
C PHE A 123 5.39 -0.60 7.22
N PHE A 124 6.67 -0.40 7.50
CA PHE A 124 7.39 0.77 7.03
C PHE A 124 7.93 0.56 5.62
N GLY A 125 8.11 -0.69 5.24
CA GLY A 125 8.58 -1.03 3.90
C GLY A 125 10.07 -0.78 3.76
N ASN A 126 10.87 -1.49 4.54
CA ASN A 126 12.31 -1.32 4.53
C ASN A 126 12.97 -2.35 3.62
N ARG A 127 12.17 -3.01 2.79
CA ARG A 127 12.67 -4.00 1.84
C ARG A 127 12.09 -3.77 0.45
N ARG A 128 11.70 -2.53 0.17
CA ARG A 128 11.13 -2.19 -1.12
C ARG A 128 12.20 -1.79 -2.13
N GLY A 129 13.35 -1.35 -1.62
CA GLY A 129 14.45 -0.91 -2.46
C GLY A 129 14.14 0.44 -3.10
N PRO A 130 14.16 0.47 -4.43
CA PRO A 130 13.92 1.69 -5.17
C PRO A 130 12.44 2.03 -5.24
N ARG A 131 12.06 3.28 -4.79
CA ARG A 131 10.69 3.70 -4.99
C ARG A 131 9.71 2.68 -4.44
N GLY A 132 8.42 2.97 -4.55
CA GLY A 132 7.38 2.06 -4.06
C GLY A 132 6.91 1.12 -5.16
N GLY A 133 5.71 0.57 -4.98
CA GLY A 133 5.12 -0.33 -5.97
C GLY A 133 4.70 0.42 -7.23
N MET A 134 4.73 -0.26 -8.36
CA MET A 134 4.45 0.36 -9.65
C MET A 134 2.97 0.71 -9.78
N GLY A 135 2.69 1.99 -9.97
CA GLY A 135 1.32 2.46 -10.12
C GLY A 135 0.75 2.93 -8.78
N ASN A 136 1.55 2.79 -7.73
CA ASN A 136 1.11 3.14 -6.39
C ASN A 136 1.60 4.53 -6.00
N PHE A 137 2.26 5.21 -6.93
CA PHE A 137 2.76 6.55 -6.70
C PHE A 137 2.86 7.34 -8.00
N LYS A 138 2.90 8.66 -7.89
CA LYS A 138 3.03 9.52 -9.05
C LYS A 138 4.50 9.79 -9.37
N SER A 139 5.26 10.20 -8.36
CA SER A 139 6.68 10.50 -8.55
C SER A 139 7.42 10.47 -7.21
N ILE A 140 8.51 9.73 -7.17
CA ILE A 140 9.37 9.68 -5.98
C ILE A 140 10.80 10.06 -6.31
N SER A 141 11.32 11.06 -5.61
CA SER A 141 12.69 11.50 -5.80
C SER A 141 13.56 11.13 -4.60
N THR A 142 14.61 10.35 -4.85
CA THR A 142 15.49 9.89 -3.78
C THR A 142 16.82 10.63 -3.82
N SER A 143 17.23 11.13 -2.66
CA SER A 143 18.50 11.85 -2.54
C SER A 143 19.40 11.20 -1.49
N THR A 144 20.67 11.08 -1.81
CA THR A 144 21.63 10.45 -0.91
C THR A 144 22.74 11.42 -0.51
N LYS A 145 23.04 11.47 0.78
CA LYS A 145 24.14 12.30 1.28
C LYS A 145 24.64 11.78 2.62
N MET A 146 25.83 12.25 3.01
CA MET A 146 26.42 11.85 4.29
C MET A 146 26.43 13.02 5.27
N VAL A 147 25.92 12.78 6.48
CA VAL A 147 25.92 13.79 7.53
C VAL A 147 26.52 13.24 8.82
N ASN A 148 27.67 13.77 9.20
CA ASN A 148 28.35 13.33 10.41
C ASN A 148 28.71 11.85 10.34
N GLY A 149 29.00 11.38 9.12
CA GLY A 149 29.44 10.01 8.93
C GLY A 149 28.26 9.08 8.65
N ARG A 150 27.05 9.57 8.91
CA ARG A 150 25.85 8.75 8.80
C ARG A 150 25.20 8.93 7.44
N LYS A 151 24.74 7.81 6.87
CA LYS A 151 24.11 7.83 5.55
C LYS A 151 22.69 8.36 5.64
N ILE A 152 22.42 9.44 4.90
CA ILE A 152 21.09 10.05 4.89
C ILE A 152 20.36 9.74 3.60
N THR A 153 19.16 9.18 3.71
CA THR A 153 18.29 8.96 2.56
C THR A 153 17.04 9.83 2.65
N THR A 154 16.82 10.63 1.62
CA THR A 154 15.64 11.48 1.55
C THR A 154 14.74 11.08 0.38
N LYS A 155 13.51 10.67 0.68
CA LYS A 155 12.57 10.24 -0.35
C LYS A 155 11.37 11.18 -0.42
N ARG A 156 11.34 12.01 -1.45
CA ARG A 156 10.21 12.90 -1.69
C ARG A 156 9.12 12.20 -2.49
N ILE A 157 8.03 11.86 -1.82
CA ILE A 157 7.01 11.00 -2.40
C ILE A 157 5.75 11.78 -2.75
N VAL A 158 5.40 11.76 -4.03
CA VAL A 158 4.12 12.30 -4.48
C VAL A 158 3.14 11.20 -4.84
N GLU A 159 2.00 11.18 -4.15
CA GLU A 159 1.04 10.09 -4.29
C GLU A 159 -0.39 10.61 -4.17
N ASN A 160 -1.14 10.50 -5.27
CA ASN A 160 -2.57 10.82 -5.26
C ASN A 160 -2.79 12.26 -4.81
N GLY A 161 -1.91 13.16 -5.22
CA GLY A 161 -2.08 14.58 -4.95
C GLY A 161 -1.41 14.97 -3.63
N GLN A 162 -1.00 13.97 -2.86
CA GLN A 162 -0.37 14.21 -1.57
C GLN A 162 1.15 14.18 -1.68
N GLU A 163 1.83 14.86 -0.75
CA GLU A 163 3.28 14.91 -0.76
C GLU A 163 3.84 14.67 0.63
N ARG A 164 4.79 13.75 0.73
CA ARG A 164 5.46 13.45 1.99
C ARG A 164 6.92 13.11 1.78
N VAL A 165 7.75 13.48 2.75
CA VAL A 165 9.19 13.24 2.66
C VAL A 165 9.67 12.29 3.73
N GLU A 166 10.36 11.23 3.32
CA GLU A 166 10.81 10.20 4.24
C GLU A 166 12.30 10.30 4.51
N VAL A 167 12.67 10.35 5.78
CA VAL A 167 14.08 10.52 6.16
C VAL A 167 14.60 9.28 6.88
N GLU A 168 15.66 8.69 6.34
CA GLU A 168 16.34 7.59 7.01
C GLU A 168 17.79 7.95 7.33
N GLU A 169 18.21 7.62 8.55
CA GLU A 169 19.55 7.98 9.02
C GLU A 169 20.30 6.76 9.51
N ASP A 170 21.39 6.43 8.82
CA ASP A 170 22.30 5.37 9.26
C ASP A 170 21.57 4.04 9.39
N GLY A 171 20.65 3.79 8.47
CA GLY A 171 19.97 2.49 8.39
C GLY A 171 18.75 2.45 9.30
N GLN A 172 18.48 3.56 9.98
CA GLN A 172 17.34 3.65 10.87
C GLN A 172 16.37 4.74 10.41
N LEU A 173 15.12 4.35 10.17
CA LEU A 173 14.08 5.30 9.78
C LEU A 173 13.92 6.41 10.83
N LYS A 174 14.13 7.65 10.39
CA LYS A 174 14.21 8.77 11.32
C LYS A 174 12.86 9.46 11.47
N SER A 175 12.34 9.98 10.35
CA SER A 175 11.20 10.89 10.38
C SER A 175 10.47 10.89 9.05
N LEU A 176 9.14 11.04 9.11
CA LEU A 176 8.32 11.12 7.91
C LEU A 176 7.40 12.33 7.95
N THR A 177 7.63 13.28 7.05
CA THR A 177 6.83 14.49 6.98
C THR A 177 5.71 14.36 5.97
N ILE A 178 4.47 14.38 6.46
CA ILE A 178 3.31 14.21 5.60
C ILE A 178 2.49 15.49 5.51
N ASN A 179 2.63 16.20 4.38
CA ASN A 179 1.92 17.45 4.19
C ASN A 179 2.16 18.42 5.34
N GLY A 180 3.40 18.44 5.84
CA GLY A 180 3.78 19.36 6.89
C GLY A 180 3.75 18.68 8.26
N LYS A 181 3.05 17.56 8.34
CA LYS A 181 2.87 16.86 9.60
C LYS A 181 3.97 15.81 9.81
N GLU A 182 4.96 16.17 10.63
CA GLU A 182 6.10 15.29 10.87
C GLU A 182 5.70 14.10 11.73
N GLN A 183 6.18 12.92 11.37
CA GLN A 183 5.88 11.71 12.12
C GLN A 183 7.16 10.93 12.44
N LEU A 184 7.42 10.74 13.73
CA LEU A 184 8.57 9.96 14.17
C LEU A 184 8.50 8.53 13.66
N LEU A 185 9.57 8.07 13.04
CA LEU A 185 9.64 6.71 12.52
C LEU A 185 10.44 5.81 13.47
N ARG A 186 11.39 6.40 14.18
CA ARG A 186 12.22 5.66 15.13
C ARG A 186 11.47 5.40 16.43
N LEU A 187 11.19 4.13 16.70
CA LEU A 187 10.39 3.75 17.86
C LEU A 187 11.25 3.08 18.92
N ASP A 188 10.76 3.09 20.16
CA ASP A 188 11.47 2.46 21.27
C ASP A 188 11.45 0.94 21.15
N ASN A 189 12.61 0.35 20.85
CA ASN A 189 12.71 -1.08 20.65
C ASN A 189 13.54 -1.73 21.75
N LYS A 190 13.52 -1.12 22.93
CA LYS A 190 14.27 -1.64 24.07
C LYS A 190 13.44 -2.61 24.90
N GLY A 1 -31.51 -16.80 -32.92
CA GLY A 1 -31.27 -17.54 -31.69
C GLY A 1 -31.00 -16.60 -30.52
N MET A 2 -30.18 -17.05 -29.59
CA MET A 2 -29.82 -16.24 -28.43
C MET A 2 -28.38 -15.74 -28.53
N VAL A 3 -28.18 -14.47 -28.19
CA VAL A 3 -26.85 -13.86 -28.27
C VAL A 3 -25.97 -14.32 -27.11
N ASP A 4 -24.82 -14.91 -27.45
CA ASP A 4 -23.97 -15.57 -26.46
C ASP A 4 -23.41 -14.56 -25.47
N TYR A 5 -23.44 -13.29 -25.85
CA TYR A 5 -22.98 -12.21 -24.97
C TYR A 5 -23.81 -12.17 -23.68
N TYR A 6 -25.04 -12.65 -23.77
CA TYR A 6 -25.90 -12.78 -22.59
C TYR A 6 -25.32 -13.78 -21.60
N GLU A 7 -24.78 -14.88 -22.12
CA GLU A 7 -24.16 -15.90 -21.29
C GLU A 7 -22.85 -15.39 -20.69
N VAL A 8 -22.15 -14.55 -21.44
CA VAL A 8 -20.96 -13.88 -20.94
C VAL A 8 -21.27 -13.02 -19.73
N LEU A 9 -22.38 -12.27 -19.81
CA LEU A 9 -22.83 -11.45 -18.71
C LEU A 9 -23.46 -12.30 -17.61
N GLY A 10 -23.99 -13.46 -18.00
CA GLY A 10 -24.61 -14.37 -17.05
C GLY A 10 -26.07 -14.00 -16.81
N VAL A 11 -26.70 -13.43 -17.82
CA VAL A 11 -28.09 -12.99 -17.71
C VAL A 11 -28.95 -13.63 -18.79
N GLN A 12 -30.24 -13.29 -18.79
CA GLN A 12 -31.19 -13.83 -19.76
C GLN A 12 -31.26 -12.97 -21.01
N ARG A 13 -31.83 -13.51 -22.07
CA ARG A 13 -31.93 -12.81 -23.34
C ARG A 13 -32.91 -11.64 -23.24
N HIS A 14 -33.73 -11.65 -22.21
CA HIS A 14 -34.71 -10.59 -21.99
C HIS A 14 -34.24 -9.63 -20.90
N ALA A 15 -32.96 -9.68 -20.57
CA ALA A 15 -32.39 -8.81 -19.56
C ALA A 15 -32.47 -7.35 -19.98
N SER A 16 -32.80 -6.47 -19.03
CA SER A 16 -32.91 -5.05 -19.30
C SER A 16 -31.53 -4.39 -19.33
N PRO A 17 -31.46 -3.21 -19.93
CA PRO A 17 -30.23 -2.43 -19.95
C PRO A 17 -29.68 -2.25 -18.54
N GLU A 18 -30.58 -2.07 -17.58
CA GLU A 18 -30.19 -1.99 -16.18
C GLU A 18 -29.51 -3.28 -15.72
N ASP A 19 -30.07 -4.42 -16.11
CA ASP A 19 -29.51 -5.72 -15.77
C ASP A 19 -28.16 -5.93 -16.43
N ILE A 20 -28.04 -5.44 -17.66
CA ILE A 20 -26.76 -5.51 -18.39
C ILE A 20 -25.68 -4.71 -17.68
N LYS A 21 -26.03 -3.50 -17.25
CA LYS A 21 -25.10 -2.65 -16.52
C LYS A 21 -24.67 -3.30 -15.22
N LYS A 22 -25.62 -3.86 -14.49
CA LYS A 22 -25.33 -4.52 -13.22
C LYS A 22 -24.52 -5.79 -13.43
N ALA A 23 -24.80 -6.49 -14.52
CA ALA A 23 -24.07 -7.69 -14.88
C ALA A 23 -22.58 -7.38 -15.08
N TYR A 24 -22.30 -6.31 -15.81
CA TYR A 24 -20.93 -5.84 -15.97
C TYR A 24 -20.28 -5.54 -14.63
N ARG A 25 -20.96 -4.73 -13.82
CA ARG A 25 -20.43 -4.31 -12.54
C ARG A 25 -20.05 -5.51 -11.67
N LYS A 26 -20.92 -6.51 -11.64
CA LYS A 26 -20.68 -7.71 -10.86
C LYS A 26 -19.42 -8.43 -11.34
N LEU A 27 -19.37 -8.75 -12.62
CA LEU A 27 -18.30 -9.56 -13.17
C LEU A 27 -16.99 -8.78 -13.24
N ALA A 28 -17.10 -7.48 -13.46
CA ALA A 28 -15.92 -6.61 -13.48
C ALA A 28 -15.19 -6.64 -12.14
N LEU A 29 -15.95 -6.65 -11.05
CA LEU A 29 -15.38 -6.76 -9.72
C LEU A 29 -14.91 -8.18 -9.44
N LYS A 30 -15.65 -9.15 -9.93
CA LYS A 30 -15.26 -10.55 -9.79
C LYS A 30 -13.90 -10.81 -10.40
N TRP A 31 -13.68 -10.28 -11.60
CA TRP A 31 -12.42 -10.49 -12.31
C TRP A 31 -11.51 -9.27 -12.16
N HIS A 32 -11.62 -8.60 -11.01
CA HIS A 32 -10.75 -7.46 -10.71
C HIS A 32 -9.32 -7.90 -10.46
N PRO A 33 -8.37 -7.21 -11.09
CA PRO A 33 -6.96 -7.57 -10.99
C PRO A 33 -6.53 -7.68 -9.53
N ASP A 34 -7.06 -6.79 -8.69
CA ASP A 34 -6.63 -6.71 -7.31
C ASP A 34 -7.35 -7.72 -6.44
N LYS A 35 -8.38 -8.35 -7.00
CA LYS A 35 -9.11 -9.40 -6.31
C LYS A 35 -8.45 -10.76 -6.49
N ASN A 36 -8.09 -11.07 -7.73
CA ASN A 36 -7.37 -12.30 -8.02
C ASN A 36 -6.16 -12.05 -8.91
N PRO A 37 -5.13 -11.46 -8.31
CA PRO A 37 -3.92 -11.11 -9.05
C PRO A 37 -3.11 -12.35 -9.43
N GLU A 38 -3.36 -13.44 -8.70
CA GLU A 38 -2.71 -14.71 -8.99
C GLU A 38 -3.12 -15.25 -10.35
N ASN A 39 -4.29 -14.81 -10.82
CA ASN A 39 -4.76 -15.16 -12.15
C ASN A 39 -5.12 -13.92 -12.95
N LYS A 40 -4.33 -12.87 -12.81
CA LYS A 40 -4.64 -11.58 -13.41
C LYS A 40 -4.69 -11.68 -14.92
N GLU A 41 -4.06 -12.71 -15.46
CA GLU A 41 -4.10 -12.97 -16.90
C GLU A 41 -5.50 -13.37 -17.35
N GLU A 42 -6.06 -14.37 -16.70
CA GLU A 42 -7.40 -14.85 -17.01
C GLU A 42 -8.45 -13.83 -16.55
N ALA A 43 -8.14 -13.11 -15.49
CA ALA A 43 -9.04 -12.08 -14.97
C ALA A 43 -9.18 -10.94 -15.98
N GLU A 44 -8.06 -10.51 -16.55
CA GLU A 44 -8.07 -9.52 -17.63
C GLU A 44 -8.88 -10.01 -18.82
N ARG A 45 -8.62 -11.24 -19.24
CA ARG A 45 -9.30 -11.83 -20.38
C ARG A 45 -10.81 -11.84 -20.18
N LYS A 46 -11.24 -12.33 -19.02
CA LYS A 46 -12.65 -12.42 -18.70
C LYS A 46 -13.28 -11.04 -18.57
N PHE A 47 -12.56 -10.13 -17.94
CA PHE A 47 -13.01 -8.75 -17.80
C PHE A 47 -13.32 -8.13 -19.15
N LYS A 48 -12.37 -8.27 -20.08
CA LYS A 48 -12.50 -7.66 -21.40
C LYS A 48 -13.62 -8.31 -22.20
N GLN A 49 -13.78 -9.63 -22.03
CA GLN A 49 -14.89 -10.35 -22.64
C GLN A 49 -16.23 -9.80 -22.16
N VAL A 50 -16.33 -9.56 -20.86
CA VAL A 50 -17.53 -8.98 -20.28
C VAL A 50 -17.77 -7.56 -20.80
N ALA A 51 -16.70 -6.80 -20.92
CA ALA A 51 -16.77 -5.44 -21.44
C ALA A 51 -17.29 -5.44 -22.88
N GLU A 52 -16.81 -6.38 -23.67
CA GLU A 52 -17.28 -6.55 -25.04
C GLU A 52 -18.78 -6.85 -25.07
N ALA A 53 -19.20 -7.85 -24.30
CA ALA A 53 -20.60 -8.20 -24.19
C ALA A 53 -21.44 -7.00 -23.77
N TYR A 54 -20.94 -6.25 -22.80
CA TYR A 54 -21.63 -5.05 -22.34
C TYR A 54 -21.81 -4.05 -23.47
N GLU A 55 -20.71 -3.73 -24.14
CA GLU A 55 -20.71 -2.66 -25.14
C GLU A 55 -21.67 -2.99 -26.29
N VAL A 56 -21.75 -4.28 -26.62
CA VAL A 56 -22.63 -4.73 -27.69
C VAL A 56 -24.10 -4.66 -27.27
N LEU A 57 -24.40 -5.26 -26.11
CA LEU A 57 -25.78 -5.46 -25.70
C LEU A 57 -26.37 -4.17 -25.14
N SER A 58 -25.53 -3.35 -24.53
CA SER A 58 -25.97 -2.08 -23.94
C SER A 58 -26.17 -1.02 -25.02
N ASP A 59 -25.52 -1.20 -26.16
CA ASP A 59 -25.68 -0.30 -27.30
C ASP A 59 -26.64 -0.89 -28.33
N ALA A 60 -27.88 -0.41 -28.33
CA ALA A 60 -28.93 -0.99 -29.14
C ALA A 60 -28.55 -0.99 -30.62
N LYS A 61 -27.91 0.10 -31.05
CA LYS A 61 -27.49 0.23 -32.44
C LYS A 61 -26.53 -0.87 -32.84
N LYS A 62 -25.50 -1.08 -32.02
CA LYS A 62 -24.51 -2.11 -32.29
C LYS A 62 -25.15 -3.50 -32.30
N ARG A 63 -26.00 -3.76 -31.31
CA ARG A 63 -26.69 -5.05 -31.23
C ARG A 63 -27.51 -5.31 -32.49
N ASP A 64 -28.29 -4.32 -32.90
CA ASP A 64 -29.14 -4.45 -34.07
C ASP A 64 -28.32 -4.80 -35.31
N ILE A 65 -27.16 -4.15 -35.45
CA ILE A 65 -26.26 -4.43 -36.56
C ILE A 65 -25.75 -5.87 -36.51
N TYR A 66 -25.35 -6.31 -35.32
CA TYR A 66 -24.86 -7.66 -35.14
C TYR A 66 -25.95 -8.69 -35.35
N ASP A 67 -27.18 -8.32 -35.01
CA ASP A 67 -28.34 -9.17 -35.25
C ASP A 67 -28.60 -9.34 -36.74
N LYS A 68 -28.42 -8.27 -37.50
CA LYS A 68 -28.49 -8.34 -38.95
C LYS A 68 -27.36 -9.19 -39.52
N TYR A 69 -26.18 -9.09 -38.90
CA TYR A 69 -25.05 -9.91 -39.28
C TYR A 69 -25.29 -11.38 -38.94
N GLY A 70 -25.99 -11.62 -37.84
CA GLY A 70 -26.25 -12.98 -37.37
C GLY A 70 -25.10 -13.50 -36.52
N LYS A 71 -24.40 -12.58 -35.85
CA LYS A 71 -23.26 -12.95 -35.02
C LYS A 71 -23.70 -13.66 -33.75
N GLU A 72 -24.50 -12.98 -32.94
CA GLU A 72 -25.01 -13.56 -31.71
C GLU A 72 -23.88 -14.06 -30.82
N GLY A 73 -22.81 -13.27 -30.75
CA GLY A 73 -21.66 -13.61 -29.91
C GLY A 73 -20.89 -14.79 -30.51
N LEU A 74 -20.77 -14.81 -31.83
CA LEU A 74 -20.05 -15.87 -32.51
C LEU A 74 -18.62 -15.98 -32.01
N ASN A 75 -18.22 -17.20 -31.65
CA ASN A 75 -16.87 -17.44 -31.15
C ASN A 75 -15.87 -17.55 -32.28
N GLY A 76 -14.94 -16.59 -32.34
CA GLY A 76 -13.97 -16.53 -33.43
C GLY A 76 -13.00 -17.71 -33.36
N GLY A 77 -12.89 -18.31 -32.18
CA GLY A 77 -12.01 -19.47 -31.99
C GLY A 77 -10.57 -19.03 -31.73
N GLY A 78 -10.41 -17.80 -31.25
CA GLY A 78 -9.09 -17.27 -30.94
C GLY A 78 -8.74 -17.48 -29.47
N GLY A 79 -7.79 -16.69 -28.97
CA GLY A 79 -7.40 -16.76 -27.57
C GLY A 79 -8.38 -15.99 -26.68
N GLY A 80 -8.23 -16.15 -25.37
CA GLY A 80 -9.16 -15.56 -24.42
C GLY A 80 -9.07 -14.04 -24.42
N GLY A 81 -7.91 -13.52 -24.80
CA GLY A 81 -7.68 -12.09 -24.83
C GLY A 81 -7.76 -11.54 -26.24
N SER A 82 -8.15 -12.38 -27.18
CA SER A 82 -8.24 -12.00 -28.59
C SER A 82 -9.59 -11.35 -28.89
N HIS A 83 -9.56 -10.22 -29.58
CA HIS A 83 -10.77 -9.52 -29.96
C HIS A 83 -10.78 -9.20 -31.44
N PHE A 84 -10.41 -10.18 -32.26
CA PHE A 84 -10.32 -9.99 -33.70
C PHE A 84 -11.65 -9.53 -34.28
N ASP A 85 -11.64 -8.34 -34.88
CA ASP A 85 -12.82 -7.82 -35.56
C ASP A 85 -13.14 -8.65 -36.80
N SER A 86 -14.42 -8.84 -37.07
CA SER A 86 -14.87 -9.68 -38.17
C SER A 86 -14.55 -9.03 -39.52
N PRO A 87 -14.09 -9.84 -40.46
CA PRO A 87 -13.74 -9.34 -41.79
C PRO A 87 -14.93 -8.63 -42.43
N PHE A 88 -14.68 -7.42 -42.92
CA PHE A 88 -15.72 -6.63 -43.59
C PHE A 88 -16.90 -6.39 -42.68
N GLU A 89 -16.65 -6.42 -41.36
CA GLU A 89 -17.70 -6.17 -40.38
C GLU A 89 -17.13 -5.49 -39.15
N PHE A 90 -16.59 -4.29 -39.33
CA PHE A 90 -15.86 -3.60 -38.26
C PHE A 90 -16.13 -2.10 -38.30
N GLY A 91 -17.38 -1.73 -38.54
CA GLY A 91 -17.78 -0.33 -38.55
C GLY A 91 -18.38 0.08 -37.21
N PHE A 92 -17.65 -0.17 -36.13
CA PHE A 92 -18.18 0.01 -34.78
C PHE A 92 -17.29 0.95 -33.97
N THR A 93 -17.84 1.48 -32.89
CA THR A 93 -17.10 2.38 -32.02
C THR A 93 -17.10 1.87 -30.58
N PHE A 94 -16.24 0.89 -30.30
CA PHE A 94 -16.16 0.30 -28.97
C PHE A 94 -15.24 1.12 -28.07
N ARG A 95 -15.63 1.25 -26.80
CA ARG A 95 -14.83 1.98 -25.82
C ARG A 95 -13.90 1.05 -25.06
N ASN A 96 -12.79 1.60 -24.57
CA ASN A 96 -11.84 0.84 -23.77
C ASN A 96 -12.52 0.23 -22.56
N PRO A 97 -12.34 -1.07 -22.37
CA PRO A 97 -12.93 -1.77 -21.23
C PRO A 97 -12.64 -1.05 -19.92
N ASP A 98 -11.44 -0.50 -19.81
CA ASP A 98 -11.02 0.17 -18.59
C ASP A 98 -11.79 1.47 -18.39
N ASP A 99 -12.08 2.16 -19.49
CA ASP A 99 -12.81 3.41 -19.44
C ASP A 99 -14.27 3.18 -19.05
N VAL A 100 -14.81 2.04 -19.46
CA VAL A 100 -16.14 1.63 -19.03
C VAL A 100 -16.18 1.36 -17.54
N PHE A 101 -15.16 0.69 -17.03
CA PHE A 101 -15.00 0.48 -15.60
C PHE A 101 -14.92 1.82 -14.86
N ARG A 102 -14.21 2.77 -15.45
CA ARG A 102 -14.07 4.10 -14.86
C ARG A 102 -15.42 4.80 -14.78
N GLU A 103 -16.26 4.58 -15.79
CA GLU A 103 -17.62 5.11 -15.80
C GLU A 103 -18.42 4.59 -14.61
N PHE A 104 -18.30 3.29 -14.34
CA PHE A 104 -19.10 2.64 -13.32
C PHE A 104 -18.51 2.86 -11.93
N PHE A 105 -17.19 2.77 -11.84
CA PHE A 105 -16.52 2.73 -10.55
C PHE A 105 -15.53 3.88 -10.40
N GLY A 106 -14.90 4.26 -11.53
CA GLY A 106 -13.90 5.32 -11.52
C GLY A 106 -12.51 4.75 -11.29
N GLY A 107 -12.36 3.44 -11.46
CA GLY A 107 -11.09 2.77 -11.21
C GLY A 107 -10.87 2.57 -9.71
N ARG A 108 -11.96 2.54 -8.95
CA ARG A 108 -11.88 2.48 -7.50
C ARG A 108 -12.53 1.21 -6.97
N ASP A 109 -12.03 0.74 -5.82
CA ASP A 109 -12.61 -0.43 -5.16
C ASP A 109 -13.83 -0.03 -4.33
N PRO A 110 -14.99 -0.52 -4.71
CA PRO A 110 -16.24 -0.15 -4.05
C PRO A 110 -16.36 -0.81 -2.69
N PHE A 111 -15.47 -1.75 -2.41
CA PHE A 111 -15.47 -2.45 -1.13
C PHE A 111 -14.47 -1.84 -0.16
N SER A 112 -13.76 -0.82 -0.62
CA SER A 112 -12.78 -0.13 0.21
C SER A 112 -13.37 1.11 0.85
N PHE A 113 -12.67 1.67 1.84
CA PHE A 113 -13.13 2.86 2.52
C PHE A 113 -12.02 3.92 2.57
N ASP A 114 -12.41 5.18 2.41
CA ASP A 114 -11.45 6.29 2.41
C ASP A 114 -11.03 6.65 3.82
N PHE A 115 -11.71 6.08 4.81
CA PHE A 115 -11.50 6.44 6.20
C PHE A 115 -10.97 5.25 6.99
N PHE A 116 -11.08 4.07 6.41
CA PHE A 116 -10.69 2.84 7.10
C PHE A 116 -9.60 2.09 6.33
N GLU A 117 -9.66 2.19 5.01
CA GLU A 117 -8.70 1.51 4.15
C GLU A 117 -7.76 2.49 3.47
N ASP A 118 -7.33 3.50 4.23
CA ASP A 118 -6.45 4.54 3.71
C ASP A 118 -5.10 3.96 3.29
N PRO A 119 -4.79 4.05 2.00
CA PRO A 119 -3.53 3.54 1.48
C PRO A 119 -2.34 4.13 2.23
N PHE A 120 -2.51 5.36 2.71
CA PHE A 120 -1.42 6.08 3.36
C PHE A 120 -1.40 5.80 4.86
N GLU A 121 -2.23 4.86 5.29
CA GLU A 121 -2.14 4.35 6.66
C GLU A 121 -1.99 2.83 6.66
N ASP A 122 -0.97 2.35 5.95
CA ASP A 122 -0.77 0.92 5.77
C ASP A 122 0.70 0.55 5.91
N PHE A 123 1.03 -0.15 7.00
CA PHE A 123 2.42 -0.49 7.29
C PHE A 123 3.05 -1.26 6.14
N PHE A 124 2.35 -2.29 5.67
CA PHE A 124 2.89 -3.20 4.67
C PHE A 124 2.80 -2.59 3.27
N GLY A 125 1.83 -1.69 3.08
CA GLY A 125 1.67 -0.98 1.82
C GLY A 125 0.99 -1.86 0.78
N ASN A 126 -0.08 -2.53 1.19
CA ASN A 126 -0.79 -3.45 0.30
C ASN A 126 -2.11 -2.84 -0.17
N ARG A 127 -2.15 -1.50 -0.22
CA ARG A 127 -3.35 -0.80 -0.66
C ARG A 127 -3.02 0.27 -1.69
N ARG A 128 -1.91 0.08 -2.39
CA ARG A 128 -1.47 1.02 -3.42
C ARG A 128 -1.29 2.42 -2.84
N GLY A 129 -0.54 2.51 -1.75
CA GLY A 129 -0.26 3.78 -1.11
C GLY A 129 1.13 4.30 -1.45
N PRO A 130 1.86 4.76 -0.44
CA PRO A 130 3.22 5.24 -0.63
C PRO A 130 4.08 4.19 -1.32
N ARG A 131 4.97 4.07 -2.49
CA ARG A 131 5.25 2.63 -2.43
C ARG A 131 4.04 1.82 -2.86
N GLY A 132 4.29 0.58 -3.26
CA GLY A 132 3.21 -0.32 -3.67
C GLY A 132 3.31 -0.67 -5.15
N GLY A 133 4.23 -0.01 -5.85
CA GLY A 133 4.44 -0.27 -7.25
C GLY A 133 3.85 0.85 -8.11
N MET A 134 4.17 0.83 -9.41
CA MET A 134 3.71 1.86 -10.32
C MET A 134 2.20 1.87 -10.42
N GLY A 135 1.63 3.07 -10.47
CA GLY A 135 0.17 3.24 -10.50
C GLY A 135 -0.36 3.63 -9.13
N ASN A 136 0.43 3.37 -8.09
CA ASN A 136 0.05 3.71 -6.72
C ASN A 136 0.68 5.02 -6.28
N PHE A 137 1.46 5.63 -7.17
CA PHE A 137 2.04 6.94 -6.91
C PHE A 137 2.35 7.66 -8.21
N LYS A 138 2.52 8.99 -8.12
CA LYS A 138 2.83 9.80 -9.29
C LYS A 138 4.33 9.77 -9.60
N SER A 139 5.14 10.11 -8.60
CA SER A 139 6.59 10.08 -8.76
C SER A 139 7.28 10.11 -7.40
N ILE A 140 8.52 9.62 -7.38
CA ILE A 140 9.32 9.61 -6.15
C ILE A 140 10.71 10.17 -6.39
N SER A 141 11.07 11.18 -5.61
CA SER A 141 12.40 11.78 -5.69
C SER A 141 13.29 11.33 -4.54
N THR A 142 14.26 10.49 -4.83
CA THR A 142 15.14 9.94 -3.81
C THR A 142 16.55 10.53 -3.92
N SER A 143 17.07 11.00 -2.79
CA SER A 143 18.42 11.56 -2.75
C SER A 143 19.09 11.29 -1.41
N THR A 144 20.37 10.93 -1.46
CA THR A 144 21.12 10.60 -0.25
C THR A 144 22.26 11.59 -0.03
N LYS A 145 22.72 11.67 1.23
CA LYS A 145 23.85 12.53 1.56
C LYS A 145 24.59 12.00 2.78
N MET A 146 25.84 12.44 2.94
CA MET A 146 26.64 12.06 4.10
C MET A 146 26.87 13.25 5.02
N VAL A 147 26.41 13.13 6.26
CA VAL A 147 26.59 14.19 7.25
C VAL A 147 27.34 13.69 8.48
N ASN A 148 28.58 14.13 8.61
CA ASN A 148 29.41 13.71 9.75
C ASN A 148 29.59 12.20 9.77
N GLY A 149 29.69 11.60 8.58
CA GLY A 149 29.94 10.17 8.47
C GLY A 149 28.64 9.39 8.41
N ARG A 150 27.52 10.07 8.70
CA ARG A 150 26.22 9.41 8.78
C ARG A 150 25.48 9.50 7.46
N LYS A 151 25.03 8.35 6.96
CA LYS A 151 24.32 8.30 5.69
C LYS A 151 22.84 8.62 5.88
N ILE A 152 22.35 9.62 5.16
CA ILE A 152 20.96 10.03 5.26
C ILE A 152 20.25 9.86 3.92
N THR A 153 19.08 9.22 3.95
CA THR A 153 18.28 9.04 2.75
C THR A 153 16.98 9.83 2.82
N THR A 154 16.72 10.63 1.80
CA THR A 154 15.45 11.36 1.71
C THR A 154 14.64 10.89 0.51
N LYS A 155 13.45 10.35 0.79
CA LYS A 155 12.58 9.84 -0.25
C LYS A 155 11.27 10.63 -0.30
N ARG A 156 11.15 11.51 -1.29
CA ARG A 156 9.97 12.35 -1.43
C ARG A 156 8.94 11.70 -2.35
N ILE A 157 7.90 11.15 -1.74
CA ILE A 157 6.89 10.40 -2.49
C ILE A 157 5.69 11.30 -2.83
N VAL A 158 5.42 11.44 -4.12
CA VAL A 158 4.27 12.21 -4.57
C VAL A 158 3.13 11.29 -4.99
N GLU A 159 2.00 11.41 -4.30
CA GLU A 159 0.87 10.53 -4.55
C GLU A 159 -0.45 11.28 -4.43
N ASN A 160 -1.16 11.42 -5.55
CA ASN A 160 -2.48 12.04 -5.56
C ASN A 160 -2.42 13.46 -5.01
N GLY A 161 -1.35 14.17 -5.32
CA GLY A 161 -1.21 15.56 -4.93
C GLY A 161 -0.60 15.70 -3.54
N GLN A 162 -0.37 14.56 -2.89
CA GLN A 162 0.12 14.55 -1.51
C GLN A 162 1.62 14.29 -1.48
N GLU A 163 2.31 14.93 -0.53
CA GLU A 163 3.75 14.75 -0.38
C GLU A 163 4.07 13.98 0.90
N ARG A 164 4.68 12.81 0.73
CA ARG A 164 5.08 11.99 1.85
C ARG A 164 6.57 11.69 1.82
N VAL A 165 7.33 12.38 2.67
CA VAL A 165 8.78 12.30 2.63
C VAL A 165 9.31 11.40 3.74
N GLU A 166 10.13 10.43 3.36
CA GLU A 166 10.73 9.51 4.33
C GLU A 166 12.14 9.95 4.71
N VAL A 167 12.40 10.03 6.01
CA VAL A 167 13.72 10.38 6.50
C VAL A 167 14.40 9.18 7.17
N GLU A 168 15.45 8.69 6.56
CA GLU A 168 16.20 7.56 7.12
C GLU A 168 17.66 7.94 7.35
N GLU A 169 18.20 7.51 8.50
CA GLU A 169 19.57 7.82 8.86
C GLU A 169 20.26 6.62 9.48
N ASP A 170 21.43 6.26 8.95
CA ASP A 170 22.20 5.14 9.48
C ASP A 170 21.38 3.85 9.48
N GLY A 171 20.51 3.71 8.50
CA GLY A 171 19.77 2.46 8.30
C GLY A 171 18.58 2.38 9.25
N GLN A 172 18.22 3.50 9.85
CA GLN A 172 17.05 3.56 10.73
C GLN A 172 16.16 4.74 10.37
N LEU A 173 14.86 4.47 10.28
CA LEU A 173 13.88 5.52 10.02
C LEU A 173 13.79 6.50 11.18
N LYS A 174 13.86 7.79 10.87
CA LYS A 174 13.91 8.82 11.91
C LYS A 174 12.62 9.62 11.94
N SER A 175 12.13 9.99 10.77
CA SER A 175 11.05 10.98 10.66
C SER A 175 10.23 10.76 9.40
N LEU A 176 8.93 11.07 9.48
CA LEU A 176 8.06 10.99 8.32
C LEU A 176 7.26 12.28 8.16
N THR A 177 7.45 12.95 7.03
CA THR A 177 6.78 14.22 6.78
C THR A 177 5.63 14.05 5.80
N ILE A 178 4.42 14.33 6.26
CA ILE A 178 3.23 14.23 5.42
C ILE A 178 2.55 15.58 5.29
N ASN A 179 2.72 16.22 4.14
CA ASN A 179 2.11 17.52 3.88
C ASN A 179 2.45 18.52 4.98
N GLY A 180 3.70 18.50 5.43
CA GLY A 180 4.19 19.45 6.41
C GLY A 180 4.09 18.89 7.82
N LYS A 181 3.34 17.81 7.97
CA LYS A 181 3.11 17.20 9.28
C LYS A 181 4.17 16.14 9.57
N GLU A 182 5.15 16.50 10.40
CA GLU A 182 6.25 15.60 10.73
C GLU A 182 5.82 14.56 11.75
N GLN A 183 6.25 13.31 11.55
CA GLN A 183 5.91 12.23 12.45
C GLN A 183 7.15 11.47 12.89
N LEU A 184 7.38 11.39 14.20
CA LEU A 184 8.49 10.61 14.74
C LEU A 184 8.33 9.14 14.43
N LEU A 185 9.41 8.52 13.95
CA LEU A 185 9.40 7.10 13.63
C LEU A 185 10.26 6.31 14.60
N ARG A 186 10.00 6.50 15.90
CA ARG A 186 10.75 5.79 16.93
C ARG A 186 10.72 4.28 16.70
N LEU A 187 11.90 3.71 16.46
CA LEU A 187 12.02 2.27 16.27
C LEU A 187 12.81 1.63 17.40
N ASP A 188 12.58 2.11 18.61
CA ASP A 188 13.26 1.57 19.79
C ASP A 188 12.88 0.12 20.02
N ASN A 189 13.89 -0.75 20.10
CA ASN A 189 13.65 -2.18 20.28
C ASN A 189 12.82 -2.76 19.15
N LYS A 190 13.01 -2.23 17.95
CA LYS A 190 12.33 -2.75 16.77
C LYS A 190 13.01 -4.01 16.25
#